data_1D4J
# 
_entry.id   1D4J 
# 
_audit_conform.dict_name       mmcif_pdbx.dic 
_audit_conform.dict_version    5.385 
_audit_conform.dict_location   http://mmcif.pdb.org/dictionaries/ascii/mmcif_pdbx.dic 
# 
loop_
_database_2.database_id 
_database_2.database_code 
_database_2.pdbx_database_accession 
_database_2.pdbx_DOI 
PDB   1D4J         pdb_00001d4j 10.2210/pdb1d4j/pdb 
RCSB  RCSB009783   ?            ?                   
WWPDB D_1000009783 ?            ?                   
# 
loop_
_pdbx_audit_revision_history.ordinal 
_pdbx_audit_revision_history.data_content_type 
_pdbx_audit_revision_history.major_revision 
_pdbx_audit_revision_history.minor_revision 
_pdbx_audit_revision_history.revision_date 
1 'Structure model' 1 0 2002-06-26 
2 'Structure model' 1 1 2008-04-27 
3 'Structure model' 1 2 2011-07-13 
4 'Structure model' 1 3 2024-02-07 
# 
_pdbx_audit_revision_details.ordinal             1 
_pdbx_audit_revision_details.revision_ordinal    1 
_pdbx_audit_revision_details.data_content_type   'Structure model' 
_pdbx_audit_revision_details.provider            repository 
_pdbx_audit_revision_details.type                'Initial release' 
_pdbx_audit_revision_details.description         ? 
_pdbx_audit_revision_details.details             ? 
# 
loop_
_pdbx_audit_revision_group.ordinal 
_pdbx_audit_revision_group.revision_ordinal 
_pdbx_audit_revision_group.data_content_type 
_pdbx_audit_revision_group.group 
1 2 'Structure model' 'Version format compliance' 
2 3 'Structure model' 'Version format compliance' 
3 4 'Structure model' 'Data collection'           
4 4 'Structure model' 'Database references'       
5 4 'Structure model' 'Derived calculations'      
# 
loop_
_pdbx_audit_revision_category.ordinal 
_pdbx_audit_revision_category.revision_ordinal 
_pdbx_audit_revision_category.data_content_type 
_pdbx_audit_revision_category.category 
1 4 'Structure model' chem_comp_atom 
2 4 'Structure model' chem_comp_bond 
3 4 'Structure model' database_2     
4 4 'Structure model' struct_site    
# 
loop_
_pdbx_audit_revision_item.ordinal 
_pdbx_audit_revision_item.revision_ordinal 
_pdbx_audit_revision_item.data_content_type 
_pdbx_audit_revision_item.item 
1 4 'Structure model' '_database_2.pdbx_DOI'                
2 4 'Structure model' '_database_2.pdbx_database_accession' 
3 4 'Structure model' '_struct_site.pdbx_auth_asym_id'      
4 4 'Structure model' '_struct_site.pdbx_auth_comp_id'      
5 4 'Structure model' '_struct_site.pdbx_auth_seq_id'       
# 
_pdbx_database_status.status_code                     REL 
_pdbx_database_status.entry_id                        1D4J 
_pdbx_database_status.recvd_initial_deposition_date   1999-10-04 
_pdbx_database_status.deposit_site                    RCSB 
_pdbx_database_status.process_site                    RCSB 
_pdbx_database_status.status_code_sf                  REL 
_pdbx_database_status.status_code_mr                  ? 
_pdbx_database_status.SG_entry                        ? 
_pdbx_database_status.pdb_format_compatible           Y 
_pdbx_database_status.status_code_cs                  ? 
_pdbx_database_status.status_code_nmr_data            ? 
_pdbx_database_status.methods_development_category    ? 
# 
loop_
_pdbx_database_related.db_name 
_pdbx_database_related.db_id 
_pdbx_database_related.details 
_pdbx_database_related.content_type 
PDB 1AJV 'same protein complexed with the cyclic sulfamide inhibitor aha006' unspecified 
PDB 1AJX 'same protein complexed with the cyclic urea inhibitor aha001'      unspecified 
PDB 1D4H 'same protein complexed with BEA435'                                unspecified 
PDB 1D4I 'same protein complexed with BEA425'                                unspecified 
PDB 1D4J 'same protein complexed with MSL370'                                unspecified 
# 
_audit_author.name           'Unge, T.' 
_audit_author.pdbx_ordinal   1 
# 
_citation.id                        primary 
_citation.title                     'Optimization of P1-P3 groups in symmetric and asymmetric HIV-1 protease inhibitors.' 
_citation.journal_abbrev            Eur.J.Biochem. 
_citation.journal_volume            270 
_citation.page_first                1746 
_citation.page_last                 1758 
_citation.year                      2003 
_citation.journal_id_ASTM           EJBCAI 
_citation.country                   IX 
_citation.journal_id_ISSN           0014-2956 
_citation.journal_id_CSD            0262 
_citation.book_publisher            ? 
_citation.pdbx_database_id_PubMed   12694187 
_citation.pdbx_database_id_DOI      10.1046/j.1432-1033.2003.03533.x 
# 
loop_
_citation_author.citation_id 
_citation_author.name 
_citation_author.ordinal 
_citation_author.identifier_ORCID 
primary 'Andersson, H.O.'  1  ? 
primary 'Fridborg, K.'     2  ? 
primary 'Lowgren, S.'      3  ? 
primary 'Alterman, M.'     4  ? 
primary 'Muhlman, A.'      5  ? 
primary 'Bjorsne, M.'      6  ? 
primary 'Garg, N.'         7  ? 
primary 'Kvarnstrom, I.'   8  ? 
primary 'Schaal, W.'       9  ? 
primary 'Classon, B.'      10 ? 
primary 'Danielsson, U.H.' 11 ? 
primary 'Ahlsen, G.'       12 ? 
primary 'Nillroth, U.'     13 ? 
primary 'Vrang, L.'        14 ? 
primary 'Oberg, B.'        15 ? 
primary 'Samuelsson, B.'   16 ? 
primary 'Hallberg, A.'     17 ? 
primary 'Unge, T.'         18 ? 
# 
loop_
_entity.id 
_entity.type 
_entity.src_method 
_entity.pdbx_description 
_entity.formula_weight 
_entity.pdbx_number_of_molecules 
_entity.pdbx_ec 
_entity.pdbx_mutation 
_entity.pdbx_fragment 
_entity.details 
1 polymer     man 'HIV-1 PROTEASE'                                                                                             
10803.756 2  3.4.23.16 ? ? ? 
2 non-polymer syn '2,5-DIBENZYLOXY-3,4-DIHYDROXY-HEXANEDIOIC ACID 2-CHLORO-6-FLUORO-BENZYLAMIDE (2-HYDROXY-INDAN-1- YL)-AMIDE' 
663.132   1  ?         ? ? ? 
3 water       nat water                                                                                                        
18.015    92 ?         ? ? ? 
# 
_entity_poly.entity_id                      1 
_entity_poly.type                           'polypeptide(L)' 
_entity_poly.nstd_linkage                   no 
_entity_poly.nstd_monomer                   no 
_entity_poly.pdbx_seq_one_letter_code       
;PQITLWQRPLVTIKIGGQLKEALLDTGADDTVLEEMSLPGRWKPKMIGGIGGFIKVRQYDQILIEICGHKAIGTVLVGPT
PVNIIGRNLLTQIGCTLNF
;
_entity_poly.pdbx_seq_one_letter_code_can   
;PQITLWQRPLVTIKIGGQLKEALLDTGADDTVLEEMSLPGRWKPKMIGGIGGFIKVRQYDQILIEICGHKAIGTVLVGPT
PVNIIGRNLLTQIGCTLNF
;
_entity_poly.pdbx_strand_id                 A,B 
_entity_poly.pdbx_target_identifier         ? 
# 
loop_
_pdbx_entity_nonpoly.entity_id 
_pdbx_entity_nonpoly.name 
_pdbx_entity_nonpoly.comp_id 
2 '2,5-DIBENZYLOXY-3,4-DIHYDROXY-HEXANEDIOIC ACID 2-CHLORO-6-FLUORO-BENZYLAMIDE (2-HYDROXY-INDAN-1- YL)-AMIDE' MSC 
3 water                                                                                                        HOH 
# 
loop_
_entity_poly_seq.entity_id 
_entity_poly_seq.num 
_entity_poly_seq.mon_id 
_entity_poly_seq.hetero 
1 1  PRO n 
1 2  GLN n 
1 3  ILE n 
1 4  THR n 
1 5  LEU n 
1 6  TRP n 
1 7  GLN n 
1 8  ARG n 
1 9  PRO n 
1 10 LEU n 
1 11 VAL n 
1 12 THR n 
1 13 ILE n 
1 14 LYS n 
1 15 ILE n 
1 16 GLY n 
1 17 GLY n 
1 18 GLN n 
1 19 LEU n 
1 20 LYS n 
1 21 GLU n 
1 22 ALA n 
1 23 LEU n 
1 24 LEU n 
1 25 ASP n 
1 26 THR n 
1 27 GLY n 
1 28 ALA n 
1 29 ASP n 
1 30 ASP n 
1 31 THR n 
1 32 VAL n 
1 33 LEU n 
1 34 GLU n 
1 35 GLU n 
1 36 MET n 
1 37 SER n 
1 38 LEU n 
1 39 PRO n 
1 40 GLY n 
1 41 ARG n 
1 42 TRP n 
1 43 LYS n 
1 44 PRO n 
1 45 LYS n 
1 46 MET n 
1 47 ILE n 
1 48 GLY n 
1 49 GLY n 
1 50 ILE n 
1 51 GLY n 
1 52 GLY n 
1 53 PHE n 
1 54 ILE n 
1 55 LYS n 
1 56 VAL n 
1 57 ARG n 
1 58 GLN n 
1 59 TYR n 
1 60 ASP n 
1 61 GLN n 
1 62 ILE n 
1 63 LEU n 
1 64 ILE n 
1 65 GLU n 
1 66 ILE n 
1 67 CYS n 
1 68 GLY n 
1 69 HIS n 
1 70 LYS n 
1 71 ALA n 
1 72 ILE n 
1 73 GLY n 
1 74 THR n 
1 75 VAL n 
1 76 LEU n 
1 77 VAL n 
1 78 GLY n 
1 79 PRO n 
1 80 THR n 
1 81 PRO n 
1 82 VAL n 
1 83 ASN n 
1 84 ILE n 
1 85 ILE n 
1 86 GLY n 
1 87 ARG n 
1 88 ASN n 
1 89 LEU n 
1 90 LEU n 
1 91 THR n 
1 92 GLN n 
1 93 ILE n 
1 94 GLY n 
1 95 CYS n 
1 96 THR n 
1 97 LEU n 
1 98 ASN n 
1 99 PHE n 
# 
_entity_src_gen.entity_id                          1 
_entity_src_gen.pdbx_src_id                        1 
_entity_src_gen.pdbx_alt_source_flag               sample 
_entity_src_gen.pdbx_seq_type                      ? 
_entity_src_gen.pdbx_beg_seq_num                   ? 
_entity_src_gen.pdbx_end_seq_num                   ? 
_entity_src_gen.gene_src_common_name               ? 
_entity_src_gen.gene_src_genus                     Lentivirus 
_entity_src_gen.pdbx_gene_src_gene                 ? 
_entity_src_gen.gene_src_species                   ? 
_entity_src_gen.gene_src_strain                    BH10 
_entity_src_gen.gene_src_tissue                    ? 
_entity_src_gen.gene_src_tissue_fraction           ? 
_entity_src_gen.gene_src_details                   ? 
_entity_src_gen.pdbx_gene_src_fragment             ? 
_entity_src_gen.pdbx_gene_src_scientific_name      'Human immunodeficiency virus' 
_entity_src_gen.pdbx_gene_src_ncbi_taxonomy_id     12721 
_entity_src_gen.pdbx_gene_src_variant              ? 
_entity_src_gen.pdbx_gene_src_cell_line            ? 
_entity_src_gen.pdbx_gene_src_atcc                 ? 
_entity_src_gen.pdbx_gene_src_organ                ? 
_entity_src_gen.pdbx_gene_src_organelle            ? 
_entity_src_gen.pdbx_gene_src_cell                 ? 
_entity_src_gen.pdbx_gene_src_cellular_location    ? 
_entity_src_gen.host_org_common_name               ? 
_entity_src_gen.pdbx_host_org_scientific_name      'Escherichia coli' 
_entity_src_gen.pdbx_host_org_ncbi_taxonomy_id     562 
_entity_src_gen.host_org_genus                     Escherichia 
_entity_src_gen.pdbx_host_org_gene                 ? 
_entity_src_gen.pdbx_host_org_organ                ? 
_entity_src_gen.host_org_species                   ? 
_entity_src_gen.pdbx_host_org_tissue               ? 
_entity_src_gen.pdbx_host_org_tissue_fraction      ? 
_entity_src_gen.pdbx_host_org_strain               ? 
_entity_src_gen.pdbx_host_org_variant              ? 
_entity_src_gen.pdbx_host_org_cell_line            ? 
_entity_src_gen.pdbx_host_org_atcc                 ? 
_entity_src_gen.pdbx_host_org_culture_collection   ? 
_entity_src_gen.pdbx_host_org_cell                 ? 
_entity_src_gen.pdbx_host_org_organelle            ? 
_entity_src_gen.pdbx_host_org_cellular_location    ? 
_entity_src_gen.pdbx_host_org_vector_type          ? 
_entity_src_gen.pdbx_host_org_vector               ? 
_entity_src_gen.host_org_details                   ? 
_entity_src_gen.expression_system_id               ? 
_entity_src_gen.plasmid_name                       PET11C 
_entity_src_gen.plasmid_details                    ? 
_entity_src_gen.pdbx_description                   ? 
# 
loop_
_chem_comp.id 
_chem_comp.type 
_chem_comp.mon_nstd_flag 
_chem_comp.name 
_chem_comp.pdbx_synonyms 
_chem_comp.formula 
_chem_comp.formula_weight 
ALA 'L-peptide linking' y ALANINE ?                  'C3 H7 N O2'         89.093  
ARG 'L-peptide linking' y ARGININE ?                  'C6 H15 N4 O2 1'     175.209 
ASN 'L-peptide linking' y ASPARAGINE ?                  'C4 H8 N2 O3'        132.118 
ASP 'L-peptide linking' y 'ASPARTIC ACID' ?                  'C4 H7 N O4'         133.103 
CYS 'L-peptide linking' y CYSTEINE ?                  'C3 H7 N O2 S'       121.158 
GLN 'L-peptide linking' y GLUTAMINE ?                  'C5 H10 N2 O3'       146.144 
GLU 'L-peptide linking' y 'GLUTAMIC ACID' ?                  'C5 H9 N O4'         147.129 
GLY 'peptide linking'   y GLYCINE ?                  'C2 H5 N O2'         75.067  
HIS 'L-peptide linking' y HISTIDINE ?                  'C6 H10 N3 O2 1'     156.162 
HOH non-polymer         . WATER ?                  'H2 O'               18.015  
ILE 'L-peptide linking' y ISOLEUCINE ?                  'C6 H13 N O2'        131.173 
LEU 'L-peptide linking' y LEUCINE ?                  'C6 H13 N O2'        131.173 
LYS 'L-peptide linking' y LYSINE ?                  'C6 H15 N2 O2 1'     147.195 
MET 'L-peptide linking' y METHIONINE ?                  'C5 H11 N O2 S'      149.211 
MSC non-polymer         . 
'2,5-DIBENZYLOXY-3,4-DIHYDROXY-HEXANEDIOIC ACID 2-CHLORO-6-FLUORO-BENZYLAMIDE (2-HYDROXY-INDAN-1- YL)-AMIDE' 'INHIBITOR MSL370' 
'C36 H36 Cl F N2 O7' 663.132 
PHE 'L-peptide linking' y PHENYLALANINE ?                  'C9 H11 N O2'        165.189 
PRO 'L-peptide linking' y PROLINE ?                  'C5 H9 N O2'         115.130 
SER 'L-peptide linking' y SERINE ?                  'C3 H7 N O3'         105.093 
THR 'L-peptide linking' y THREONINE ?                  'C4 H9 N O3'         119.119 
TRP 'L-peptide linking' y TRYPTOPHAN ?                  'C11 H12 N2 O2'      204.225 
TYR 'L-peptide linking' y TYROSINE ?                  'C9 H11 N O3'        181.189 
VAL 'L-peptide linking' y VALINE ?                  'C5 H11 N O2'        117.146 
# 
loop_
_pdbx_poly_seq_scheme.asym_id 
_pdbx_poly_seq_scheme.entity_id 
_pdbx_poly_seq_scheme.seq_id 
_pdbx_poly_seq_scheme.mon_id 
_pdbx_poly_seq_scheme.ndb_seq_num 
_pdbx_poly_seq_scheme.pdb_seq_num 
_pdbx_poly_seq_scheme.auth_seq_num 
_pdbx_poly_seq_scheme.pdb_mon_id 
_pdbx_poly_seq_scheme.auth_mon_id 
_pdbx_poly_seq_scheme.pdb_strand_id 
_pdbx_poly_seq_scheme.pdb_ins_code 
_pdbx_poly_seq_scheme.hetero 
A 1 1  PRO 1  1   1   PRO PRO A . n 
A 1 2  GLN 2  2   2   GLN GLN A . n 
A 1 3  ILE 3  3   3   ILE ILE A . n 
A 1 4  THR 4  4   4   THR THR A . n 
A 1 5  LEU 5  5   5   LEU LEU A . n 
A 1 6  TRP 6  6   6   TRP TRP A . n 
A 1 7  GLN 7  7   7   GLN GLN A . n 
A 1 8  ARG 8  8   8   ARG ARG A . n 
A 1 9  PRO 9  9   9   PRO PRO A . n 
A 1 10 LEU 10 10  10  LEU LEU A . n 
A 1 11 VAL 11 11  11  VAL VAL A . n 
A 1 12 THR 12 12  12  THR THR A . n 
A 1 13 ILE 13 13  13  ILE ILE A . n 
A 1 14 LYS 14 14  14  LYS LYS A . n 
A 1 15 ILE 15 15  15  ILE ILE A . n 
A 1 16 GLY 16 16  16  GLY GLY A . n 
A 1 17 GLY 17 17  17  GLY GLY A . n 
A 1 18 GLN 18 18  18  GLN GLN A . n 
A 1 19 LEU 19 19  19  LEU LEU A . n 
A 1 20 LYS 20 20  20  LYS LYS A . n 
A 1 21 GLU 21 21  21  GLU GLU A . n 
A 1 22 ALA 22 22  22  ALA ALA A . n 
A 1 23 LEU 23 23  23  LEU LEU A . n 
A 1 24 LEU 24 24  24  LEU LEU A . n 
A 1 25 ASP 25 25  25  ASP ASP A . n 
A 1 26 THR 26 26  26  THR THR A . n 
A 1 27 GLY 27 27  27  GLY GLY A . n 
A 1 28 ALA 28 28  28  ALA ALA A . n 
A 1 29 ASP 29 29  29  ASP ASP A . n 
A 1 30 ASP 30 30  30  ASP ASP A . n 
A 1 31 THR 31 31  31  THR THR A . n 
A 1 32 VAL 32 32  32  VAL VAL A . n 
A 1 33 LEU 33 33  33  LEU LEU A . n 
A 1 34 GLU 34 34  34  GLU GLU A . n 
A 1 35 GLU 35 35  35  GLU GLU A . n 
A 1 36 MET 36 36  36  MET MET A . n 
A 1 37 SER 37 37  37  SER SER A . n 
A 1 38 LEU 38 38  38  LEU LEU A . n 
A 1 39 PRO 39 39  39  PRO PRO A . n 
A 1 40 GLY 40 40  40  GLY GLY A . n 
A 1 41 ARG 41 41  41  ARG ARG A . n 
A 1 42 TRP 42 42  42  TRP TRP A . n 
A 1 43 LYS 43 43  43  LYS LYS A . n 
A 1 44 PRO 44 44  44  PRO PRO A . n 
A 1 45 LYS 45 45  45  LYS LYS A . n 
A 1 46 MET 46 46  46  MET MET A . n 
A 1 47 ILE 47 47  47  ILE ILE A . n 
A 1 48 GLY 48 48  48  GLY GLY A . n 
A 1 49 GLY 49 49  49  GLY GLY A . n 
A 1 50 ILE 50 50  50  ILE ILE A . n 
A 1 51 GLY 51 51  51  GLY GLY A . n 
A 1 52 GLY 52 52  52  GLY GLY A . n 
A 1 53 PHE 53 53  53  PHE PHE A . n 
A 1 54 ILE 54 54  54  ILE ILE A . n 
A 1 55 LYS 55 55  55  LYS LYS A . n 
A 1 56 VAL 56 56  56  VAL VAL A . n 
A 1 57 ARG 57 57  57  ARG ARG A . n 
A 1 58 GLN 58 58  58  GLN GLN A . n 
A 1 59 TYR 59 59  59  TYR TYR A . n 
A 1 60 ASP 60 60  60  ASP ASP A . n 
A 1 61 GLN 61 61  61  GLN GLN A . n 
A 1 62 ILE 62 62  62  ILE ILE A . n 
A 1 63 LEU 63 63  63  LEU LEU A . n 
A 1 64 ILE 64 64  64  ILE ILE A . n 
A 1 65 GLU 65 65  65  GLU GLU A . n 
A 1 66 ILE 66 66  66  ILE ILE A . n 
A 1 67 CYS 67 67  67  CYS CYS A . n 
A 1 68 GLY 68 68  68  GLY GLY A . n 
A 1 69 HIS 69 69  69  HIS HIS A . n 
A 1 70 LYS 70 70  70  LYS LYS A . n 
A 1 71 ALA 71 71  71  ALA ALA A . n 
A 1 72 ILE 72 72  72  ILE ILE A . n 
A 1 73 GLY 73 73  73  GLY GLY A . n 
A 1 74 THR 74 74  74  THR THR A . n 
A 1 75 VAL 75 75  75  VAL VAL A . n 
A 1 76 LEU 76 76  76  LEU LEU A . n 
A 1 77 VAL 77 77  77  VAL VAL A . n 
A 1 78 GLY 78 78  78  GLY GLY A . n 
A 1 79 PRO 79 79  79  PRO PRO A . n 
A 1 80 THR 80 80  80  THR THR A . n 
A 1 81 PRO 81 81  81  PRO PRO A . n 
A 1 82 VAL 82 82  82  VAL VAL A . n 
A 1 83 ASN 83 83  83  ASN ASN A . n 
A 1 84 ILE 84 84  84  ILE ILE A . n 
A 1 85 ILE 85 85  85  ILE ILE A . n 
A 1 86 GLY 86 86  86  GLY GLY A . n 
A 1 87 ARG 87 87  87  ARG ARG A . n 
A 1 88 ASN 88 88  88  ASN ASN A . n 
A 1 89 LEU 89 89  89  LEU LEU A . n 
A 1 90 LEU 90 90  90  LEU LEU A . n 
A 1 91 THR 91 91  91  THR THR A . n 
A 1 92 GLN 92 92  92  GLN GLN A . n 
A 1 93 ILE 93 93  93  ILE ILE A . n 
A 1 94 GLY 94 94  94  GLY GLY A . n 
A 1 95 CYS 95 95  95  CYS CYS A . n 
A 1 96 THR 96 96  96  THR THR A . n 
A 1 97 LEU 97 97  97  LEU LEU A . n 
A 1 98 ASN 98 98  98  ASN ASN A . n 
A 1 99 PHE 99 99  99  PHE PHE A . n 
B 1 1  PRO 1  101 101 PRO PRO B . n 
B 1 2  GLN 2  102 102 GLN GLN B . n 
B 1 3  ILE 3  103 103 ILE ILE B . n 
B 1 4  THR 4  104 104 THR THR B . n 
B 1 5  LEU 5  105 105 LEU LEU B . n 
B 1 6  TRP 6  106 106 TRP TRP B . n 
B 1 7  GLN 7  107 107 GLN GLN B . n 
B 1 8  ARG 8  108 108 ARG ARG B . n 
B 1 9  PRO 9  109 109 PRO PRO B . n 
B 1 10 LEU 10 110 110 LEU LEU B . n 
B 1 11 VAL 11 111 111 VAL VAL B . n 
B 1 12 THR 12 112 112 THR THR B . n 
B 1 13 ILE 13 113 113 ILE ILE B . n 
B 1 14 LYS 14 114 114 LYS LYS B . n 
B 1 15 ILE 15 115 115 ILE ILE B . n 
B 1 16 GLY 16 116 116 GLY GLY B . n 
B 1 17 GLY 17 117 117 GLY GLY B . n 
B 1 18 GLN 18 118 118 GLN GLN B . n 
B 1 19 LEU 19 119 119 LEU LEU B . n 
B 1 20 LYS 20 120 120 LYS LYS B . n 
B 1 21 GLU 21 121 121 GLU GLU B . n 
B 1 22 ALA 22 122 122 ALA ALA B . n 
B 1 23 LEU 23 123 123 LEU LEU B . n 
B 1 24 LEU 24 124 124 LEU LEU B . n 
B 1 25 ASP 25 125 125 ASP ASP B . n 
B 1 26 THR 26 126 126 THR THR B . n 
B 1 27 GLY 27 127 127 GLY GLY B . n 
B 1 28 ALA 28 128 128 ALA ALA B . n 
B 1 29 ASP 29 129 129 ASP ASP B . n 
B 1 30 ASP 30 130 130 ASP ASP B . n 
B 1 31 THR 31 131 131 THR THR B . n 
B 1 32 VAL 32 132 132 VAL VAL B . n 
B 1 33 LEU 33 133 133 LEU LEU B . n 
B 1 34 GLU 34 134 134 GLU GLU B . n 
B 1 35 GLU 35 135 135 GLU GLU B . n 
B 1 36 MET 36 136 136 MET MET B . n 
B 1 37 SER 37 137 137 SER SER B . n 
B 1 38 LEU 38 138 138 LEU LEU B . n 
B 1 39 PRO 39 139 139 PRO PRO B . n 
B 1 40 GLY 40 140 140 GLY GLY B . n 
B 1 41 ARG 41 141 141 ARG ARG B . n 
B 1 42 TRP 42 142 142 TRP TRP B . n 
B 1 43 LYS 43 143 143 LYS LYS B . n 
B 1 44 PRO 44 144 144 PRO PRO B . n 
B 1 45 LYS 45 145 145 LYS LYS B . n 
B 1 46 MET 46 146 146 MET MET B . n 
B 1 47 ILE 47 147 147 ILE ILE B . n 
B 1 48 GLY 48 148 148 GLY GLY B . n 
B 1 49 GLY 49 149 149 GLY GLY B . n 
B 1 50 ILE 50 150 150 ILE ILE B . n 
B 1 51 GLY 51 151 151 GLY GLY B . n 
B 1 52 GLY 52 152 152 GLY GLY B . n 
B 1 53 PHE 53 153 153 PHE PHE B . n 
B 1 54 ILE 54 154 154 ILE ILE B . n 
B 1 55 LYS 55 155 155 LYS LYS B . n 
B 1 56 VAL 56 156 156 VAL VAL B . n 
B 1 57 ARG 57 157 157 ARG ARG B . n 
B 1 58 GLN 58 158 158 GLN GLN B . n 
B 1 59 TYR 59 159 159 TYR TYR B . n 
B 1 60 ASP 60 160 160 ASP ASP B . n 
B 1 61 GLN 61 161 161 GLN GLN B . n 
B 1 62 ILE 62 162 162 ILE ILE B . n 
B 1 63 LEU 63 163 163 LEU LEU B . n 
B 1 64 ILE 64 164 164 ILE ILE B . n 
B 1 65 GLU 65 165 165 GLU GLU B . n 
B 1 66 ILE 66 166 166 ILE ILE B . n 
B 1 67 CYS 67 167 167 CYS CYS B . n 
B 1 68 GLY 68 168 168 GLY GLY B . n 
B 1 69 HIS 69 169 169 HIS HIS B . n 
B 1 70 LYS 70 170 170 LYS LYS B . n 
B 1 71 ALA 71 171 171 ALA ALA B . n 
B 1 72 ILE 72 172 172 ILE ILE B . n 
B 1 73 GLY 73 173 173 GLY GLY B . n 
B 1 74 THR 74 174 174 THR THR B . n 
B 1 75 VAL 75 175 175 VAL VAL B . n 
B 1 76 LEU 76 176 176 LEU LEU B . n 
B 1 77 VAL 77 177 177 VAL VAL B . n 
B 1 78 GLY 78 178 178 GLY GLY B . n 
B 1 79 PRO 79 179 179 PRO PRO B . n 
B 1 80 THR 80 180 180 THR THR B . n 
B 1 81 PRO 81 181 181 PRO PRO B . n 
B 1 82 VAL 82 182 182 VAL VAL B . n 
B 1 83 ASN 83 183 183 ASN ASN B . n 
B 1 84 ILE 84 184 184 ILE ILE B . n 
B 1 85 ILE 85 185 185 ILE ILE B . n 
B 1 86 GLY 86 186 186 GLY GLY B . n 
B 1 87 ARG 87 187 187 ARG ARG B . n 
B 1 88 ASN 88 188 188 ASN ASN B . n 
B 1 89 LEU 89 189 189 LEU LEU B . n 
B 1 90 LEU 90 190 190 LEU LEU B . n 
B 1 91 THR 91 191 191 THR THR B . n 
B 1 92 GLN 92 192 192 GLN GLN B . n 
B 1 93 ILE 93 193 193 ILE ILE B . n 
B 1 94 GLY 94 194 194 GLY GLY B . n 
B 1 95 CYS 95 195 195 CYS CYS B . n 
B 1 96 THR 96 196 196 THR THR B . n 
B 1 97 LEU 97 197 197 LEU LEU B . n 
B 1 98 ASN 98 198 198 ASN ASN B . n 
B 1 99 PHE 99 199 199 PHE PHE B . n 
# 
loop_
_pdbx_nonpoly_scheme.asym_id 
_pdbx_nonpoly_scheme.entity_id 
_pdbx_nonpoly_scheme.mon_id 
_pdbx_nonpoly_scheme.ndb_seq_num 
_pdbx_nonpoly_scheme.pdb_seq_num 
_pdbx_nonpoly_scheme.auth_seq_num 
_pdbx_nonpoly_scheme.pdb_mon_id 
_pdbx_nonpoly_scheme.auth_mon_id 
_pdbx_nonpoly_scheme.pdb_strand_id 
_pdbx_nonpoly_scheme.pdb_ins_code 
C 2 MSC 1  501 501 MSC MSB B . 
D 3 HOH 1  301 301 HOH HOH A . 
D 3 HOH 2  303 303 HOH HOH A . 
D 3 HOH 3  306 306 HOH HOH A . 
D 3 HOH 4  307 307 HOH HOH A . 
D 3 HOH 5  310 310 HOH HOH A . 
D 3 HOH 6  314 314 HOH HOH A . 
D 3 HOH 7  318 318 HOH HOH A . 
D 3 HOH 8  319 319 HOH HOH A . 
D 3 HOH 9  320 320 HOH HOH A . 
D 3 HOH 10 323 323 HOH HOH A . 
D 3 HOH 11 325 325 HOH HOH A . 
D 3 HOH 12 326 326 HOH HOH A . 
D 3 HOH 13 327 327 HOH HOH A . 
D 3 HOH 14 333 333 HOH HOH A . 
D 3 HOH 15 334 334 HOH HOH A . 
D 3 HOH 16 336 336 HOH HOH A . 
D 3 HOH 17 337 337 HOH HOH A . 
D 3 HOH 18 338 338 HOH HOH A . 
D 3 HOH 19 342 342 HOH HOH A . 
D 3 HOH 20 344 344 HOH HOH A . 
D 3 HOH 21 351 351 HOH HOH A . 
D 3 HOH 22 352 352 HOH HOH A . 
D 3 HOH 23 357 357 HOH HOH A . 
D 3 HOH 24 358 358 HOH HOH A . 
D 3 HOH 25 361 361 HOH HOH A . 
D 3 HOH 26 363 363 HOH HOH A . 
D 3 HOH 27 364 364 HOH HOH A . 
D 3 HOH 28 367 367 HOH HOH A . 
D 3 HOH 29 369 369 HOH HOH A . 
D 3 HOH 30 371 371 HOH HOH A . 
D 3 HOH 31 376 376 HOH HOH A . 
D 3 HOH 32 377 377 HOH HOH A . 
D 3 HOH 33 380 380 HOH HOH A . 
D 3 HOH 34 381 381 HOH HOH A . 
D 3 HOH 35 382 382 HOH HOH A . 
D 3 HOH 36 384 384 HOH HOH A . 
D 3 HOH 37 388 388 HOH HOH A . 
D 3 HOH 38 391 391 HOH HOH A . 
D 3 HOH 39 392 392 HOH HOH A . 
E 3 HOH 1  302 302 HOH HOH B . 
E 3 HOH 2  304 304 HOH HOH B . 
E 3 HOH 3  305 305 HOH HOH B . 
E 3 HOH 4  308 308 HOH HOH B . 
E 3 HOH 5  309 309 HOH HOH B . 
E 3 HOH 6  311 311 HOH HOH B . 
E 3 HOH 7  312 312 HOH HOH B . 
E 3 HOH 8  313 313 HOH HOH B . 
E 3 HOH 9  315 315 HOH HOH B . 
E 3 HOH 10 316 316 HOH HOH B . 
E 3 HOH 11 317 317 HOH HOH B . 
E 3 HOH 12 321 321 HOH HOH B . 
E 3 HOH 13 322 322 HOH HOH B . 
E 3 HOH 14 324 324 HOH HOH B . 
E 3 HOH 15 328 328 HOH HOH B . 
E 3 HOH 16 329 329 HOH HOH B . 
E 3 HOH 17 330 330 HOH HOH B . 
E 3 HOH 18 331 331 HOH HOH B . 
E 3 HOH 19 332 332 HOH HOH B . 
E 3 HOH 20 335 335 HOH HOH B . 
E 3 HOH 21 339 339 HOH HOH B . 
E 3 HOH 22 340 340 HOH HOH B . 
E 3 HOH 23 341 341 HOH HOH B . 
E 3 HOH 24 343 343 HOH HOH B . 
E 3 HOH 25 345 345 HOH HOH B . 
E 3 HOH 26 346 346 HOH HOH B . 
E 3 HOH 27 347 347 HOH HOH B . 
E 3 HOH 28 348 348 HOH HOH B . 
E 3 HOH 29 349 349 HOH HOH B . 
E 3 HOH 30 350 350 HOH HOH B . 
E 3 HOH 31 353 353 HOH HOH B . 
E 3 HOH 32 354 354 HOH HOH B . 
E 3 HOH 33 355 355 HOH HOH B . 
E 3 HOH 34 356 356 HOH HOH B . 
E 3 HOH 35 359 359 HOH HOH B . 
E 3 HOH 36 360 360 HOH HOH B . 
E 3 HOH 37 362 362 HOH HOH B . 
E 3 HOH 38 365 365 HOH HOH B . 
E 3 HOH 39 366 366 HOH HOH B . 
E 3 HOH 40 368 368 HOH HOH B . 
E 3 HOH 41 370 370 HOH HOH B . 
E 3 HOH 42 372 372 HOH HOH B . 
E 3 HOH 43 373 373 HOH HOH B . 
E 3 HOH 44 374 374 HOH HOH B . 
E 3 HOH 45 375 375 HOH HOH B . 
E 3 HOH 46 378 378 HOH HOH B . 
E 3 HOH 47 379 379 HOH HOH B . 
E 3 HOH 48 383 383 HOH HOH B . 
E 3 HOH 49 385 385 HOH HOH B . 
E 3 HOH 50 386 386 HOH HOH B . 
E 3 HOH 51 387 387 HOH HOH B . 
E 3 HOH 52 389 389 HOH HOH B . 
E 3 HOH 53 390 390 HOH HOH B . 
# 
loop_
_software.name 
_software.classification 
_software.version 
_software.citation_id 
_software.pdbx_ordinal 
DENZO     'data reduction' . ? 1 
SCALEPACK 'data scaling'   . ? 2 
CNS       refinement       . ? 3 
CNS       phasing          . ? 4 
# 
_cell.entry_id           1D4J 
_cell.length_a           58.779 
_cell.length_b           86.523 
_cell.length_c           46.575 
_cell.angle_alpha        90.00 
_cell.angle_beta         90.00 
_cell.angle_gamma        90.00 
_cell.Z_PDB              8 
_cell.pdbx_unique_axis   ? 
# 
_symmetry.entry_id                         1D4J 
_symmetry.space_group_name_H-M             'P 21 21 2' 
_symmetry.pdbx_full_space_group_name_H-M   ? 
_symmetry.cell_setting                     ? 
_symmetry.Int_Tables_number                18 
_symmetry.space_group_name_Hall            ? 
# 
_exptl.entry_id          1D4J 
_exptl.method            'X-RAY DIFFRACTION' 
_exptl.crystals_number   8 
# 
_exptl_crystal.id                    1 
_exptl_crystal.density_meas          ? 
_exptl_crystal.density_Matthews      2.74 
_exptl_crystal.density_percent_sol   55.12 
_exptl_crystal.description           ? 
_exptl_crystal.F_000                 ? 
_exptl_crystal.preparation           ? 
# 
_exptl_crystal_grow.crystal_id      1 
_exptl_crystal_grow.method          'VAPOR DIFFUSION, HANGING DROP' 
_exptl_crystal_grow.temp            277 
_exptl_crystal_grow.temp_details    ? 
_exptl_crystal_grow.pH              5.5 
_exptl_crystal_grow.pdbx_details    'sodium chloride, MES, pH 5.5, VAPOR DIFFUSION, HANGING DROP, temperature 277K' 
_exptl_crystal_grow.pdbx_pH_range   . 
# 
_diffrn.id                     1 
_diffrn.ambient_temp           277.0 
_diffrn.ambient_temp_details   ? 
_diffrn.crystal_id             1 
# 
_diffrn_detector.diffrn_id              1 
_diffrn_detector.detector               'IMAGE PLATE' 
_diffrn_detector.type                   MARRESEARCH 
_diffrn_detector.pdbx_collection_date   1998-10-17 
_diffrn_detector.details                ? 
# 
_diffrn_radiation.diffrn_id                        1 
_diffrn_radiation.wavelength_id                    1 
_diffrn_radiation.pdbx_monochromatic_or_laue_m_l   M 
_diffrn_radiation.monochromator                    ? 
_diffrn_radiation.pdbx_diffrn_protocol             'SINGLE WAVELENGTH' 
_diffrn_radiation.pdbx_scattering_type             x-ray 
# 
_diffrn_radiation_wavelength.id           1 
_diffrn_radiation_wavelength.wavelength   1.375 
_diffrn_radiation_wavelength.wt           1.0 
# 
_diffrn_source.diffrn_id                   1 
_diffrn_source.source                      SYNCHROTRON 
_diffrn_source.type                        'LURE BEAMLINE D41A' 
_diffrn_source.pdbx_synchrotron_site       LURE 
_diffrn_source.pdbx_synchrotron_beamline   D41A 
_diffrn_source.pdbx_wavelength             1.375 
_diffrn_source.pdbx_wavelength_list        ? 
# 
_reflns.entry_id                     1D4J 
_reflns.observed_criterion_sigma_I   1.0 
_reflns.observed_criterion_sigma_F   1.0 
_reflns.d_resolution_low             14.99 
_reflns.d_resolution_high            1.81 
_reflns.number_obs                   21687 
_reflns.number_all                   21767 
_reflns.percent_possible_obs         97.2 
_reflns.pdbx_Rmerge_I_obs            0.087 
_reflns.pdbx_Rsym_value              ? 
_reflns.pdbx_netI_over_sigmaI        8.0 
_reflns.B_iso_Wilson_estimate        16.9 
_reflns.pdbx_redundancy              4.4 
_reflns.R_free_details               ? 
_reflns.limit_h_max                  ? 
_reflns.limit_h_min                  ? 
_reflns.limit_k_max                  ? 
_reflns.limit_k_min                  ? 
_reflns.limit_l_max                  ? 
_reflns.limit_l_min                  ? 
_reflns.observed_criterion_F_max     ? 
_reflns.observed_criterion_F_min     ? 
_reflns.pdbx_chi_squared             ? 
_reflns.pdbx_scaling_rejects         ? 
_reflns.pdbx_diffrn_id               1 
_reflns.pdbx_ordinal                 1 
# 
_reflns_shell.d_res_high             1.81 
_reflns_shell.d_res_low              1.92 
_reflns_shell.percent_possible_all   93.7 
_reflns_shell.Rmerge_I_obs           0.247 
_reflns_shell.pdbx_Rsym_value        ? 
_reflns_shell.meanI_over_sigI_obs    ? 
_reflns_shell.pdbx_redundancy        4.4 
_reflns_shell.percent_possible_obs   ? 
_reflns_shell.number_unique_all      3240 
_reflns_shell.number_measured_all    ? 
_reflns_shell.number_measured_obs    ? 
_reflns_shell.number_unique_obs      ? 
_reflns_shell.pdbx_chi_squared       ? 
_reflns_shell.pdbx_diffrn_id         ? 
_reflns_shell.pdbx_ordinal           1 
# 
_refine.entry_id                                 1D4J 
_refine.ls_number_reflns_obs                     21687 
_refine.ls_number_reflns_all                     21767 
_refine.pdbx_ls_sigma_I                          1.0 
_refine.pdbx_ls_sigma_F                          1.0 
_refine.pdbx_data_cutoff_high_absF               1192522.56 
_refine.pdbx_data_cutoff_low_absF                0.00 
_refine.ls_d_res_low                             14.99 
_refine.ls_d_res_high                            1.81 
_refine.ls_percent_reflns_obs                    97.2 
_refine.ls_R_factor_obs                          0.199 
_refine.ls_R_factor_all                          ? 
_refine.ls_R_factor_R_work                       0.199 
_refine.ls_R_factor_R_free                       0.229 
_refine.ls_R_factor_R_free_error                 0.007 
_refine.ls_R_factor_R_free_error_details         ? 
_refine.ls_percent_reflns_R_free                 5.1 
_refine.ls_number_reflns_R_free                  1116 
_refine.ls_number_parameters                     ? 
_refine.ls_number_restraints                     ? 
_refine.occupancy_min                            ? 
_refine.occupancy_max                            ? 
_refine.B_iso_mean                               26.3 
_refine.aniso_B[1][1]                            4.59 
_refine.aniso_B[2][2]                            -3.32 
_refine.aniso_B[3][3]                            -1.27 
_refine.aniso_B[1][2]                            0.00 
_refine.aniso_B[1][3]                            0.00 
_refine.aniso_B[2][3]                            0.00 
_refine.solvent_model_details                    'FLAT MODEL' 
_refine.solvent_model_param_ksol                 0.381 
_refine.solvent_model_param_bsol                 44.41 
_refine.pdbx_ls_cross_valid_method               THROUGHOUT 
_refine.details                                  'Refined with CNS program system' 
_refine.pdbx_starting_model                      ? 
_refine.pdbx_method_to_determine_struct          ? 
_refine.pdbx_isotropic_thermal_model             RESTRAINED 
_refine.pdbx_stereochemistry_target_values       'Engh & Huber' 
_refine.pdbx_stereochem_target_val_spec_case     ? 
_refine.pdbx_R_Free_selection_details            RANDOM 
_refine.pdbx_overall_ESU_R_Free                  ? 
_refine.overall_SU_B                             ? 
_refine.ls_redundancy_reflns_obs                 ? 
_refine.overall_SU_ML                            ? 
_refine.pdbx_overall_ESU_R                       ? 
_refine.pdbx_data_cutoff_high_rms_absF           1192522.56 
_refine.B_iso_min                                ? 
_refine.B_iso_max                                ? 
_refine.correlation_coeff_Fo_to_Fc               ? 
_refine.overall_SU_R_Cruickshank_DPI             ? 
_refine.overall_SU_R_free                        ? 
_refine.correlation_coeff_Fo_to_Fc_free          ? 
_refine.pdbx_solvent_vdw_probe_radii             ? 
_refine.pdbx_solvent_ion_probe_radii             ? 
_refine.pdbx_solvent_shrinkage_radii             ? 
_refine.ls_wR_factor_R_free                      ? 
_refine.ls_wR_factor_R_work                      ? 
_refine.overall_FOM_free_R_set                   ? 
_refine.overall_FOM_work_R_set                   ? 
_refine.pdbx_refine_id                           'X-RAY DIFFRACTION' 
_refine.pdbx_diffrn_id                           1 
_refine.pdbx_TLS_residual_ADP_flag               ? 
_refine.pdbx_overall_phase_error                 ? 
_refine.pdbx_overall_SU_R_free_Cruickshank_DPI   ? 
_refine.pdbx_overall_SU_R_Blow_DPI               ? 
_refine.pdbx_overall_SU_R_free_Blow_DPI          ? 
# 
_refine_analyze.entry_id                        1D4J 
_refine_analyze.Luzzati_coordinate_error_obs    0.22 
_refine_analyze.Luzzati_sigma_a_obs             0.14 
_refine_analyze.Luzzati_d_res_low_obs           5.00 
_refine_analyze.Luzzati_coordinate_error_free   0.25 
_refine_analyze.Luzzati_sigma_a_free            0.18 
_refine_analyze.Luzzati_d_res_low_free          ? 
_refine_analyze.number_disordered_residues      ? 
_refine_analyze.occupancy_sum_hydrogen          ? 
_refine_analyze.occupancy_sum_non_hydrogen      ? 
_refine_analyze.pdbx_Luzzati_d_res_high_obs     ? 
_refine_analyze.pdbx_refine_id                  'X-RAY DIFFRACTION' 
# 
_refine_hist.pdbx_refine_id                   'X-RAY DIFFRACTION' 
_refine_hist.cycle_id                         LAST 
_refine_hist.pdbx_number_atoms_protein        1516 
_refine_hist.pdbx_number_atoms_nucleic_acid   0 
_refine_hist.pdbx_number_atoms_ligand         47 
_refine_hist.number_atoms_solvent             92 
_refine_hist.number_atoms_total               1655 
_refine_hist.d_res_high                       1.81 
_refine_hist.d_res_low                        14.99 
# 
loop_
_refine_ls_restr.type 
_refine_ls_restr.dev_ideal 
_refine_ls_restr.dev_ideal_target 
_refine_ls_restr.weight 
_refine_ls_restr.number 
_refine_ls_restr.pdbx_refine_id 
_refine_ls_restr.pdbx_restraint_function 
c_bond_d           0.006 ?    ? ? 'X-RAY DIFFRACTION' ? 
c_angle_deg        1.2   ?    ? ? 'X-RAY DIFFRACTION' ? 
c_dihedral_angle_d 25.2  ?    ? ? 'X-RAY DIFFRACTION' ? 
c_improper_angle_d 0.85  ?    ? ? 'X-RAY DIFFRACTION' ? 
c_mcbond_it        0.72  1.50 ? ? 'X-RAY DIFFRACTION' ? 
c_mcangle_it       1.26  2.00 ? ? 'X-RAY DIFFRACTION' ? 
c_scbond_it        1.11  2.00 ? ? 'X-RAY DIFFRACTION' ? 
c_scangle_it       1.77  2.50 ? ? 'X-RAY DIFFRACTION' ? 
# 
_refine_ls_shell.pdbx_total_number_of_bins_used   6 
_refine_ls_shell.d_res_high                       1.81 
_refine_ls_shell.d_res_low                        1.92 
_refine_ls_shell.number_reflns_R_work             3240 
_refine_ls_shell.R_factor_R_work                  0.247 
_refine_ls_shell.percent_reflns_obs               93.7 
_refine_ls_shell.R_factor_R_free                  0.274 
_refine_ls_shell.R_factor_R_free_error            0.020 
_refine_ls_shell.percent_reflns_R_free            5.5 
_refine_ls_shell.number_reflns_R_free             190 
_refine_ls_shell.redundancy_reflns_obs            ? 
_refine_ls_shell.number_reflns_all                ? 
_refine_ls_shell.number_reflns_obs                ? 
_refine_ls_shell.pdbx_refine_id                   'X-RAY DIFFRACTION' 
_refine_ls_shell.R_factor_all                     ? 
# 
loop_
_pdbx_xplor_file.serial_no 
_pdbx_xplor_file.param_file 
_pdbx_xplor_file.topol_file 
_pdbx_xplor_file.pdbx_refine_id 
1 PROTEIN_REP.PARAM PROTEIN.TOP 'X-RAY DIFFRACTION' 
2 WATER_REP.PARAM   MSL370.TOP  'X-RAY DIFFRACTION' 
3 MSL370.PAR        ?           'X-RAY DIFFRACTION' 
# 
_struct.entry_id                  1D4J 
_struct.title                     'HIV-1 protease in complex with the inhibitor MSL370' 
_struct.pdbx_model_details        ? 
_struct.pdbx_CASP_flag            ? 
_struct.pdbx_model_type_details   ? 
# 
_struct_keywords.entry_id        1D4J 
_struct_keywords.pdbx_keywords   HYDROLASE 
_struct_keywords.text            'DIMER, HYDROLASE' 
# 
loop_
_struct_asym.id 
_struct_asym.pdbx_blank_PDB_chainid_flag 
_struct_asym.pdbx_modified 
_struct_asym.entity_id 
_struct_asym.details 
A N N 1 ? 
B N N 1 ? 
C N N 2 ? 
D N N 3 ? 
E N N 3 ? 
# 
_struct_ref.id                         1 
_struct_ref.db_name                    UNP 
_struct_ref.db_code                    POL_HV1B1 
_struct_ref.entity_id                  1 
_struct_ref.pdbx_db_accession          P03366 
_struct_ref.pdbx_align_begin           ? 
_struct_ref.pdbx_seq_one_letter_code   ? 
_struct_ref.pdbx_db_isoform            ? 
# 
loop_
_struct_ref_seq.align_id 
_struct_ref_seq.ref_id 
_struct_ref_seq.pdbx_PDB_id_code 
_struct_ref_seq.pdbx_strand_id 
_struct_ref_seq.seq_align_beg 
_struct_ref_seq.pdbx_seq_align_beg_ins_code 
_struct_ref_seq.seq_align_end 
_struct_ref_seq.pdbx_seq_align_end_ins_code 
_struct_ref_seq.pdbx_db_accession 
_struct_ref_seq.db_align_beg 
_struct_ref_seq.pdbx_db_align_beg_ins_code 
_struct_ref_seq.db_align_end 
_struct_ref_seq.pdbx_db_align_end_ins_code 
_struct_ref_seq.pdbx_auth_seq_align_beg 
_struct_ref_seq.pdbx_auth_seq_align_end 
1 1 1D4J A 1 ? 99 ? P03366 69 ? 167 ? 1   99  
2 1 1D4J B 1 ? 99 ? P03366 69 ? 167 ? 101 199 
# 
_pdbx_struct_assembly.id                   1 
_pdbx_struct_assembly.details              author_and_software_defined_assembly 
_pdbx_struct_assembly.method_details       PISA 
_pdbx_struct_assembly.oligomeric_details   dimeric 
_pdbx_struct_assembly.oligomeric_count     2 
# 
loop_
_pdbx_struct_assembly_prop.biol_id 
_pdbx_struct_assembly_prop.type 
_pdbx_struct_assembly_prop.value 
_pdbx_struct_assembly_prop.details 
1 'ABSA (A^2)' 5110 ? 
1 MORE         -39  ? 
1 'SSA (A^2)'  9350 ? 
# 
_pdbx_struct_assembly_gen.assembly_id       1 
_pdbx_struct_assembly_gen.oper_expression   1 
_pdbx_struct_assembly_gen.asym_id_list      A,B,C,D,E 
# 
_pdbx_struct_oper_list.id                   1 
_pdbx_struct_oper_list.type                 'identity operation' 
_pdbx_struct_oper_list.name                 1_555 
_pdbx_struct_oper_list.symmetry_operation   x,y,z 
_pdbx_struct_oper_list.matrix[1][1]         1.0000000000 
_pdbx_struct_oper_list.matrix[1][2]         0.0000000000 
_pdbx_struct_oper_list.matrix[1][3]         0.0000000000 
_pdbx_struct_oper_list.vector[1]            0.0000000000 
_pdbx_struct_oper_list.matrix[2][1]         0.0000000000 
_pdbx_struct_oper_list.matrix[2][2]         1.0000000000 
_pdbx_struct_oper_list.matrix[2][3]         0.0000000000 
_pdbx_struct_oper_list.vector[2]            0.0000000000 
_pdbx_struct_oper_list.matrix[3][1]         0.0000000000 
_pdbx_struct_oper_list.matrix[3][2]         0.0000000000 
_pdbx_struct_oper_list.matrix[3][3]         1.0000000000 
_pdbx_struct_oper_list.vector[3]            0.0000000000 
# 
_struct_biol.id                    1 
_struct_biol.details               
;The biological assembly is a 
 dimer.
;
_struct_biol.pdbx_parent_biol_id   ? 
# 
loop_
_struct_conf.conf_type_id 
_struct_conf.id 
_struct_conf.pdbx_PDB_helix_id 
_struct_conf.beg_label_comp_id 
_struct_conf.beg_label_asym_id 
_struct_conf.beg_label_seq_id 
_struct_conf.pdbx_beg_PDB_ins_code 
_struct_conf.end_label_comp_id 
_struct_conf.end_label_asym_id 
_struct_conf.end_label_seq_id 
_struct_conf.pdbx_end_PDB_ins_code 
_struct_conf.beg_auth_comp_id 
_struct_conf.beg_auth_asym_id 
_struct_conf.beg_auth_seq_id 
_struct_conf.end_auth_comp_id 
_struct_conf.end_auth_asym_id 
_struct_conf.end_auth_seq_id 
_struct_conf.pdbx_PDB_helix_class 
_struct_conf.details 
_struct_conf.pdbx_PDB_helix_length 
HELX_P HELX_P1 1 GLY A 86 ? THR A 91 ? GLY A 86  THR A 91  1 ? 6 
HELX_P HELX_P2 2 GLN A 92 ? GLY A 94 ? GLN A 92  GLY A 94  5 ? 3 
HELX_P HELX_P3 3 GLY B 86 ? THR B 91 ? GLY B 186 THR B 191 1 ? 6 
# 
_struct_conf_type.id          HELX_P 
_struct_conf_type.criteria    ? 
_struct_conf_type.reference   ? 
# 
loop_
_struct_sheet.id 
_struct_sheet.type 
_struct_sheet.number_strands 
_struct_sheet.details 
A ? 4 ? 
B ? 8 ? 
C ? 8 ? 
# 
loop_
_struct_sheet_order.sheet_id 
_struct_sheet_order.range_id_1 
_struct_sheet_order.range_id_2 
_struct_sheet_order.offset 
_struct_sheet_order.sense 
A 1 2 ? anti-parallel 
A 2 3 ? anti-parallel 
A 3 4 ? anti-parallel 
B 1 2 ? anti-parallel 
B 2 3 ? anti-parallel 
B 3 4 ? parallel      
B 4 5 ? anti-parallel 
B 5 6 ? parallel      
B 6 7 ? anti-parallel 
B 7 8 ? anti-parallel 
C 1 2 ? anti-parallel 
C 2 3 ? anti-parallel 
C 3 4 ? anti-parallel 
C 4 5 ? parallel      
C 5 6 ? anti-parallel 
C 6 7 ? parallel      
C 7 8 ? anti-parallel 
# 
loop_
_struct_sheet_range.sheet_id 
_struct_sheet_range.id 
_struct_sheet_range.beg_label_comp_id 
_struct_sheet_range.beg_label_asym_id 
_struct_sheet_range.beg_label_seq_id 
_struct_sheet_range.pdbx_beg_PDB_ins_code 
_struct_sheet_range.end_label_comp_id 
_struct_sheet_range.end_label_asym_id 
_struct_sheet_range.end_label_seq_id 
_struct_sheet_range.pdbx_end_PDB_ins_code 
_struct_sheet_range.beg_auth_comp_id 
_struct_sheet_range.beg_auth_asym_id 
_struct_sheet_range.beg_auth_seq_id 
_struct_sheet_range.end_auth_comp_id 
_struct_sheet_range.end_auth_asym_id 
_struct_sheet_range.end_auth_seq_id 
A 1 GLN A 2  ? ILE A 3  ? GLN A 2   ILE A 3   
A 2 THR B 96 ? ASN B 98 ? THR B 196 ASN B 198 
A 3 THR A 96 ? ASN A 98 ? THR A 96  ASN A 98  
A 4 GLN B 2  ? ILE B 3  ? GLN B 102 ILE B 103 
B 1 LYS A 43 ? GLY A 49 ? LYS A 43  GLY A 49  
B 2 GLY A 52 ? ILE A 66 ? GLY A 52  ILE A 66  
B 3 HIS A 69 ? VAL A 77 ? HIS A 69  VAL A 77  
B 4 THR A 31 ? LEU A 33 ? THR A 31  LEU A 33  
B 5 ILE A 84 ? ILE A 85 ? ILE A 84  ILE A 85  
B 6 GLN A 18 ? LEU A 24 ? GLN A 18  LEU A 24  
B 7 LEU A 10 ? ILE A 15 ? LEU A 10  ILE A 15  
B 8 GLY A 52 ? ILE A 66 ? GLY A 52  ILE A 66  
C 1 LYS B 43 ? GLY B 48 ? LYS B 143 GLY B 148 
C 2 PHE B 53 ? ILE B 66 ? PHE B 153 ILE B 166 
C 3 LEU B 10 ? ILE B 15 ? LEU B 110 ILE B 115 
C 4 GLN B 18 ? LEU B 24 ? GLN B 118 LEU B 124 
C 5 ILE B 84 ? ILE B 85 ? ILE B 184 ILE B 185 
C 6 VAL B 32 ? LEU B 33 ? VAL B 132 LEU B 133 
C 7 HIS B 69 ? VAL B 77 ? HIS B 169 VAL B 177 
C 8 PHE B 53 ? ILE B 66 ? PHE B 153 ILE B 166 
# 
loop_
_pdbx_struct_sheet_hbond.sheet_id 
_pdbx_struct_sheet_hbond.range_id_1 
_pdbx_struct_sheet_hbond.range_id_2 
_pdbx_struct_sheet_hbond.range_1_label_atom_id 
_pdbx_struct_sheet_hbond.range_1_label_comp_id 
_pdbx_struct_sheet_hbond.range_1_label_asym_id 
_pdbx_struct_sheet_hbond.range_1_label_seq_id 
_pdbx_struct_sheet_hbond.range_1_PDB_ins_code 
_pdbx_struct_sheet_hbond.range_1_auth_atom_id 
_pdbx_struct_sheet_hbond.range_1_auth_comp_id 
_pdbx_struct_sheet_hbond.range_1_auth_asym_id 
_pdbx_struct_sheet_hbond.range_1_auth_seq_id 
_pdbx_struct_sheet_hbond.range_2_label_atom_id 
_pdbx_struct_sheet_hbond.range_2_label_comp_id 
_pdbx_struct_sheet_hbond.range_2_label_asym_id 
_pdbx_struct_sheet_hbond.range_2_label_seq_id 
_pdbx_struct_sheet_hbond.range_2_PDB_ins_code 
_pdbx_struct_sheet_hbond.range_2_auth_atom_id 
_pdbx_struct_sheet_hbond.range_2_auth_comp_id 
_pdbx_struct_sheet_hbond.range_2_auth_asym_id 
_pdbx_struct_sheet_hbond.range_2_auth_seq_id 
A 1 2 N ILE A 3  ? N ILE A 3   O LEU B 97 ? O LEU B 197 
A 2 3 O ASN B 98 ? O ASN B 198 N THR A 96 ? N THR A 96  
A 3 4 O LEU A 97 ? O LEU A 97  N ILE B 3  ? N ILE B 103 
B 1 2 N GLY A 49 ? N GLY A 49  O GLY A 52 ? O GLY A 52  
B 2 3 N ILE A 66 ? N ILE A 66  O HIS A 69 ? O HIS A 69  
B 3 4 N LEU A 76 ? N LEU A 76  O THR A 31 ? O THR A 31  
B 4 5 O VAL A 32 ? O VAL A 32  N ILE A 84 ? N ILE A 84  
B 5 6 N ILE A 85 ? N ILE A 85  O LEU A 23 ? O LEU A 23  
B 6 7 N ALA A 22 ? N ALA A 22  O VAL A 11 ? O VAL A 11  
B 7 8 O LYS A 14 ? O LYS A 14  N GLU A 65 ? N GLU A 65  
C 1 2 N ILE B 47 ? N ILE B 147 O ILE B 54 ? O ILE B 154 
C 2 3 N GLU B 65 ? N GLU B 165 O LYS B 14 ? O LYS B 114 
C 3 4 N ILE B 15 ? N ILE B 115 O GLN B 18 ? O GLN B 118 
C 4 5 O LEU B 23 ? O LEU B 123 N ILE B 85 ? N ILE B 185 
C 5 6 N ILE B 84 ? N ILE B 184 O VAL B 32 ? O VAL B 132 
C 6 7 N LEU B 33 ? N LEU B 133 O LEU B 76 ? O LEU B 176 
C 7 8 O VAL B 77 ? O VAL B 177 N ARG B 57 ? N ARG B 157 
# 
_struct_site.id                   AC1 
_struct_site.pdbx_evidence_code   Software 
_struct_site.pdbx_auth_asym_id    B 
_struct_site.pdbx_auth_comp_id    MSC 
_struct_site.pdbx_auth_seq_id     501 
_struct_site.pdbx_auth_ins_code   ? 
_struct_site.pdbx_num_residues    24 
_struct_site.details              'BINDING SITE FOR RESIDUE MSC B 501' 
# 
loop_
_struct_site_gen.id 
_struct_site_gen.site_id 
_struct_site_gen.pdbx_num_res 
_struct_site_gen.label_comp_id 
_struct_site_gen.label_asym_id 
_struct_site_gen.label_seq_id 
_struct_site_gen.pdbx_auth_ins_code 
_struct_site_gen.auth_comp_id 
_struct_site_gen.auth_asym_id 
_struct_site_gen.auth_seq_id 
_struct_site_gen.label_atom_id 
_struct_site_gen.label_alt_id 
_struct_site_gen.symmetry 
_struct_site_gen.details 
1  AC1 24 ARG A 8  ? ARG A 8   . ? 1_555 ? 
2  AC1 24 LEU A 23 ? LEU A 23  . ? 1_555 ? 
3  AC1 24 ASP A 25 ? ASP A 25  . ? 1_555 ? 
4  AC1 24 GLY A 27 ? GLY A 27  . ? 1_555 ? 
5  AC1 24 ALA A 28 ? ALA A 28  . ? 1_555 ? 
6  AC1 24 ASP A 30 ? ASP A 30  . ? 1_555 ? 
7  AC1 24 GLY A 48 ? GLY A 48  . ? 1_555 ? 
8  AC1 24 GLY A 49 ? GLY A 49  . ? 1_555 ? 
9  AC1 24 VAL A 82 ? VAL A 82  . ? 1_555 ? 
10 AC1 24 ILE A 84 ? ILE A 84  . ? 1_555 ? 
11 AC1 24 HOH D .  ? HOH A 301 . ? 1_555 ? 
12 AC1 24 HOH D .  ? HOH A 318 . ? 1_555 ? 
13 AC1 24 ARG B 8  ? ARG B 108 . ? 1_555 ? 
14 AC1 24 LEU B 23 ? LEU B 123 . ? 1_555 ? 
15 AC1 24 ASP B 25 ? ASP B 125 . ? 1_555 ? 
16 AC1 24 GLY B 27 ? GLY B 127 . ? 1_555 ? 
17 AC1 24 ALA B 28 ? ALA B 128 . ? 1_555 ? 
18 AC1 24 ASP B 29 ? ASP B 129 . ? 1_555 ? 
19 AC1 24 ASP B 30 ? ASP B 130 . ? 1_555 ? 
20 AC1 24 GLY B 48 ? GLY B 148 . ? 1_555 ? 
21 AC1 24 GLY B 49 ? GLY B 149 . ? 1_555 ? 
22 AC1 24 PRO B 81 ? PRO B 181 . ? 1_555 ? 
23 AC1 24 VAL B 82 ? VAL B 182 . ? 1_555 ? 
24 AC1 24 HOH E .  ? HOH B 304 . ? 1_555 ? 
# 
loop_
_pdbx_validate_torsion.id 
_pdbx_validate_torsion.PDB_model_num 
_pdbx_validate_torsion.auth_comp_id 
_pdbx_validate_torsion.auth_asym_id 
_pdbx_validate_torsion.auth_seq_id 
_pdbx_validate_torsion.PDB_ins_code 
_pdbx_validate_torsion.label_alt_id 
_pdbx_validate_torsion.phi 
_pdbx_validate_torsion.psi 
1 1 PRO A 79  ? ? -69.62 53.55  
2 1 GLU B 135 ? ? -38.57 127.68 
# 
loop_
_chem_comp_atom.comp_id 
_chem_comp_atom.atom_id 
_chem_comp_atom.type_symbol 
_chem_comp_atom.pdbx_aromatic_flag 
_chem_comp_atom.pdbx_stereo_config 
_chem_comp_atom.pdbx_ordinal 
ALA N    N  N N 1   
ALA CA   C  N S 2   
ALA C    C  N N 3   
ALA O    O  N N 4   
ALA CB   C  N N 5   
ALA OXT  O  N N 6   
ALA H    H  N N 7   
ALA H2   H  N N 8   
ALA HA   H  N N 9   
ALA HB1  H  N N 10  
ALA HB2  H  N N 11  
ALA HB3  H  N N 12  
ALA HXT  H  N N 13  
ARG N    N  N N 14  
ARG CA   C  N S 15  
ARG C    C  N N 16  
ARG O    O  N N 17  
ARG CB   C  N N 18  
ARG CG   C  N N 19  
ARG CD   C  N N 20  
ARG NE   N  N N 21  
ARG CZ   C  N N 22  
ARG NH1  N  N N 23  
ARG NH2  N  N N 24  
ARG OXT  O  N N 25  
ARG H    H  N N 26  
ARG H2   H  N N 27  
ARG HA   H  N N 28  
ARG HB2  H  N N 29  
ARG HB3  H  N N 30  
ARG HG2  H  N N 31  
ARG HG3  H  N N 32  
ARG HD2  H  N N 33  
ARG HD3  H  N N 34  
ARG HE   H  N N 35  
ARG HH11 H  N N 36  
ARG HH12 H  N N 37  
ARG HH21 H  N N 38  
ARG HH22 H  N N 39  
ARG HXT  H  N N 40  
ASN N    N  N N 41  
ASN CA   C  N S 42  
ASN C    C  N N 43  
ASN O    O  N N 44  
ASN CB   C  N N 45  
ASN CG   C  N N 46  
ASN OD1  O  N N 47  
ASN ND2  N  N N 48  
ASN OXT  O  N N 49  
ASN H    H  N N 50  
ASN H2   H  N N 51  
ASN HA   H  N N 52  
ASN HB2  H  N N 53  
ASN HB3  H  N N 54  
ASN HD21 H  N N 55  
ASN HD22 H  N N 56  
ASN HXT  H  N N 57  
ASP N    N  N N 58  
ASP CA   C  N S 59  
ASP C    C  N N 60  
ASP O    O  N N 61  
ASP CB   C  N N 62  
ASP CG   C  N N 63  
ASP OD1  O  N N 64  
ASP OD2  O  N N 65  
ASP OXT  O  N N 66  
ASP H    H  N N 67  
ASP H2   H  N N 68  
ASP HA   H  N N 69  
ASP HB2  H  N N 70  
ASP HB3  H  N N 71  
ASP HD2  H  N N 72  
ASP HXT  H  N N 73  
CYS N    N  N N 74  
CYS CA   C  N R 75  
CYS C    C  N N 76  
CYS O    O  N N 77  
CYS CB   C  N N 78  
CYS SG   S  N N 79  
CYS OXT  O  N N 80  
CYS H    H  N N 81  
CYS H2   H  N N 82  
CYS HA   H  N N 83  
CYS HB2  H  N N 84  
CYS HB3  H  N N 85  
CYS HG   H  N N 86  
CYS HXT  H  N N 87  
GLN N    N  N N 88  
GLN CA   C  N S 89  
GLN C    C  N N 90  
GLN O    O  N N 91  
GLN CB   C  N N 92  
GLN CG   C  N N 93  
GLN CD   C  N N 94  
GLN OE1  O  N N 95  
GLN NE2  N  N N 96  
GLN OXT  O  N N 97  
GLN H    H  N N 98  
GLN H2   H  N N 99  
GLN HA   H  N N 100 
GLN HB2  H  N N 101 
GLN HB3  H  N N 102 
GLN HG2  H  N N 103 
GLN HG3  H  N N 104 
GLN HE21 H  N N 105 
GLN HE22 H  N N 106 
GLN HXT  H  N N 107 
GLU N    N  N N 108 
GLU CA   C  N S 109 
GLU C    C  N N 110 
GLU O    O  N N 111 
GLU CB   C  N N 112 
GLU CG   C  N N 113 
GLU CD   C  N N 114 
GLU OE1  O  N N 115 
GLU OE2  O  N N 116 
GLU OXT  O  N N 117 
GLU H    H  N N 118 
GLU H2   H  N N 119 
GLU HA   H  N N 120 
GLU HB2  H  N N 121 
GLU HB3  H  N N 122 
GLU HG2  H  N N 123 
GLU HG3  H  N N 124 
GLU HE2  H  N N 125 
GLU HXT  H  N N 126 
GLY N    N  N N 127 
GLY CA   C  N N 128 
GLY C    C  N N 129 
GLY O    O  N N 130 
GLY OXT  O  N N 131 
GLY H    H  N N 132 
GLY H2   H  N N 133 
GLY HA2  H  N N 134 
GLY HA3  H  N N 135 
GLY HXT  H  N N 136 
HIS N    N  N N 137 
HIS CA   C  N S 138 
HIS C    C  N N 139 
HIS O    O  N N 140 
HIS CB   C  N N 141 
HIS CG   C  Y N 142 
HIS ND1  N  Y N 143 
HIS CD2  C  Y N 144 
HIS CE1  C  Y N 145 
HIS NE2  N  Y N 146 
HIS OXT  O  N N 147 
HIS H    H  N N 148 
HIS H2   H  N N 149 
HIS HA   H  N N 150 
HIS HB2  H  N N 151 
HIS HB3  H  N N 152 
HIS HD1  H  N N 153 
HIS HD2  H  N N 154 
HIS HE1  H  N N 155 
HIS HE2  H  N N 156 
HIS HXT  H  N N 157 
HOH O    O  N N 158 
HOH H1   H  N N 159 
HOH H2   H  N N 160 
ILE N    N  N N 161 
ILE CA   C  N S 162 
ILE C    C  N N 163 
ILE O    O  N N 164 
ILE CB   C  N S 165 
ILE CG1  C  N N 166 
ILE CG2  C  N N 167 
ILE CD1  C  N N 168 
ILE OXT  O  N N 169 
ILE H    H  N N 170 
ILE H2   H  N N 171 
ILE HA   H  N N 172 
ILE HB   H  N N 173 
ILE HG12 H  N N 174 
ILE HG13 H  N N 175 
ILE HG21 H  N N 176 
ILE HG22 H  N N 177 
ILE HG23 H  N N 178 
ILE HD11 H  N N 179 
ILE HD12 H  N N 180 
ILE HD13 H  N N 181 
ILE HXT  H  N N 182 
LEU N    N  N N 183 
LEU CA   C  N S 184 
LEU C    C  N N 185 
LEU O    O  N N 186 
LEU CB   C  N N 187 
LEU CG   C  N N 188 
LEU CD1  C  N N 189 
LEU CD2  C  N N 190 
LEU OXT  O  N N 191 
LEU H    H  N N 192 
LEU H2   H  N N 193 
LEU HA   H  N N 194 
LEU HB2  H  N N 195 
LEU HB3  H  N N 196 
LEU HG   H  N N 197 
LEU HD11 H  N N 198 
LEU HD12 H  N N 199 
LEU HD13 H  N N 200 
LEU HD21 H  N N 201 
LEU HD22 H  N N 202 
LEU HD23 H  N N 203 
LEU HXT  H  N N 204 
LYS N    N  N N 205 
LYS CA   C  N S 206 
LYS C    C  N N 207 
LYS O    O  N N 208 
LYS CB   C  N N 209 
LYS CG   C  N N 210 
LYS CD   C  N N 211 
LYS CE   C  N N 212 
LYS NZ   N  N N 213 
LYS OXT  O  N N 214 
LYS H    H  N N 215 
LYS H2   H  N N 216 
LYS HA   H  N N 217 
LYS HB2  H  N N 218 
LYS HB3  H  N N 219 
LYS HG2  H  N N 220 
LYS HG3  H  N N 221 
LYS HD2  H  N N 222 
LYS HD3  H  N N 223 
LYS HE2  H  N N 224 
LYS HE3  H  N N 225 
LYS HZ1  H  N N 226 
LYS HZ2  H  N N 227 
LYS HZ3  H  N N 228 
LYS HXT  H  N N 229 
MET N    N  N N 230 
MET CA   C  N S 231 
MET C    C  N N 232 
MET O    O  N N 233 
MET CB   C  N N 234 
MET CG   C  N N 235 
MET SD   S  N N 236 
MET CE   C  N N 237 
MET OXT  O  N N 238 
MET H    H  N N 239 
MET H2   H  N N 240 
MET HA   H  N N 241 
MET HB2  H  N N 242 
MET HB3  H  N N 243 
MET HG2  H  N N 244 
MET HG3  H  N N 245 
MET HE1  H  N N 246 
MET HE2  H  N N 247 
MET HE3  H  N N 248 
MET HXT  H  N N 249 
MSC C01  C  N R 250 
MSC O02  O  N N 251 
MSC C03  C  N R 252 
MSC O04  O  N N 253 
MSC C05  C  N N 254 
MSC C06  C  Y N 255 
MSC C07  C  Y N 256 
MSC C08  C  Y N 257 
MSC C09  C  Y N 258 
MSC C10  C  Y N 259 
MSC C11  C  Y N 260 
MSC C12  C  N N 261 
MSC O13  O  N N 262 
MSC N14  N  N N 263 
MSC C15  C  N S 264 
MSC C16  C  Y N 265 
MSC C17  C  Y N 266 
MSC C18  C  Y N 267 
MSC C19  C  Y N 268 
MSC C20  C  Y N 269 
MSC C21  C  Y N 270 
MSC C22  C  N N 271 
MSC C23  C  N R 272 
MSC O24  O  N N 273 
MSC C31  C  N R 274 
MSC O32  O  N N 275 
MSC C33  C  N R 276 
MSC O34  O  N N 277 
MSC C35  C  N N 278 
MSC C36  C  Y N 279 
MSC C37  C  Y N 280 
MSC C38  C  Y N 281 
MSC C39  C  Y N 282 
MSC C40  C  Y N 283 
MSC C41  C  Y N 284 
MSC C42  C  N N 285 
MSC O43  O  N N 286 
MSC N44  N  N N 287 
MSC C45  C  N N 288 
MSC C46  C  Y N 289 
MSC C47  C  Y N 290 
MSC C48  C  Y N 291 
MSC C49  C  Y N 292 
MSC C50  C  Y N 293 
MSC C51  C  Y N 294 
MSC CL   CL N N 295 
MSC F    F  N N 296 
MSC H011 H  N N 297 
MSC H021 H  N N 298 
MSC H031 H  N N 299 
MSC H051 H  N N 300 
MSC H052 H  N N 301 
MSC H071 H  N N 302 
MSC H081 H  N N 303 
MSC H091 H  N N 304 
MSC H101 H  N N 305 
MSC H111 H  N N 306 
MSC H141 H  N N 307 
MSC H151 H  N N 308 
MSC H171 H  N N 309 
MSC H181 H  N N 310 
MSC H191 H  N N 311 
MSC H201 H  N N 312 
MSC H221 H  N N 313 
MSC H222 H  N N 314 
MSC H231 H  N N 315 
MSC H241 H  N N 316 
MSC H311 H  N N 317 
MSC H321 H  N N 318 
MSC H331 H  N N 319 
MSC H351 H  N N 320 
MSC H352 H  N N 321 
MSC H371 H  N N 322 
MSC H381 H  N N 323 
MSC H391 H  N N 324 
MSC H401 H  N N 325 
MSC H411 H  N N 326 
MSC H441 H  N N 327 
MSC H451 H  N N 328 
MSC H452 H  N N 329 
MSC H481 H  N N 330 
MSC H491 H  N N 331 
MSC H501 H  N N 332 
PHE N    N  N N 333 
PHE CA   C  N S 334 
PHE C    C  N N 335 
PHE O    O  N N 336 
PHE CB   C  N N 337 
PHE CG   C  Y N 338 
PHE CD1  C  Y N 339 
PHE CD2  C  Y N 340 
PHE CE1  C  Y N 341 
PHE CE2  C  Y N 342 
PHE CZ   C  Y N 343 
PHE OXT  O  N N 344 
PHE H    H  N N 345 
PHE H2   H  N N 346 
PHE HA   H  N N 347 
PHE HB2  H  N N 348 
PHE HB3  H  N N 349 
PHE HD1  H  N N 350 
PHE HD2  H  N N 351 
PHE HE1  H  N N 352 
PHE HE2  H  N N 353 
PHE HZ   H  N N 354 
PHE HXT  H  N N 355 
PRO N    N  N N 356 
PRO CA   C  N S 357 
PRO C    C  N N 358 
PRO O    O  N N 359 
PRO CB   C  N N 360 
PRO CG   C  N N 361 
PRO CD   C  N N 362 
PRO OXT  O  N N 363 
PRO H    H  N N 364 
PRO HA   H  N N 365 
PRO HB2  H  N N 366 
PRO HB3  H  N N 367 
PRO HG2  H  N N 368 
PRO HG3  H  N N 369 
PRO HD2  H  N N 370 
PRO HD3  H  N N 371 
PRO HXT  H  N N 372 
SER N    N  N N 373 
SER CA   C  N S 374 
SER C    C  N N 375 
SER O    O  N N 376 
SER CB   C  N N 377 
SER OG   O  N N 378 
SER OXT  O  N N 379 
SER H    H  N N 380 
SER H2   H  N N 381 
SER HA   H  N N 382 
SER HB2  H  N N 383 
SER HB3  H  N N 384 
SER HG   H  N N 385 
SER HXT  H  N N 386 
THR N    N  N N 387 
THR CA   C  N S 388 
THR C    C  N N 389 
THR O    O  N N 390 
THR CB   C  N R 391 
THR OG1  O  N N 392 
THR CG2  C  N N 393 
THR OXT  O  N N 394 
THR H    H  N N 395 
THR H2   H  N N 396 
THR HA   H  N N 397 
THR HB   H  N N 398 
THR HG1  H  N N 399 
THR HG21 H  N N 400 
THR HG22 H  N N 401 
THR HG23 H  N N 402 
THR HXT  H  N N 403 
TRP N    N  N N 404 
TRP CA   C  N S 405 
TRP C    C  N N 406 
TRP O    O  N N 407 
TRP CB   C  N N 408 
TRP CG   C  Y N 409 
TRP CD1  C  Y N 410 
TRP CD2  C  Y N 411 
TRP NE1  N  Y N 412 
TRP CE2  C  Y N 413 
TRP CE3  C  Y N 414 
TRP CZ2  C  Y N 415 
TRP CZ3  C  Y N 416 
TRP CH2  C  Y N 417 
TRP OXT  O  N N 418 
TRP H    H  N N 419 
TRP H2   H  N N 420 
TRP HA   H  N N 421 
TRP HB2  H  N N 422 
TRP HB3  H  N N 423 
TRP HD1  H  N N 424 
TRP HE1  H  N N 425 
TRP HE3  H  N N 426 
TRP HZ2  H  N N 427 
TRP HZ3  H  N N 428 
TRP HH2  H  N N 429 
TRP HXT  H  N N 430 
TYR N    N  N N 431 
TYR CA   C  N S 432 
TYR C    C  N N 433 
TYR O    O  N N 434 
TYR CB   C  N N 435 
TYR CG   C  Y N 436 
TYR CD1  C  Y N 437 
TYR CD2  C  Y N 438 
TYR CE1  C  Y N 439 
TYR CE2  C  Y N 440 
TYR CZ   C  Y N 441 
TYR OH   O  N N 442 
TYR OXT  O  N N 443 
TYR H    H  N N 444 
TYR H2   H  N N 445 
TYR HA   H  N N 446 
TYR HB2  H  N N 447 
TYR HB3  H  N N 448 
TYR HD1  H  N N 449 
TYR HD2  H  N N 450 
TYR HE1  H  N N 451 
TYR HE2  H  N N 452 
TYR HH   H  N N 453 
TYR HXT  H  N N 454 
VAL N    N  N N 455 
VAL CA   C  N S 456 
VAL C    C  N N 457 
VAL O    O  N N 458 
VAL CB   C  N N 459 
VAL CG1  C  N N 460 
VAL CG2  C  N N 461 
VAL OXT  O  N N 462 
VAL H    H  N N 463 
VAL H2   H  N N 464 
VAL HA   H  N N 465 
VAL HB   H  N N 466 
VAL HG11 H  N N 467 
VAL HG12 H  N N 468 
VAL HG13 H  N N 469 
VAL HG21 H  N N 470 
VAL HG22 H  N N 471 
VAL HG23 H  N N 472 
VAL HXT  H  N N 473 
# 
loop_
_chem_comp_bond.comp_id 
_chem_comp_bond.atom_id_1 
_chem_comp_bond.atom_id_2 
_chem_comp_bond.value_order 
_chem_comp_bond.pdbx_aromatic_flag 
_chem_comp_bond.pdbx_stereo_config 
_chem_comp_bond.pdbx_ordinal 
ALA N   CA   sing N N 1   
ALA N   H    sing N N 2   
ALA N   H2   sing N N 3   
ALA CA  C    sing N N 4   
ALA CA  CB   sing N N 5   
ALA CA  HA   sing N N 6   
ALA C   O    doub N N 7   
ALA C   OXT  sing N N 8   
ALA CB  HB1  sing N N 9   
ALA CB  HB2  sing N N 10  
ALA CB  HB3  sing N N 11  
ALA OXT HXT  sing N N 12  
ARG N   CA   sing N N 13  
ARG N   H    sing N N 14  
ARG N   H2   sing N N 15  
ARG CA  C    sing N N 16  
ARG CA  CB   sing N N 17  
ARG CA  HA   sing N N 18  
ARG C   O    doub N N 19  
ARG C   OXT  sing N N 20  
ARG CB  CG   sing N N 21  
ARG CB  HB2  sing N N 22  
ARG CB  HB3  sing N N 23  
ARG CG  CD   sing N N 24  
ARG CG  HG2  sing N N 25  
ARG CG  HG3  sing N N 26  
ARG CD  NE   sing N N 27  
ARG CD  HD2  sing N N 28  
ARG CD  HD3  sing N N 29  
ARG NE  CZ   sing N N 30  
ARG NE  HE   sing N N 31  
ARG CZ  NH1  sing N N 32  
ARG CZ  NH2  doub N N 33  
ARG NH1 HH11 sing N N 34  
ARG NH1 HH12 sing N N 35  
ARG NH2 HH21 sing N N 36  
ARG NH2 HH22 sing N N 37  
ARG OXT HXT  sing N N 38  
ASN N   CA   sing N N 39  
ASN N   H    sing N N 40  
ASN N   H2   sing N N 41  
ASN CA  C    sing N N 42  
ASN CA  CB   sing N N 43  
ASN CA  HA   sing N N 44  
ASN C   O    doub N N 45  
ASN C   OXT  sing N N 46  
ASN CB  CG   sing N N 47  
ASN CB  HB2  sing N N 48  
ASN CB  HB3  sing N N 49  
ASN CG  OD1  doub N N 50  
ASN CG  ND2  sing N N 51  
ASN ND2 HD21 sing N N 52  
ASN ND2 HD22 sing N N 53  
ASN OXT HXT  sing N N 54  
ASP N   CA   sing N N 55  
ASP N   H    sing N N 56  
ASP N   H2   sing N N 57  
ASP CA  C    sing N N 58  
ASP CA  CB   sing N N 59  
ASP CA  HA   sing N N 60  
ASP C   O    doub N N 61  
ASP C   OXT  sing N N 62  
ASP CB  CG   sing N N 63  
ASP CB  HB2  sing N N 64  
ASP CB  HB3  sing N N 65  
ASP CG  OD1  doub N N 66  
ASP CG  OD2  sing N N 67  
ASP OD2 HD2  sing N N 68  
ASP OXT HXT  sing N N 69  
CYS N   CA   sing N N 70  
CYS N   H    sing N N 71  
CYS N   H2   sing N N 72  
CYS CA  C    sing N N 73  
CYS CA  CB   sing N N 74  
CYS CA  HA   sing N N 75  
CYS C   O    doub N N 76  
CYS C   OXT  sing N N 77  
CYS CB  SG   sing N N 78  
CYS CB  HB2  sing N N 79  
CYS CB  HB3  sing N N 80  
CYS SG  HG   sing N N 81  
CYS OXT HXT  sing N N 82  
GLN N   CA   sing N N 83  
GLN N   H    sing N N 84  
GLN N   H2   sing N N 85  
GLN CA  C    sing N N 86  
GLN CA  CB   sing N N 87  
GLN CA  HA   sing N N 88  
GLN C   O    doub N N 89  
GLN C   OXT  sing N N 90  
GLN CB  CG   sing N N 91  
GLN CB  HB2  sing N N 92  
GLN CB  HB3  sing N N 93  
GLN CG  CD   sing N N 94  
GLN CG  HG2  sing N N 95  
GLN CG  HG3  sing N N 96  
GLN CD  OE1  doub N N 97  
GLN CD  NE2  sing N N 98  
GLN NE2 HE21 sing N N 99  
GLN NE2 HE22 sing N N 100 
GLN OXT HXT  sing N N 101 
GLU N   CA   sing N N 102 
GLU N   H    sing N N 103 
GLU N   H2   sing N N 104 
GLU CA  C    sing N N 105 
GLU CA  CB   sing N N 106 
GLU CA  HA   sing N N 107 
GLU C   O    doub N N 108 
GLU C   OXT  sing N N 109 
GLU CB  CG   sing N N 110 
GLU CB  HB2  sing N N 111 
GLU CB  HB3  sing N N 112 
GLU CG  CD   sing N N 113 
GLU CG  HG2  sing N N 114 
GLU CG  HG3  sing N N 115 
GLU CD  OE1  doub N N 116 
GLU CD  OE2  sing N N 117 
GLU OE2 HE2  sing N N 118 
GLU OXT HXT  sing N N 119 
GLY N   CA   sing N N 120 
GLY N   H    sing N N 121 
GLY N   H2   sing N N 122 
GLY CA  C    sing N N 123 
GLY CA  HA2  sing N N 124 
GLY CA  HA3  sing N N 125 
GLY C   O    doub N N 126 
GLY C   OXT  sing N N 127 
GLY OXT HXT  sing N N 128 
HIS N   CA   sing N N 129 
HIS N   H    sing N N 130 
HIS N   H2   sing N N 131 
HIS CA  C    sing N N 132 
HIS CA  CB   sing N N 133 
HIS CA  HA   sing N N 134 
HIS C   O    doub N N 135 
HIS C   OXT  sing N N 136 
HIS CB  CG   sing N N 137 
HIS CB  HB2  sing N N 138 
HIS CB  HB3  sing N N 139 
HIS CG  ND1  sing Y N 140 
HIS CG  CD2  doub Y N 141 
HIS ND1 CE1  doub Y N 142 
HIS ND1 HD1  sing N N 143 
HIS CD2 NE2  sing Y N 144 
HIS CD2 HD2  sing N N 145 
HIS CE1 NE2  sing Y N 146 
HIS CE1 HE1  sing N N 147 
HIS NE2 HE2  sing N N 148 
HIS OXT HXT  sing N N 149 
HOH O   H1   sing N N 150 
HOH O   H2   sing N N 151 
ILE N   CA   sing N N 152 
ILE N   H    sing N N 153 
ILE N   H2   sing N N 154 
ILE CA  C    sing N N 155 
ILE CA  CB   sing N N 156 
ILE CA  HA   sing N N 157 
ILE C   O    doub N N 158 
ILE C   OXT  sing N N 159 
ILE CB  CG1  sing N N 160 
ILE CB  CG2  sing N N 161 
ILE CB  HB   sing N N 162 
ILE CG1 CD1  sing N N 163 
ILE CG1 HG12 sing N N 164 
ILE CG1 HG13 sing N N 165 
ILE CG2 HG21 sing N N 166 
ILE CG2 HG22 sing N N 167 
ILE CG2 HG23 sing N N 168 
ILE CD1 HD11 sing N N 169 
ILE CD1 HD12 sing N N 170 
ILE CD1 HD13 sing N N 171 
ILE OXT HXT  sing N N 172 
LEU N   CA   sing N N 173 
LEU N   H    sing N N 174 
LEU N   H2   sing N N 175 
LEU CA  C    sing N N 176 
LEU CA  CB   sing N N 177 
LEU CA  HA   sing N N 178 
LEU C   O    doub N N 179 
LEU C   OXT  sing N N 180 
LEU CB  CG   sing N N 181 
LEU CB  HB2  sing N N 182 
LEU CB  HB3  sing N N 183 
LEU CG  CD1  sing N N 184 
LEU CG  CD2  sing N N 185 
LEU CG  HG   sing N N 186 
LEU CD1 HD11 sing N N 187 
LEU CD1 HD12 sing N N 188 
LEU CD1 HD13 sing N N 189 
LEU CD2 HD21 sing N N 190 
LEU CD2 HD22 sing N N 191 
LEU CD2 HD23 sing N N 192 
LEU OXT HXT  sing N N 193 
LYS N   CA   sing N N 194 
LYS N   H    sing N N 195 
LYS N   H2   sing N N 196 
LYS CA  C    sing N N 197 
LYS CA  CB   sing N N 198 
LYS CA  HA   sing N N 199 
LYS C   O    doub N N 200 
LYS C   OXT  sing N N 201 
LYS CB  CG   sing N N 202 
LYS CB  HB2  sing N N 203 
LYS CB  HB3  sing N N 204 
LYS CG  CD   sing N N 205 
LYS CG  HG2  sing N N 206 
LYS CG  HG3  sing N N 207 
LYS CD  CE   sing N N 208 
LYS CD  HD2  sing N N 209 
LYS CD  HD3  sing N N 210 
LYS CE  NZ   sing N N 211 
LYS CE  HE2  sing N N 212 
LYS CE  HE3  sing N N 213 
LYS NZ  HZ1  sing N N 214 
LYS NZ  HZ2  sing N N 215 
LYS NZ  HZ3  sing N N 216 
LYS OXT HXT  sing N N 217 
MET N   CA   sing N N 218 
MET N   H    sing N N 219 
MET N   H2   sing N N 220 
MET CA  C    sing N N 221 
MET CA  CB   sing N N 222 
MET CA  HA   sing N N 223 
MET C   O    doub N N 224 
MET C   OXT  sing N N 225 
MET CB  CG   sing N N 226 
MET CB  HB2  sing N N 227 
MET CB  HB3  sing N N 228 
MET CG  SD   sing N N 229 
MET CG  HG2  sing N N 230 
MET CG  HG3  sing N N 231 
MET SD  CE   sing N N 232 
MET CE  HE1  sing N N 233 
MET CE  HE2  sing N N 234 
MET CE  HE3  sing N N 235 
MET OXT HXT  sing N N 236 
MSC C01 O02  sing N N 237 
MSC C01 C03  sing N N 238 
MSC C01 C31  sing N N 239 
MSC C01 H011 sing N N 240 
MSC O02 H021 sing N N 241 
MSC C03 O04  sing N N 242 
MSC C03 C12  sing N N 243 
MSC C03 H031 sing N N 244 
MSC O04 C05  sing N N 245 
MSC C05 C06  sing N N 246 
MSC C05 H051 sing N N 247 
MSC C05 H052 sing N N 248 
MSC C06 C07  doub Y N 249 
MSC C06 C11  sing Y N 250 
MSC C07 C08  sing Y N 251 
MSC C07 H071 sing N N 252 
MSC C08 C09  doub Y N 253 
MSC C08 H081 sing N N 254 
MSC C09 C10  sing Y N 255 
MSC C09 H091 sing N N 256 
MSC C10 C11  doub Y N 257 
MSC C10 H101 sing N N 258 
MSC C11 H111 sing N N 259 
MSC C12 O13  doub N N 260 
MSC C12 N14  sing N N 261 
MSC N14 C15  sing N N 262 
MSC N14 H141 sing N N 263 
MSC C15 C16  sing N N 264 
MSC C15 C23  sing N N 265 
MSC C15 H151 sing N N 266 
MSC C16 C17  doub Y N 267 
MSC C16 C21  sing Y N 268 
MSC C17 C18  sing Y N 269 
MSC C17 H171 sing N N 270 
MSC C18 C19  doub Y N 271 
MSC C18 H181 sing N N 272 
MSC C19 C20  sing Y N 273 
MSC C19 H191 sing N N 274 
MSC C20 C21  doub Y N 275 
MSC C20 H201 sing N N 276 
MSC C21 C22  sing N N 277 
MSC C22 C23  sing N N 278 
MSC C22 H221 sing N N 279 
MSC C22 H222 sing N N 280 
MSC C23 O24  sing N N 281 
MSC C23 H231 sing N N 282 
MSC O24 H241 sing N N 283 
MSC C31 O32  sing N N 284 
MSC C31 C33  sing N N 285 
MSC C31 H311 sing N N 286 
MSC O32 H321 sing N N 287 
MSC C33 O34  sing N N 288 
MSC C33 C42  sing N N 289 
MSC C33 H331 sing N N 290 
MSC O34 C35  sing N N 291 
MSC C35 C36  sing N N 292 
MSC C35 H351 sing N N 293 
MSC C35 H352 sing N N 294 
MSC C36 C37  doub Y N 295 
MSC C36 C41  sing Y N 296 
MSC C37 C38  sing Y N 297 
MSC C37 H371 sing N N 298 
MSC C38 C39  doub Y N 299 
MSC C38 H381 sing N N 300 
MSC C39 C40  sing Y N 301 
MSC C39 H391 sing N N 302 
MSC C40 C41  doub Y N 303 
MSC C40 H401 sing N N 304 
MSC C41 H411 sing N N 305 
MSC C42 O43  doub N N 306 
MSC C42 N44  sing N N 307 
MSC N44 C45  sing N N 308 
MSC N44 H441 sing N N 309 
MSC C45 C46  sing N N 310 
MSC C45 H451 sing N N 311 
MSC C45 H452 sing N N 312 
MSC C46 C47  doub Y N 313 
MSC C46 C51  sing Y N 314 
MSC C47 C48  sing Y N 315 
MSC C47 F    sing N N 316 
MSC C48 C49  doub Y N 317 
MSC C48 H481 sing N N 318 
MSC C49 C50  sing Y N 319 
MSC C49 H491 sing N N 320 
MSC C50 C51  doub Y N 321 
MSC C50 H501 sing N N 322 
MSC C51 CL   sing N N 323 
PHE N   CA   sing N N 324 
PHE N   H    sing N N 325 
PHE N   H2   sing N N 326 
PHE CA  C    sing N N 327 
PHE CA  CB   sing N N 328 
PHE CA  HA   sing N N 329 
PHE C   O    doub N N 330 
PHE C   OXT  sing N N 331 
PHE CB  CG   sing N N 332 
PHE CB  HB2  sing N N 333 
PHE CB  HB3  sing N N 334 
PHE CG  CD1  doub Y N 335 
PHE CG  CD2  sing Y N 336 
PHE CD1 CE1  sing Y N 337 
PHE CD1 HD1  sing N N 338 
PHE CD2 CE2  doub Y N 339 
PHE CD2 HD2  sing N N 340 
PHE CE1 CZ   doub Y N 341 
PHE CE1 HE1  sing N N 342 
PHE CE2 CZ   sing Y N 343 
PHE CE2 HE2  sing N N 344 
PHE CZ  HZ   sing N N 345 
PHE OXT HXT  sing N N 346 
PRO N   CA   sing N N 347 
PRO N   CD   sing N N 348 
PRO N   H    sing N N 349 
PRO CA  C    sing N N 350 
PRO CA  CB   sing N N 351 
PRO CA  HA   sing N N 352 
PRO C   O    doub N N 353 
PRO C   OXT  sing N N 354 
PRO CB  CG   sing N N 355 
PRO CB  HB2  sing N N 356 
PRO CB  HB3  sing N N 357 
PRO CG  CD   sing N N 358 
PRO CG  HG2  sing N N 359 
PRO CG  HG3  sing N N 360 
PRO CD  HD2  sing N N 361 
PRO CD  HD3  sing N N 362 
PRO OXT HXT  sing N N 363 
SER N   CA   sing N N 364 
SER N   H    sing N N 365 
SER N   H2   sing N N 366 
SER CA  C    sing N N 367 
SER CA  CB   sing N N 368 
SER CA  HA   sing N N 369 
SER C   O    doub N N 370 
SER C   OXT  sing N N 371 
SER CB  OG   sing N N 372 
SER CB  HB2  sing N N 373 
SER CB  HB3  sing N N 374 
SER OG  HG   sing N N 375 
SER OXT HXT  sing N N 376 
THR N   CA   sing N N 377 
THR N   H    sing N N 378 
THR N   H2   sing N N 379 
THR CA  C    sing N N 380 
THR CA  CB   sing N N 381 
THR CA  HA   sing N N 382 
THR C   O    doub N N 383 
THR C   OXT  sing N N 384 
THR CB  OG1  sing N N 385 
THR CB  CG2  sing N N 386 
THR CB  HB   sing N N 387 
THR OG1 HG1  sing N N 388 
THR CG2 HG21 sing N N 389 
THR CG2 HG22 sing N N 390 
THR CG2 HG23 sing N N 391 
THR OXT HXT  sing N N 392 
TRP N   CA   sing N N 393 
TRP N   H    sing N N 394 
TRP N   H2   sing N N 395 
TRP CA  C    sing N N 396 
TRP CA  CB   sing N N 397 
TRP CA  HA   sing N N 398 
TRP C   O    doub N N 399 
TRP C   OXT  sing N N 400 
TRP CB  CG   sing N N 401 
TRP CB  HB2  sing N N 402 
TRP CB  HB3  sing N N 403 
TRP CG  CD1  doub Y N 404 
TRP CG  CD2  sing Y N 405 
TRP CD1 NE1  sing Y N 406 
TRP CD1 HD1  sing N N 407 
TRP CD2 CE2  doub Y N 408 
TRP CD2 CE3  sing Y N 409 
TRP NE1 CE2  sing Y N 410 
TRP NE1 HE1  sing N N 411 
TRP CE2 CZ2  sing Y N 412 
TRP CE3 CZ3  doub Y N 413 
TRP CE3 HE3  sing N N 414 
TRP CZ2 CH2  doub Y N 415 
TRP CZ2 HZ2  sing N N 416 
TRP CZ3 CH2  sing Y N 417 
TRP CZ3 HZ3  sing N N 418 
TRP CH2 HH2  sing N N 419 
TRP OXT HXT  sing N N 420 
TYR N   CA   sing N N 421 
TYR N   H    sing N N 422 
TYR N   H2   sing N N 423 
TYR CA  C    sing N N 424 
TYR CA  CB   sing N N 425 
TYR CA  HA   sing N N 426 
TYR C   O    doub N N 427 
TYR C   OXT  sing N N 428 
TYR CB  CG   sing N N 429 
TYR CB  HB2  sing N N 430 
TYR CB  HB3  sing N N 431 
TYR CG  CD1  doub Y N 432 
TYR CG  CD2  sing Y N 433 
TYR CD1 CE1  sing Y N 434 
TYR CD1 HD1  sing N N 435 
TYR CD2 CE2  doub Y N 436 
TYR CD2 HD2  sing N N 437 
TYR CE1 CZ   doub Y N 438 
TYR CE1 HE1  sing N N 439 
TYR CE2 CZ   sing Y N 440 
TYR CE2 HE2  sing N N 441 
TYR CZ  OH   sing N N 442 
TYR OH  HH   sing N N 443 
TYR OXT HXT  sing N N 444 
VAL N   CA   sing N N 445 
VAL N   H    sing N N 446 
VAL N   H2   sing N N 447 
VAL CA  C    sing N N 448 
VAL CA  CB   sing N N 449 
VAL CA  HA   sing N N 450 
VAL C   O    doub N N 451 
VAL C   OXT  sing N N 452 
VAL CB  CG1  sing N N 453 
VAL CB  CG2  sing N N 454 
VAL CB  HB   sing N N 455 
VAL CG1 HG11 sing N N 456 
VAL CG1 HG12 sing N N 457 
VAL CG1 HG13 sing N N 458 
VAL CG2 HG21 sing N N 459 
VAL CG2 HG22 sing N N 460 
VAL CG2 HG23 sing N N 461 
VAL OXT HXT  sing N N 462 
# 
_atom_sites.entry_id                    1D4J 
_atom_sites.fract_transf_matrix[1][1]   0.00555506 
_atom_sites.fract_transf_matrix[1][2]   -0.01561753 
_atom_sites.fract_transf_matrix[1][3]   -0.00383097 
_atom_sites.fract_transf_matrix[2][1]   -0.00813525 
_atom_sites.fract_transf_matrix[2][2]   -0.00456720 
_atom_sites.fract_transf_matrix[2][3]   0.00682245 
_atom_sites.fract_transf_matrix[3][1]   -0.01354483 
_atom_sites.fract_transf_matrix[3][2]   -0.00073521 
_atom_sites.fract_transf_matrix[3][3]   -0.01664334 
_atom_sites.fract_transf_vector[1]      0.268388 
_atom_sites.fract_transf_vector[2]      0.307330 
_atom_sites.fract_transf_vector[3]      0.079113 
# 
loop_
_atom_type.symbol 
C  
CL 
F  
N  
O  
S  
# 
loop_
_atom_site.group_PDB 
_atom_site.id 
_atom_site.type_symbol 
_atom_site.label_atom_id 
_atom_site.label_alt_id 
_atom_site.label_comp_id 
_atom_site.label_asym_id 
_atom_site.label_entity_id 
_atom_site.label_seq_id 
_atom_site.pdbx_PDB_ins_code 
_atom_site.Cartn_x 
_atom_site.Cartn_y 
_atom_site.Cartn_z 
_atom_site.occupancy 
_atom_site.B_iso_or_equiv 
_atom_site.pdbx_formal_charge 
_atom_site.auth_seq_id 
_atom_site.auth_comp_id 
_atom_site.auth_asym_id 
_atom_site.auth_atom_id 
_atom_site.pdbx_PDB_model_num 
ATOM   1    N  N   . PRO A 1 1  ? -6.302  -17.761 3.783   1.00 33.40 ? 1   PRO A N   1 
ATOM   2    C  CA  . PRO A 1 1  ? -4.963  -18.125 3.272   1.00 33.25 ? 1   PRO A CA  1 
ATOM   3    C  C   . PRO A 1 1  ? -3.883  -17.215 3.838   1.00 32.87 ? 1   PRO A C   1 
ATOM   4    O  O   . PRO A 1 1  ? -4.178  -16.176 4.429   1.00 32.33 ? 1   PRO A O   1 
ATOM   5    C  CB  . PRO A 1 1  ? -5.022  -17.993 1.758   1.00 33.59 ? 1   PRO A CB  1 
ATOM   6    C  CG  . PRO A 1 1  ? -6.087  -16.919 1.599   1.00 33.96 ? 1   PRO A CG  1 
ATOM   7    C  CD  . PRO A 1 1  ? -7.134  -17.253 2.677   1.00 33.46 ? 1   PRO A CD  1 
ATOM   8    N  N   . GLN A 1 2  ? -2.631  -17.623 3.668   1.00 32.52 ? 2   GLN A N   1 
ATOM   9    C  CA  . GLN A 1 2  ? -1.502  -16.828 4.121   1.00 32.30 ? 2   GLN A CA  1 
ATOM   10   C  C   . GLN A 1 2  ? -0.773  -16.417 2.853   1.00 31.52 ? 2   GLN A C   1 
ATOM   11   O  O   . GLN A 1 2  ? -0.328  -17.266 2.079   1.00 31.37 ? 2   GLN A O   1 
ATOM   12   C  CB  . GLN A 1 2  ? -0.567  -17.640 5.015   1.00 33.49 ? 2   GLN A CB  1 
ATOM   13   C  CG  . GLN A 1 2  ? 0.600   -16.812 5.539   1.00 35.29 ? 2   GLN A CG  1 
ATOM   14   C  CD  . GLN A 1 2  ? 1.488   -17.578 6.492   1.00 36.48 ? 2   GLN A CD  1 
ATOM   15   O  OE1 . GLN A 1 2  ? 2.217   -18.484 6.088   1.00 37.38 ? 2   GLN A OE1 1 
ATOM   16   N  NE2 . GLN A 1 2  ? 1.428   -17.221 7.772   1.00 37.11 ? 2   GLN A NE2 1 
ATOM   17   N  N   . ILE A 1 3  ? -0.663  -15.113 2.639   1.00 29.87 ? 3   ILE A N   1 
ATOM   18   C  CA  . ILE A 1 3  ? -0.024  -14.596 1.447   1.00 28.65 ? 3   ILE A CA  1 
ATOM   19   C  C   . ILE A 1 3  ? 1.333   -13.978 1.749   1.00 27.77 ? 3   ILE A C   1 
ATOM   20   O  O   . ILE A 1 3  ? 1.445   -13.073 2.573   1.00 26.83 ? 3   ILE A O   1 
ATOM   21   C  CB  . ILE A 1 3  ? -0.939  -13.555 0.773   1.00 28.88 ? 3   ILE A CB  1 
ATOM   22   C  CG1 . ILE A 1 3  ? -2.284  -14.209 0.441   1.00 29.42 ? 3   ILE A CG1 1 
ATOM   23   C  CG2 . ILE A 1 3  ? -0.285  -13.002 -0.483  1.00 29.01 ? 3   ILE A CG2 1 
ATOM   24   C  CD1 . ILE A 1 3  ? -3.311  -13.251 -0.108  1.00 30.55 ? 3   ILE A CD1 1 
ATOM   25   N  N   . THR A 1 4  ? 2.365   -14.497 1.089   1.00 26.59 ? 4   THR A N   1 
ATOM   26   C  CA  . THR A 1 4  ? 3.719   -13.989 1.263   1.00 26.06 ? 4   THR A CA  1 
ATOM   27   C  C   . THR A 1 4  ? 3.861   -12.759 0.377   1.00 25.03 ? 4   THR A C   1 
ATOM   28   O  O   . THR A 1 4  ? 3.051   -12.543 -0.529  1.00 24.97 ? 4   THR A O   1 
ATOM   29   C  CB  . THR A 1 4  ? 4.778   -15.047 0.878   1.00 26.18 ? 4   THR A CB  1 
ATOM   30   O  OG1 . THR A 1 4  ? 4.538   -15.510 -0.456  1.00 27.13 ? 4   THR A OG1 1 
ATOM   31   C  CG2 . THR A 1 4  ? 4.717   -16.226 1.843   1.00 27.15 ? 4   THR A CG2 1 
ATOM   32   N  N   . LEU A 1 5  ? 4.894   -11.963 0.621   1.00 23.83 ? 5   LEU A N   1 
ATOM   33   C  CA  . LEU A 1 5  ? 5.070   -10.731 -0.134  1.00 23.29 ? 5   LEU A CA  1 
ATOM   34   C  C   . LEU A 1 5  ? 6.273   -10.686 -1.070  1.00 23.40 ? 5   LEU A C   1 
ATOM   35   O  O   . LEU A 1 5  ? 6.777   -9.608  -1.398  1.00 22.71 ? 5   LEU A O   1 
ATOM   36   C  CB  . LEU A 1 5  ? 5.101   -9.552  0.850   1.00 22.12 ? 5   LEU A CB  1 
ATOM   37   C  CG  . LEU A 1 5  ? 3.825   -9.468  1.709   1.00 22.23 ? 5   LEU A CG  1 
ATOM   38   C  CD1 . LEU A 1 5  ? 3.980   -8.423  2.810   1.00 20.91 ? 5   LEU A CD1 1 
ATOM   39   C  CD2 . LEU A 1 5  ? 2.642   -9.133  0.823   1.00 21.94 ? 5   LEU A CD2 1 
ATOM   40   N  N   . TRP A 1 6  ? 6.720   -11.856 -1.515  1.00 23.79 ? 6   TRP A N   1 
ATOM   41   C  CA  . TRP A 1 6  ? 7.836   -11.928 -2.446  1.00 24.57 ? 6   TRP A CA  1 
ATOM   42   C  C   . TRP A 1 6  ? 7.396   -11.286 -3.753  1.00 24.37 ? 6   TRP A C   1 
ATOM   43   O  O   . TRP A 1 6  ? 8.196   -10.675 -4.456  1.00 24.97 ? 6   TRP A O   1 
ATOM   44   C  CB  . TRP A 1 6  ? 8.238   -13.386 -2.692  1.00 24.65 ? 6   TRP A CB  1 
ATOM   45   C  CG  . TRP A 1 6  ? 8.694   -14.078 -1.455  1.00 25.78 ? 6   TRP A CG  1 
ATOM   46   C  CD1 . TRP A 1 6  ? 8.049   -15.081 -0.789  1.00 25.80 ? 6   TRP A CD1 1 
ATOM   47   C  CD2 . TRP A 1 6  ? 9.897   -13.818 -0.724  1.00 26.30 ? 6   TRP A CD2 1 
ATOM   48   N  NE1 . TRP A 1 6  ? 8.780   -15.463 0.310   1.00 26.53 ? 6   TRP A NE1 1 
ATOM   49   C  CE2 . TRP A 1 6  ? 9.918   -14.703 0.374   1.00 26.87 ? 6   TRP A CE2 1 
ATOM   50   C  CE3 . TRP A 1 6  ? 10.960  -12.923 -0.893  1.00 27.52 ? 6   TRP A CE3 1 
ATOM   51   C  CZ2 . TRP A 1 6  ? 10.964  -14.723 1.303   1.00 27.76 ? 6   TRP A CZ2 1 
ATOM   52   C  CZ3 . TRP A 1 6  ? 12.002  -12.942 0.030   1.00 27.88 ? 6   TRP A CZ3 1 
ATOM   53   C  CH2 . TRP A 1 6  ? 11.995  -13.837 1.113   1.00 28.09 ? 6   TRP A CH2 1 
ATOM   54   N  N   . GLN A 1 7  ? 6.113   -11.435 -4.073  1.00 24.53 ? 7   GLN A N   1 
ATOM   55   C  CA  . GLN A 1 7  ? 5.536   -10.860 -5.284  1.00 24.64 ? 7   GLN A CA  1 
ATOM   56   C  C   . GLN A 1 7  ? 4.391   -9.958  -4.829  1.00 23.84 ? 7   GLN A C   1 
ATOM   57   O  O   . GLN A 1 7  ? 3.997   -10.000 -3.665  1.00 23.17 ? 7   GLN A O   1 
ATOM   58   C  CB  . GLN A 1 7  ? 4.965   -11.957 -6.196  1.00 26.72 ? 7   GLN A CB  1 
ATOM   59   C  CG  . GLN A 1 7  ? 5.915   -13.108 -6.518  1.00 30.14 ? 7   GLN A CG  1 
ATOM   60   C  CD  . GLN A 1 7  ? 7.199   -12.646 -7.171  1.00 32.34 ? 7   GLN A CD  1 
ATOM   61   O  OE1 . GLN A 1 7  ? 7.194   -11.750 -8.028  1.00 34.65 ? 7   GLN A OE1 1 
ATOM   62   N  NE2 . GLN A 1 7  ? 8.314   -13.273 -6.793  1.00 33.54 ? 7   GLN A NE2 1 
ATOM   63   N  N   . ARG A 1 8  ? 3.863   -9.143  -5.737  1.00 23.10 ? 8   ARG A N   1 
ATOM   64   C  CA  . ARG A 1 8  ? 2.744   -8.275  -5.383  1.00 23.47 ? 8   ARG A CA  1 
ATOM   65   C  C   . ARG A 1 8  ? 1.583   -9.181  -5.001  1.00 23.56 ? 8   ARG A C   1 
ATOM   66   O  O   . ARG A 1 8  ? 1.321   -10.180 -5.675  1.00 23.87 ? 8   ARG A O   1 
ATOM   67   C  CB  . ARG A 1 8  ? 2.343   -7.395  -6.568  1.00 23.26 ? 8   ARG A CB  1 
ATOM   68   C  CG  . ARG A 1 8  ? 3.337   -6.291  -6.879  1.00 24.14 ? 8   ARG A CG  1 
ATOM   69   C  CD  . ARG A 1 8  ? 2.852   -5.407  -8.020  1.00 24.77 ? 8   ARG A CD  1 
ATOM   70   N  NE  . ARG A 1 8  ? 3.659   -4.195  -8.127  1.00 25.45 ? 8   ARG A NE  1 
ATOM   71   C  CZ  . ARG A 1 8  ? 3.430   -3.210  -8.989  1.00 26.17 ? 8   ARG A CZ  1 
ATOM   72   N  NH1 . ARG A 1 8  ? 2.406   -3.284  -9.839  1.00 26.33 ? 8   ARG A NH1 1 
ATOM   73   N  NH2 . ARG A 1 8  ? 4.222   -2.145  -9.000  1.00 26.02 ? 8   ARG A NH2 1 
ATOM   74   N  N   . PRO A 1 9  ? 0.882   -8.860  -3.902  1.00 23.24 ? 9   PRO A N   1 
ATOM   75   C  CA  . PRO A 1 9  ? -0.249  -9.683  -3.466  1.00 23.45 ? 9   PRO A CA  1 
ATOM   76   C  C   . PRO A 1 9  ? -1.512  -9.408  -4.277  1.00 23.89 ? 9   PRO A C   1 
ATOM   77   O  O   . PRO A 1 9  ? -2.405  -8.689  -3.841  1.00 23.42 ? 9   PRO A O   1 
ATOM   78   C  CB  . PRO A 1 9  ? -0.390  -9.308  -1.994  1.00 22.72 ? 9   PRO A CB  1 
ATOM   79   C  CG  . PRO A 1 9  ? -0.036  -7.852  -2.005  1.00 22.97 ? 9   PRO A CG  1 
ATOM   80   C  CD  . PRO A 1 9  ? 1.174   -7.799  -2.918  1.00 23.09 ? 9   PRO A CD  1 
ATOM   81   N  N   . LEU A 1 10 ? -1.571  -10.000 -5.466  1.00 24.78 ? 10  LEU A N   1 
ATOM   82   C  CA  . LEU A 1 10 ? -2.708  -9.836  -6.365  1.00 25.55 ? 10  LEU A CA  1 
ATOM   83   C  C   . LEU A 1 10 ? -3.725  -10.949 -6.167  1.00 25.99 ? 10  LEU A C   1 
ATOM   84   O  O   . LEU A 1 10 ? -3.363  -12.121 -6.028  1.00 25.85 ? 10  LEU A O   1 
ATOM   85   C  CB  . LEU A 1 10 ? -2.234  -9.847  -7.819  1.00 26.16 ? 10  LEU A CB  1 
ATOM   86   C  CG  . LEU A 1 10 ? -1.304  -8.725  -8.281  1.00 27.02 ? 10  LEU A CG  1 
ATOM   87   C  CD1 . LEU A 1 10 ? -0.840  -9.011  -9.700  1.00 27.70 ? 10  LEU A CD1 1 
ATOM   88   C  CD2 . LEU A 1 10 ? -2.030  -7.388  -8.219  1.00 27.33 ? 10  LEU A CD2 1 
ATOM   89   N  N   . VAL A 1 11 ? -4.998  -10.576 -6.149  1.00 26.36 ? 11  VAL A N   1 
ATOM   90   C  CA  . VAL A 1 11 ? -6.076  -11.539 -5.990  1.00 27.05 ? 11  VAL A CA  1 
ATOM   91   C  C   . VAL A 1 11 ? -7.164  -11.228 -7.004  1.00 27.58 ? 11  VAL A C   1 
ATOM   92   O  O   . VAL A 1 11 ? -7.174  -10.153 -7.613  1.00 27.01 ? 11  VAL A O   1 
ATOM   93   C  CB  . VAL A 1 11 ? -6.704  -11.491 -4.575  1.00 27.18 ? 11  VAL A CB  1 
ATOM   94   C  CG1 . VAL A 1 11 ? -5.676  -11.882 -3.535  1.00 27.33 ? 11  VAL A CG1 1 
ATOM   95   C  CG2 . VAL A 1 11 ? -7.252  -10.099 -4.293  1.00 27.34 ? 11  VAL A CG2 1 
ATOM   96   N  N   . THR A 1 12 ? -8.076  -12.174 -7.194  1.00 28.10 ? 12  THR A N   1 
ATOM   97   C  CA  . THR A 1 12 ? -9.167  -11.969 -8.129  1.00 29.18 ? 12  THR A CA  1 
ATOM   98   C  C   . THR A 1 12 ? -10.367 -11.479 -7.342  1.00 29.21 ? 12  THR A C   1 
ATOM   99   O  O   . THR A 1 12 ? -10.665 -11.991 -6.267  1.00 29.55 ? 12  THR A O   1 
ATOM   100  C  CB  . THR A 1 12 ? -9.554  -13.274 -8.859  1.00 29.66 ? 12  THR A CB  1 
ATOM   101  O  OG1 . THR A 1 12 ? -8.413  -13.789 -9.556  1.00 31.09 ? 12  THR A OG1 1 
ATOM   102  C  CG2 . THR A 1 12 ? -10.668 -13.008 -9.860  1.00 30.56 ? 12  THR A CG2 1 
ATOM   103  N  N   . ILE A 1 13 ? -11.040 -10.469 -7.871  1.00 29.25 ? 13  ILE A N   1 
ATOM   104  C  CA  . ILE A 1 13 ? -12.214 -9.930  -7.211  1.00 29.94 ? 13  ILE A CA  1 
ATOM   105  C  C   . ILE A 1 13 ? -13.366 -9.958  -8.199  1.00 30.73 ? 13  ILE A C   1 
ATOM   106  O  O   . ILE A 1 13 ? -13.156 -9.986  -9.413  1.00 30.34 ? 13  ILE A O   1 
ATOM   107  C  CB  . ILE A 1 13 ? -11.996 -8.474  -6.741  1.00 29.62 ? 13  ILE A CB  1 
ATOM   108  C  CG1 . ILE A 1 13 ? -11.776 -7.559  -7.949  1.00 29.36 ? 13  ILE A CG1 1 
ATOM   109  C  CG2 . ILE A 1 13 ? -10.794 -8.406  -5.802  1.00 29.26 ? 13  ILE A CG2 1 
ATOM   110  C  CD1 . ILE A 1 13 ? -11.869 -6.090  -7.617  1.00 29.43 ? 13  ILE A CD1 1 
ATOM   111  N  N   . LYS A 1 14 ? -14.579 -9.968  -7.668  1.00 31.77 ? 14  LYS A N   1 
ATOM   112  C  CA  . LYS A 1 14 ? -15.774 -9.977  -8.493  1.00 33.53 ? 14  LYS A CA  1 
ATOM   113  C  C   . LYS A 1 14 ? -16.604 -8.776  -8.069  1.00 33.87 ? 14  LYS A C   1 
ATOM   114  O  O   . LYS A 1 14 ? -16.971 -8.644  -6.901  1.00 33.82 ? 14  LYS A O   1 
ATOM   115  C  CB  . LYS A 1 14 ? -16.552 -11.279 -8.279  1.00 34.52 ? 14  LYS A CB  1 
ATOM   116  C  CG  . LYS A 1 14 ? -17.650 -11.537 -9.303  1.00 36.63 ? 14  LYS A CG  1 
ATOM   117  C  CD  . LYS A 1 14 ? -18.084 -13.001 -9.263  1.00 38.16 ? 14  LYS A CD  1 
ATOM   118  C  CE  . LYS A 1 14 ? -19.155 -13.313 -10.303 1.00 39.22 ? 14  LYS A CE  1 
ATOM   119  N  NZ  . LYS A 1 14 ? -20.458 -12.652 -9.996  1.00 40.36 ? 14  LYS A NZ  1 
ATOM   120  N  N   . ILE A 1 15 ? -16.866 -7.885  -9.015  1.00 34.51 ? 15  ILE A N   1 
ATOM   121  C  CA  . ILE A 1 15 ? -17.649 -6.692  -8.736  1.00 35.79 ? 15  ILE A CA  1 
ATOM   122  C  C   . ILE A 1 15 ? -18.561 -6.396  -9.917  1.00 36.88 ? 15  ILE A C   1 
ATOM   123  O  O   . ILE A 1 15 ? -18.099 -6.211  -11.043 1.00 36.59 ? 15  ILE A O   1 
ATOM   124  C  CB  . ILE A 1 15 ? -16.735 -5.471  -8.463  1.00 35.65 ? 15  ILE A CB  1 
ATOM   125  C  CG1 . ILE A 1 15 ? -17.589 -4.215  -8.281  1.00 35.75 ? 15  ILE A CG1 1 
ATOM   126  C  CG2 . ILE A 1 15 ? -15.738 -5.297  -9.599  1.00 35.81 ? 15  ILE A CG2 1 
ATOM   127  C  CD1 . ILE A 1 15 ? -16.803 -2.979  -7.889  1.00 36.11 ? 15  ILE A CD1 1 
ATOM   128  N  N   . GLY A 1 16 ? -19.862 -6.367  -9.649  1.00 38.05 ? 16  GLY A N   1 
ATOM   129  C  CA  . GLY A 1 16 ? -20.830 -6.098  -10.697 1.00 39.34 ? 16  GLY A CA  1 
ATOM   130  C  C   . GLY A 1 16 ? -20.804 -7.163  -11.776 1.00 39.94 ? 16  GLY A C   1 
ATOM   131  O  O   . GLY A 1 16 ? -20.873 -6.852  -12.966 1.00 40.58 ? 16  GLY A O   1 
ATOM   132  N  N   . GLY A 1 17 ? -20.702 -8.421  -11.359 1.00 40.53 ? 17  GLY A N   1 
ATOM   133  C  CA  . GLY A 1 17 ? -20.669 -9.515  -12.312 1.00 40.87 ? 17  GLY A CA  1 
ATOM   134  C  C   . GLY A 1 17 ? -19.421 -9.519  -13.176 1.00 41.22 ? 17  GLY A C   1 
ATOM   135  O  O   . GLY A 1 17 ? -19.405 -10.115 -14.256 1.00 41.69 ? 17  GLY A O   1 
ATOM   136  N  N   . GLN A 1 18 ? -18.370 -8.854  -12.708 1.00 40.73 ? 18  GLN A N   1 
ATOM   137  C  CA  . GLN A 1 18 ? -17.117 -8.789  -13.452 1.00 40.18 ? 18  GLN A CA  1 
ATOM   138  C  C   . GLN A 1 18 ? -15.939 -9.281  -12.623 1.00 39.14 ? 18  GLN A C   1 
ATOM   139  O  O   . GLN A 1 18 ? -15.832 -8.974  -11.437 1.00 38.49 ? 18  GLN A O   1 
ATOM   140  C  CB  . GLN A 1 18 ? -16.828 -7.354  -13.893 1.00 41.15 ? 18  GLN A CB  1 
ATOM   141  C  CG  . GLN A 1 18 ? -17.820 -6.763  -14.871 1.00 42.64 ? 18  GLN A CG  1 
ATOM   142  C  CD  . GLN A 1 18 ? -17.443 -5.349  -15.266 1.00 43.45 ? 18  GLN A CD  1 
ATOM   143  O  OE1 . GLN A 1 18 ? -16.346 -5.107  -15.775 1.00 44.08 ? 18  GLN A OE1 1 
ATOM   144  N  NE2 . GLN A 1 18 ? -18.350 -4.406  -15.032 1.00 44.22 ? 18  GLN A NE2 1 
ATOM   145  N  N   . LEU A 1 19 ? -15.055 -10.047 -13.253 1.00 38.13 ? 19  LEU A N   1 
ATOM   146  C  CA  . LEU A 1 19 ? -13.869 -10.548 -12.576 1.00 36.99 ? 19  LEU A CA  1 
ATOM   147  C  C   . LEU A 1 19 ? -12.714 -9.618  -12.913 1.00 35.93 ? 19  LEU A C   1 
ATOM   148  O  O   . LEU A 1 19 ? -12.493 -9.282  -14.078 1.00 35.81 ? 19  LEU A O   1 
ATOM   149  C  CB  . LEU A 1 19 ? -13.534 -11.969 -13.031 1.00 37.59 ? 19  LEU A CB  1 
ATOM   150  C  CG  . LEU A 1 19 ? -14.473 -13.085 -12.575 1.00 38.18 ? 19  LEU A CG  1 
ATOM   151  C  CD1 . LEU A 1 19 ? -13.959 -14.419 -13.100 1.00 38.57 ? 19  LEU A CD1 1 
ATOM   152  C  CD2 . LEU A 1 19 ? -14.555 -13.109 -11.056 1.00 38.33 ? 19  LEU A CD2 1 
ATOM   153  N  N   . LYS A 1 20 ? -11.987 -9.193  -11.888 1.00 34.24 ? 20  LYS A N   1 
ATOM   154  C  CA  . LYS A 1 20 ? -10.856 -8.296  -12.077 1.00 32.83 ? 20  LYS A CA  1 
ATOM   155  C  C   . LYS A 1 20 ? -9.729  -8.698  -11.140 1.00 31.59 ? 20  LYS A C   1 
ATOM   156  O  O   . LYS A 1 20 ? -9.961  -9.345  -10.121 1.00 31.29 ? 20  LYS A O   1 
ATOM   157  C  CB  . LYS A 1 20 ? -11.269 -6.853  -11.779 1.00 33.19 ? 20  LYS A CB  1 
ATOM   158  C  CG  . LYS A 1 20 ? -12.256 -6.247  -12.770 1.00 33.96 ? 20  LYS A CG  1 
ATOM   159  C  CD  . LYS A 1 20 ? -12.642 -4.840  -12.344 1.00 34.42 ? 20  LYS A CD  1 
ATOM   160  C  CE  . LYS A 1 20 ? -13.515 -4.149  -13.384 1.00 35.34 ? 20  LYS A CE  1 
ATOM   161  N  NZ  . LYS A 1 20 ? -12.764 -3.871  -14.642 1.00 35.84 ? 20  LYS A NZ  1 
ATOM   162  N  N   . GLU A 1 21 ? -8.506  -8.325  -11.495 1.00 30.31 ? 21  GLU A N   1 
ATOM   163  C  CA  . GLU A 1 21 ? -7.356  -8.634  -10.658 1.00 28.79 ? 21  GLU A CA  1 
ATOM   164  C  C   . GLU A 1 21 ? -7.099  -7.374  -9.837  1.00 27.04 ? 21  GLU A C   1 
ATOM   165  O  O   . GLU A 1 21 ? -7.159  -6.266  -10.366 1.00 26.24 ? 21  GLU A O   1 
ATOM   166  C  CB  . GLU A 1 21 ? -6.139  -8.970  -11.524 1.00 30.48 ? 21  GLU A CB  1 
ATOM   167  C  CG  . GLU A 1 21 ? -4.946  -9.475  -10.729 1.00 33.19 ? 21  GLU A CG  1 
ATOM   168  C  CD  . GLU A 1 21 ? -3.793  -9.929  -11.611 1.00 34.86 ? 21  GLU A CD  1 
ATOM   169  O  OE1 . GLU A 1 21 ? -3.295  -9.110  -12.414 1.00 36.10 ? 21  GLU A OE1 1 
ATOM   170  O  OE2 . GLU A 1 21 ? -3.384  -11.106 -11.495 1.00 35.75 ? 21  GLU A OE2 1 
ATOM   171  N  N   . ALA A 1 22 ? -6.839  -7.540  -8.545  1.00 25.36 ? 22  ALA A N   1 
ATOM   172  C  CA  . ALA A 1 22 ? -6.606  -6.392  -7.684  1.00 23.63 ? 22  ALA A CA  1 
ATOM   173  C  C   . ALA A 1 22 ? -5.503  -6.653  -6.676  1.00 22.69 ? 22  ALA A C   1 
ATOM   174  O  O   . ALA A 1 22 ? -5.220  -7.793  -6.315  1.00 22.59 ? 22  ALA A O   1 
ATOM   175  C  CB  . ALA A 1 22 ? -7.890  -6.010  -6.962  1.00 23.35 ? 22  ALA A CB  1 
ATOM   176  N  N   . LEU A 1 23 ? -4.899  -5.568  -6.213  1.00 21.83 ? 23  LEU A N   1 
ATOM   177  C  CA  . LEU A 1 23 ? -3.811  -5.631  -5.260  1.00 20.91 ? 23  LEU A CA  1 
ATOM   178  C  C   . LEU A 1 23 ? -4.296  -5.404  -3.828  1.00 20.33 ? 23  LEU A C   1 
ATOM   179  O  O   . LEU A 1 23 ? -5.005  -4.433  -3.564  1.00 20.12 ? 23  LEU A O   1 
ATOM   180  C  CB  . LEU A 1 23 ? -2.778  -4.562  -5.629  1.00 22.12 ? 23  LEU A CB  1 
ATOM   181  C  CG  . LEU A 1 23 ? -1.486  -4.479  -4.828  1.00 22.74 ? 23  LEU A CG  1 
ATOM   182  C  CD1 . LEU A 1 23 ? -0.661  -5.718  -5.071  1.00 23.93 ? 23  LEU A CD1 1 
ATOM   183  C  CD2 . LEU A 1 23 ? -0.710  -3.239  -5.254  1.00 23.56 ? 23  LEU A CD2 1 
ATOM   184  N  N   . LEU A 1 24 ? -3.930  -6.302  -2.912  1.00 19.35 ? 24  LEU A N   1 
ATOM   185  C  CA  . LEU A 1 24 ? -4.300  -6.150  -1.501  1.00 19.05 ? 24  LEU A CA  1 
ATOM   186  C  C   . LEU A 1 24 ? -3.299  -5.117  -1.000  1.00 18.59 ? 24  LEU A C   1 
ATOM   187  O  O   . LEU A 1 24 ? -2.116  -5.414  -0.827  1.00 18.58 ? 24  LEU A O   1 
ATOM   188  C  CB  . LEU A 1 24 ? -4.128  -7.469  -0.751  1.00 19.27 ? 24  LEU A CB  1 
ATOM   189  C  CG  . LEU A 1 24 ? -4.986  -8.620  -1.284  1.00 19.84 ? 24  LEU A CG  1 
ATOM   190  C  CD1 . LEU A 1 24 ? -4.755  -9.857  -0.422  1.00 21.00 ? 24  LEU A CD1 1 
ATOM   191  C  CD2 . LEU A 1 24 ? -6.459  -8.221  -1.276  1.00 20.47 ? 24  LEU A CD2 1 
ATOM   192  N  N   . ASP A 1 25 ? -3.788  -3.910  -0.753  1.00 17.43 ? 25  ASP A N   1 
ATOM   193  C  CA  . ASP A 1 25 ? -2.924  -2.792  -0.384  1.00 17.17 ? 25  ASP A CA  1 
ATOM   194  C  C   . ASP A 1 25 ? -3.172  -2.217  1.006   1.00 16.88 ? 25  ASP A C   1 
ATOM   195  O  O   . ASP A 1 25 ? -4.095  -1.425  1.187   1.00 16.35 ? 25  ASP A O   1 
ATOM   196  C  CB  . ASP A 1 25 ? -3.138  -1.706  -1.442  1.00 18.07 ? 25  ASP A CB  1 
ATOM   197  C  CG  . ASP A 1 25 ? -2.100  -0.616  -1.392  1.00 19.08 ? 25  ASP A CG  1 
ATOM   198  O  OD1 . ASP A 1 25 ? -1.382  -0.503  -0.377  1.00 20.34 ? 25  ASP A OD1 1 
ATOM   199  O  OD2 . ASP A 1 25 ? -2.019  0.131   -2.386  1.00 20.45 ? 25  ASP A OD2 1 
ATOM   200  N  N   . THR A 1 26 ? -2.343  -2.594  1.980   1.00 15.89 ? 26  THR A N   1 
ATOM   201  C  CA  . THR A 1 26 ? -2.516  -2.097  3.342   1.00 15.86 ? 26  THR A CA  1 
ATOM   202  C  C   . THR A 1 26 ? -2.225  -0.607  3.466   1.00 16.07 ? 26  THR A C   1 
ATOM   203  O  O   . THR A 1 26 ? -2.644  0.031   4.437   1.00 16.72 ? 26  THR A O   1 
ATOM   204  C  CB  . THR A 1 26 ? -1.618  -2.841  4.352   1.00 15.12 ? 26  THR A CB  1 
ATOM   205  O  OG1 . THR A 1 26 ? -0.241  -2.710  3.969   1.00 15.12 ? 26  THR A OG1 1 
ATOM   206  C  CG2 . THR A 1 26 ? -1.993  -4.308  4.409   1.00 15.55 ? 26  THR A CG2 1 
ATOM   207  N  N   . GLY A 1 27 ? -1.506  -0.060  2.490   1.00 15.89 ? 27  GLY A N   1 
ATOM   208  C  CA  . GLY A 1 27 ? -1.178  1.357   2.512   1.00 16.46 ? 27  GLY A CA  1 
ATOM   209  C  C   . GLY A 1 27 ? -2.291  2.267   2.013   1.00 16.79 ? 27  GLY A C   1 
ATOM   210  O  O   . GLY A 1 27 ? -2.239  3.486   2.203   1.00 17.63 ? 27  GLY A O   1 
ATOM   211  N  N   . ALA A 1 28 ? -3.294  1.678   1.368   1.00 16.34 ? 28  ALA A N   1 
ATOM   212  C  CA  . ALA A 1 28 ? -4.427  2.423   0.827   1.00 16.10 ? 28  ALA A CA  1 
ATOM   213  C  C   . ALA A 1 28 ? -5.588  2.453   1.820   1.00 16.58 ? 28  ALA A C   1 
ATOM   214  O  O   . ALA A 1 28 ? -6.070  1.399   2.228   1.00 16.19 ? 28  ALA A O   1 
ATOM   215  C  CB  . ALA A 1 28 ? -4.887  1.773   -0.477  1.00 17.11 ? 28  ALA A CB  1 
ATOM   216  N  N   . ASP A 1 29 ? -6.048  3.648   2.192   1.00 16.41 ? 29  ASP A N   1 
ATOM   217  C  CA  . ASP A 1 29 ? -7.164  3.753   3.138   1.00 17.83 ? 29  ASP A CA  1 
ATOM   218  C  C   . ASP A 1 29 ? -8.445  3.211   2.527   1.00 18.18 ? 29  ASP A C   1 
ATOM   219  O  O   . ASP A 1 29 ? -9.250  2.573   3.205   1.00 17.93 ? 29  ASP A O   1 
ATOM   220  C  CB  . ASP A 1 29 ? -7.421  5.203   3.546   1.00 18.89 ? 29  ASP A CB  1 
ATOM   221  C  CG  . ASP A 1 29 ? -6.223  5.850   4.198   1.00 20.57 ? 29  ASP A CG  1 
ATOM   222  O  OD1 . ASP A 1 29 ? -5.473  5.152   4.910   1.00 20.31 ? 29  ASP A OD1 1 
ATOM   223  O  OD2 . ASP A 1 29 ? -6.045  7.067   4.002   1.00 22.21 ? 29  ASP A OD2 1 
ATOM   224  N  N   . ASP A 1 30 ? -8.632  3.486   1.243   1.00 18.68 ? 30  ASP A N   1 
ATOM   225  C  CA  . ASP A 1 30 ? -9.821  3.041   0.543   1.00 19.73 ? 30  ASP A CA  1 
ATOM   226  C  C   . ASP A 1 30 ? -9.498  2.238   -0.706  1.00 19.62 ? 30  ASP A C   1 
ATOM   227  O  O   . ASP A 1 30 ? -8.354  2.160   -1.141  1.00 19.65 ? 30  ASP A O   1 
ATOM   228  C  CB  . ASP A 1 30 ? -10.690 4.245   0.177   1.00 21.56 ? 30  ASP A CB  1 
ATOM   229  C  CG  . ASP A 1 30 ? -11.464 4.783   1.366   1.00 23.88 ? 30  ASP A CG  1 
ATOM   230  O  OD1 . ASP A 1 30 ? -12.246 4.012   1.960   1.00 25.17 ? 30  ASP A OD1 1 
ATOM   231  O  OD2 . ASP A 1 30 ? -11.289 5.966   1.709   1.00 25.73 ? 30  ASP A OD2 1 
ATOM   232  N  N   . THR A 1 31 ? -10.538 1.643   -1.269  1.00 19.76 ? 31  THR A N   1 
ATOM   233  C  CA  . THR A 1 31 ? -10.428 0.825   -2.458  1.00 19.71 ? 31  THR A CA  1 
ATOM   234  C  C   . THR A 1 31 ? -10.627 1.696   -3.695  1.00 20.01 ? 31  THR A C   1 
ATOM   235  O  O   . THR A 1 31 ? -11.554 2.509   -3.756  1.00 19.79 ? 31  THR A O   1 
ATOM   236  C  CB  . THR A 1 31 ? -11.481 -0.294  -2.401  1.00 19.87 ? 31  THR A CB  1 
ATOM   237  O  OG1 . THR A 1 31 ? -11.182 -1.154  -1.292  1.00 20.35 ? 31  THR A OG1 1 
ATOM   238  C  CG2 . THR A 1 31 ? -11.498 -1.103  -3.691  1.00 19.64 ? 31  THR A CG2 1 
ATOM   239  N  N   . VAL A 1 32 ? -9.740  1.546   -4.672  1.00 20.09 ? 32  VAL A N   1 
ATOM   240  C  CA  . VAL A 1 32 ? -9.856  2.328   -5.890  1.00 21.16 ? 32  VAL A CA  1 
ATOM   241  C  C   . VAL A 1 32 ? -9.692  1.413   -7.099  1.00 21.43 ? 32  VAL A C   1 
ATOM   242  O  O   . VAL A 1 32 ? -8.733  0.645   -7.192  1.00 20.97 ? 32  VAL A O   1 
ATOM   243  C  CB  . VAL A 1 32 ? -8.817  3.478   -5.917  1.00 22.04 ? 32  VAL A CB  1 
ATOM   244  C  CG1 . VAL A 1 32 ? -7.420  2.926   -5.788  1.00 23.72 ? 32  VAL A CG1 1 
ATOM   245  C  CG2 . VAL A 1 32 ? -8.962  4.290   -7.198  1.00 22.55 ? 32  VAL A CG2 1 
ATOM   246  N  N   . LEU A 1 33 ? -10.649 1.492   -8.018  1.00 21.51 ? 33  LEU A N   1 
ATOM   247  C  CA  . LEU A 1 33 ? -10.622 0.656   -9.209  1.00 22.50 ? 33  LEU A CA  1 
ATOM   248  C  C   . LEU A 1 33 ? -10.536 1.494   -10.479 1.00 22.81 ? 33  LEU A C   1 
ATOM   249  O  O   . LEU A 1 33 ? -10.939 2.654   -10.500 1.00 22.02 ? 33  LEU A O   1 
ATOM   250  C  CB  . LEU A 1 33 ? -11.879 -0.218  -9.261  1.00 22.96 ? 33  LEU A CB  1 
ATOM   251  C  CG  . LEU A 1 33 ? -12.160 -1.114  -8.049  1.00 23.45 ? 33  LEU A CG  1 
ATOM   252  C  CD1 . LEU A 1 33 ? -13.401 -1.939  -8.323  1.00 23.98 ? 33  LEU A CD1 1 
ATOM   253  C  CD2 . LEU A 1 33 ? -10.971 -2.029  -7.780  1.00 23.81 ? 33  LEU A CD2 1 
ATOM   254  N  N   . GLU A 1 34 ? -9.995  0.893   -11.534 1.00 24.20 ? 34  GLU A N   1 
ATOM   255  C  CA  . GLU A 1 34 ? -9.867  1.574   -12.815 1.00 25.87 ? 34  GLU A CA  1 
ATOM   256  C  C   . GLU A 1 34 ? -11.261 1.932   -13.322 1.00 26.27 ? 34  GLU A C   1 
ATOM   257  O  O   . GLU A 1 34 ? -12.258 1.351   -12.883 1.00 25.02 ? 34  GLU A O   1 
ATOM   258  C  CB  . GLU A 1 34 ? -9.156  0.660   -13.817 1.00 27.38 ? 34  GLU A CB  1 
ATOM   259  C  CG  . GLU A 1 34 ? -9.849  -0.680  -14.002 1.00 30.03 ? 34  GLU A CG  1 
ATOM   260  C  CD  . GLU A 1 34 ? -8.992  -1.692  -14.740 1.00 31.61 ? 34  GLU A CD  1 
ATOM   261  O  OE1 . GLU A 1 34 ? -9.390  -2.878  -14.779 1.00 33.12 ? 34  GLU A OE1 1 
ATOM   262  O  OE2 . GLU A 1 34 ? -7.927  -1.305  -15.275 1.00 32.91 ? 34  GLU A OE2 1 
ATOM   263  N  N   . GLU A 1 35 ? -11.319 2.890   -14.243 1.00 27.20 ? 35  GLU A N   1 
ATOM   264  C  CA  . GLU A 1 35 ? -12.580 3.343   -14.813 1.00 28.81 ? 35  GLU A CA  1 
ATOM   265  C  C   . GLU A 1 35 ? -13.519 2.201   -15.166 1.00 29.02 ? 35  GLU A C   1 
ATOM   266  O  O   . GLU A 1 35 ? -13.141 1.261   -15.863 1.00 28.90 ? 35  GLU A O   1 
ATOM   267  C  CB  . GLU A 1 35 ? -12.332 4.177   -16.071 1.00 29.75 ? 35  GLU A CB  1 
ATOM   268  C  CG  . GLU A 1 35 ? -12.018 5.634   -15.824 1.00 31.70 ? 35  GLU A CG  1 
ATOM   269  C  CD  . GLU A 1 35 ? -13.117 6.345   -15.056 1.00 32.85 ? 35  GLU A CD  1 
ATOM   270  O  OE1 . GLU A 1 35 ? -14.302 5.983   -15.223 1.00 32.51 ? 35  GLU A OE1 1 
ATOM   271  O  OE2 . GLU A 1 35 ? -12.794 7.277   -14.293 1.00 33.71 ? 35  GLU A OE2 1 
ATOM   272  N  N   . MET A 1 36 ? -14.748 2.300   -14.680 1.00 29.52 ? 36  MET A N   1 
ATOM   273  C  CA  . MET A 1 36 ? -15.771 1.300   -14.942 1.00 30.76 ? 36  MET A CA  1 
ATOM   274  C  C   . MET A 1 36 ? -17.116 1.895   -14.569 1.00 31.51 ? 36  MET A C   1 
ATOM   275  O  O   . MET A 1 36 ? -17.187 2.923   -13.898 1.00 31.32 ? 36  MET A O   1 
ATOM   276  C  CB  . MET A 1 36 ? -15.524 0.037   -14.115 1.00 30.94 ? 36  MET A CB  1 
ATOM   277  C  CG  . MET A 1 36 ? -15.669 0.228   -12.615 1.00 31.63 ? 36  MET A CG  1 
ATOM   278  S  SD  . MET A 1 36 ? -15.505 -1.342  -11.742 1.00 33.26 ? 36  MET A SD  1 
ATOM   279  C  CE  . MET A 1 36 ? -17.036 -2.139  -12.219 1.00 32.47 ? 36  MET A CE  1 
ATOM   280  N  N   . SER A 1 37 ? -18.188 1.248   -15.003 1.00 32.89 ? 37  SER A N   1 
ATOM   281  C  CA  . SER A 1 37 ? -19.517 1.733   -14.696 1.00 34.22 ? 37  SER A CA  1 
ATOM   282  C  C   . SER A 1 37 ? -20.092 1.019   -13.479 1.00 34.88 ? 37  SER A C   1 
ATOM   283  O  O   . SER A 1 37 ? -20.064 -0.208  -13.395 1.00 35.07 ? 37  SER A O   1 
ATOM   284  C  CB  . SER A 1 37 ? -20.442 1.527   -15.896 1.00 34.87 ? 37  SER A CB  1 
ATOM   285  O  OG  . SER A 1 37 ? -21.741 2.008   -15.610 1.00 35.89 ? 37  SER A OG  1 
ATOM   286  N  N   . LEU A 1 38 ? -20.595 1.800   -12.531 1.00 35.59 ? 38  LEU A N   1 
ATOM   287  C  CA  . LEU A 1 38 ? -21.206 1.258   -11.325 1.00 36.32 ? 38  LEU A CA  1 
ATOM   288  C  C   . LEU A 1 38 ? -22.549 1.942   -11.128 1.00 37.33 ? 38  LEU A C   1 
ATOM   289  O  O   . LEU A 1 38 ? -22.708 3.118   -11.446 1.00 37.16 ? 38  LEU A O   1 
ATOM   290  C  CB  . LEU A 1 38 ? -20.321 1.505   -10.099 1.00 35.68 ? 38  LEU A CB  1 
ATOM   291  C  CG  . LEU A 1 38 ? -19.073 0.633   -9.961  1.00 35.59 ? 38  LEU A CG  1 
ATOM   292  C  CD1 . LEU A 1 38 ? -18.308 1.035   -8.710  1.00 35.28 ? 38  LEU A CD1 1 
ATOM   293  C  CD2 . LEU A 1 38 ? -19.474 -0.835  -9.894  1.00 35.41 ? 38  LEU A CD2 1 
ATOM   294  N  N   . PRO A 1 39 ? -23.542 1.203   -10.616 1.00 38.20 ? 39  PRO A N   1 
ATOM   295  C  CA  . PRO A 1 39 ? -24.876 1.763   -10.383 1.00 38.74 ? 39  PRO A CA  1 
ATOM   296  C  C   . PRO A 1 39 ? -24.903 2.719   -9.196  1.00 38.90 ? 39  PRO A C   1 
ATOM   297  O  O   . PRO A 1 39 ? -24.030 2.674   -8.331  1.00 39.17 ? 39  PRO A O   1 
ATOM   298  C  CB  . PRO A 1 39 ? -25.733 0.520   -10.128 1.00 38.97 ? 39  PRO A CB  1 
ATOM   299  C  CG  . PRO A 1 39 ? -25.000 -0.567  -10.876 1.00 39.22 ? 39  PRO A CG  1 
ATOM   300  C  CD  . PRO A 1 39 ? -23.570 -0.266  -10.517 1.00 38.82 ? 39  PRO A CD  1 
ATOM   301  N  N   . GLY A 1 40 ? -25.907 3.588   -9.169  1.00 39.20 ? 40  GLY A N   1 
ATOM   302  C  CA  . GLY A 1 40 ? -26.046 4.519   -8.067  1.00 39.17 ? 40  GLY A CA  1 
ATOM   303  C  C   . GLY A 1 40 ? -25.397 5.877   -8.236  1.00 38.98 ? 40  GLY A C   1 
ATOM   304  O  O   . GLY A 1 40 ? -24.696 6.141   -9.214  1.00 39.05 ? 40  GLY A O   1 
ATOM   305  N  N   . ARG A 1 41 ? -25.655 6.742   -7.262  1.00 38.88 ? 41  ARG A N   1 
ATOM   306  C  CA  . ARG A 1 41 ? -25.112 8.091   -7.237  1.00 38.86 ? 41  ARG A CA  1 
ATOM   307  C  C   . ARG A 1 41 ? -23.670 8.029   -6.749  1.00 37.71 ? 41  ARG A C   1 
ATOM   308  O  O   . ARG A 1 41 ? -23.283 7.097   -6.047  1.00 37.43 ? 41  ARG A O   1 
ATOM   309  C  CB  . ARG A 1 41 ? -25.931 8.970   -6.287  1.00 40.28 ? 41  ARG A CB  1 
ATOM   310  C  CG  . ARG A 1 41 ? -27.323 9.319   -6.789  1.00 42.49 ? 41  ARG A CG  1 
ATOM   311  C  CD  . ARG A 1 41 ? -28.228 9.760   -5.643  1.00 44.46 ? 41  ARG A CD  1 
ATOM   312  N  NE  . ARG A 1 41 ? -27.584 10.736  -4.764  1.00 46.51 ? 41  ARG A NE  1 
ATOM   313  C  CZ  . ARG A 1 41 ? -28.161 11.274  -3.691  1.00 47.34 ? 41  ARG A CZ  1 
ATOM   314  N  NH1 . ARG A 1 41 ? -29.402 10.933  -3.361  1.00 47.97 ? 41  ARG A NH1 1 
ATOM   315  N  NH2 . ARG A 1 41 ? -27.498 12.149  -2.942  1.00 47.65 ? 41  ARG A NH2 1 
ATOM   316  N  N   . TRP A 1 42 ? -22.882 9.028   -7.121  1.00 36.55 ? 42  TRP A N   1 
ATOM   317  C  CA  . TRP A 1 42 ? -21.487 9.085   -6.712  1.00 35.30 ? 42  TRP A CA  1 
ATOM   318  C  C   . TRP A 1 42 ? -21.106 10.526  -6.408  1.00 34.31 ? 42  TRP A C   1 
ATOM   319  O  O   . TRP A 1 42 ? -21.765 11.457  -6.869  1.00 33.68 ? 42  TRP A O   1 
ATOM   320  C  CB  . TRP A 1 42 ? -20.590 8.541   -7.824  1.00 35.72 ? 42  TRP A CB  1 
ATOM   321  C  CG  . TRP A 1 42 ? -20.800 9.224   -9.134  1.00 36.56 ? 42  TRP A CG  1 
ATOM   322  C  CD1 . TRP A 1 42 ? -21.696 8.880   -10.106 1.00 36.82 ? 42  TRP A CD1 1 
ATOM   323  C  CD2 . TRP A 1 42 ? -20.126 10.396  -9.607  1.00 37.20 ? 42  TRP A CD2 1 
ATOM   324  N  NE1 . TRP A 1 42 ? -21.622 9.764   -11.155 1.00 37.29 ? 42  TRP A NE1 1 
ATOM   325  C  CE2 . TRP A 1 42 ? -20.666 10.706  -10.875 1.00 37.42 ? 42  TRP A CE2 1 
ATOM   326  C  CE3 . TRP A 1 42 ? -19.116 11.215  -9.083  1.00 37.35 ? 42  TRP A CE3 1 
ATOM   327  C  CZ2 . TRP A 1 42 ? -20.230 11.802  -11.628 1.00 37.59 ? 42  TRP A CZ2 1 
ATOM   328  C  CZ3 . TRP A 1 42 ? -18.682 12.305  -9.832  1.00 37.58 ? 42  TRP A CZ3 1 
ATOM   329  C  CH2 . TRP A 1 42 ? -19.240 12.587  -11.091 1.00 37.60 ? 42  TRP A CH2 1 
ATOM   330  N  N   . LYS A 1 43 ? -20.046 10.706  -5.627  1.00 32.94 ? 43  LYS A N   1 
ATOM   331  C  CA  . LYS A 1 43 ? -19.576 12.042  -5.276  1.00 31.95 ? 43  LYS A CA  1 
ATOM   332  C  C   . LYS A 1 43 ? -18.135 12.184  -5.750  1.00 30.36 ? 43  LYS A C   1 
ATOM   333  O  O   . LYS A 1 43 ? -17.375 11.217  -5.731  1.00 29.74 ? 43  LYS A O   1 
ATOM   334  C  CB  . LYS A 1 43 ? -19.617 12.253  -3.760  1.00 33.32 ? 43  LYS A CB  1 
ATOM   335  C  CG  . LYS A 1 43 ? -20.946 11.941  -3.102  1.00 35.81 ? 43  LYS A CG  1 
ATOM   336  C  CD  . LYS A 1 43 ? -20.873 12.199  -1.600  1.00 37.50 ? 43  LYS A CD  1 
ATOM   337  C  CE  . LYS A 1 43 ? -22.111 11.682  -0.878  1.00 38.95 ? 43  LYS A CE  1 
ATOM   338  N  NZ  . LYS A 1 43 ? -23.380 12.239  -1.442  1.00 39.95 ? 43  LYS A NZ  1 
ATOM   339  N  N   . PRO A 1 44 ? -17.746 13.389  -6.197  1.00 29.03 ? 44  PRO A N   1 
ATOM   340  C  CA  . PRO A 1 44 ? -16.375 13.607  -6.662  1.00 27.70 ? 44  PRO A CA  1 
ATOM   341  C  C   . PRO A 1 44 ? -15.476 13.658  -5.440  1.00 26.59 ? 44  PRO A C   1 
ATOM   342  O  O   . PRO A 1 44 ? -15.882 14.128  -4.381  1.00 25.38 ? 44  PRO A O   1 
ATOM   343  C  CB  . PRO A 1 44 ? -16.447 14.967  -7.356  1.00 27.84 ? 44  PRO A CB  1 
ATOM   344  C  CG  . PRO A 1 44 ? -17.900 15.122  -7.699  1.00 28.83 ? 44  PRO A CG  1 
ATOM   345  C  CD  . PRO A 1 44 ? -18.579 14.566  -6.485  1.00 28.75 ? 44  PRO A CD  1 
ATOM   346  N  N   . LYS A 1 45 ? -14.253 13.181  -5.593  1.00 25.74 ? 45  LYS A N   1 
ATOM   347  C  CA  . LYS A 1 45 ? -13.309 13.182  -4.497  1.00 25.59 ? 45  LYS A CA  1 
ATOM   348  C  C   . LYS A 1 45 ? -11.915 13.242  -5.088  1.00 24.51 ? 45  LYS A C   1 
ATOM   349  O  O   . LYS A 1 45 ? -11.707 12.863  -6.235  1.00 24.23 ? 45  LYS A O   1 
ATOM   350  C  CB  . LYS A 1 45 ? -13.468 11.907  -3.661  1.00 26.64 ? 45  LYS A CB  1 
ATOM   351  C  CG  . LYS A 1 45 ? -12.553 11.852  -2.452  1.00 28.33 ? 45  LYS A CG  1 
ATOM   352  C  CD  . LYS A 1 45 ? -12.837 10.640  -1.590  1.00 29.47 ? 45  LYS A CD  1 
ATOM   353  C  CE  . LYS A 1 45 ? -11.965 10.654  -0.344  1.00 30.36 ? 45  LYS A CE  1 
ATOM   354  N  NZ  . LYS A 1 45 ? -12.292 9.524   0.563   1.00 31.97 ? 45  LYS A NZ  1 
ATOM   355  N  N   . MET A 1 46 ? -10.970 13.736  -4.301  1.00 24.01 ? 46  MET A N   1 
ATOM   356  C  CA  . MET A 1 46 ? -9.590  13.835  -4.737  1.00 24.32 ? 46  MET A CA  1 
ATOM   357  C  C   . MET A 1 46 ? -8.759  12.995  -3.769  1.00 23.30 ? 46  MET A C   1 
ATOM   358  O  O   . MET A 1 46 ? -8.855  13.171  -2.556  1.00 22.75 ? 46  MET A O   1 
ATOM   359  C  CB  . MET A 1 46 ? -9.132  15.294  -4.676  1.00 26.41 ? 46  MET A CB  1 
ATOM   360  C  CG  . MET A 1 46 ? -8.084  15.660  -5.691  1.00 29.73 ? 46  MET A CG  1 
ATOM   361  S  SD  . MET A 1 46 ? -8.775  15.728  -7.354  1.00 32.29 ? 46  MET A SD  1 
ATOM   362  C  CE  . MET A 1 46 ? -9.239  17.464  -7.431  1.00 32.64 ? 46  MET A CE  1 
ATOM   363  N  N   . ILE A 1 47 ? -7.967  12.068  -4.291  1.00 22.19 ? 47  ILE A N   1 
ATOM   364  C  CA  . ILE A 1 47 ? -7.125  11.260  -3.417  1.00 21.60 ? 47  ILE A CA  1 
ATOM   365  C  C   . ILE A 1 47 ? -5.669  11.444  -3.821  1.00 21.39 ? 47  ILE A C   1 
ATOM   366  O  O   . ILE A 1 47 ? -5.343  11.525  -5.004  1.00 20.47 ? 47  ILE A O   1 
ATOM   367  C  CB  . ILE A 1 47 ? -7.503  9.763   -3.460  1.00 21.85 ? 47  ILE A CB  1 
ATOM   368  C  CG1 . ILE A 1 47 ? -7.430  9.240   -4.892  1.00 22.43 ? 47  ILE A CG1 1 
ATOM   369  C  CG2 . ILE A 1 47 ? -8.895  9.563   -2.870  1.00 21.80 ? 47  ILE A CG2 1 
ATOM   370  C  CD1 . ILE A 1 47 ? -7.746  7.754   -5.020  1.00 23.74 ? 47  ILE A CD1 1 
ATOM   371  N  N   . GLY A 1 48 ? -4.798  11.531  -2.824  1.00 21.42 ? 48  GLY A N   1 
ATOM   372  C  CA  . GLY A 1 48 ? -3.390  11.732  -3.106  1.00 22.10 ? 48  GLY A CA  1 
ATOM   373  C  C   . GLY A 1 48 ? -2.520  10.562  -2.701  1.00 22.75 ? 48  GLY A C   1 
ATOM   374  O  O   . GLY A 1 48 ? -2.697  9.983   -1.634  1.00 23.04 ? 48  GLY A O   1 
ATOM   375  N  N   . GLY A 1 49 ? -1.583  10.212  -3.571  1.00 23.18 ? 49  GLY A N   1 
ATOM   376  C  CA  . GLY A 1 49 ? -0.679  9.117   -3.281  1.00 24.16 ? 49  GLY A CA  1 
ATOM   377  C  C   . GLY A 1 49 ? 0.691   9.528   -3.765  1.00 24.03 ? 49  GLY A C   1 
ATOM   378  O  O   . GLY A 1 49 ? 1.012   10.713  -3.791  1.00 24.17 ? 49  GLY A O   1 
ATOM   379  N  N   . ILE A 1 50 ? 1.507   8.550   -4.136  1.00 24.47 ? 50  ILE A N   1 
ATOM   380  C  CA  . ILE A 1 50 ? 2.831   8.836   -4.657  1.00 25.25 ? 50  ILE A CA  1 
ATOM   381  C  C   . ILE A 1 50 ? 2.608   9.473   -6.027  1.00 25.38 ? 50  ILE A C   1 
ATOM   382  O  O   . ILE A 1 50 ? 1.882   8.930   -6.854  1.00 26.29 ? 50  ILE A O   1 
ATOM   383  C  CB  . ILE A 1 50 ? 3.648   7.536   -4.863  1.00 25.16 ? 50  ILE A CB  1 
ATOM   384  C  CG1 . ILE A 1 50 ? 3.942   6.881   -3.513  1.00 26.00 ? 50  ILE A CG1 1 
ATOM   385  C  CG2 . ILE A 1 50 ? 4.925   7.837   -5.641  1.00 25.67 ? 50  ILE A CG2 1 
ATOM   386  C  CD1 . ILE A 1 50 ? 4.782   7.726   -2.603  1.00 27.00 ? 50  ILE A CD1 1 
ATOM   387  N  N   . GLY A 1 51 ? 3.215   10.625  -6.269  1.00 26.14 ? 51  GLY A N   1 
ATOM   388  C  CA  . GLY A 1 51 ? 3.050   11.248  -7.568  1.00 25.68 ? 51  GLY A CA  1 
ATOM   389  C  C   . GLY A 1 51 ? 2.050   12.383  -7.598  1.00 26.04 ? 51  GLY A C   1 
ATOM   390  O  O   . GLY A 1 51 ? 2.094   13.225  -8.491  1.00 26.46 ? 51  GLY A O   1 
ATOM   391  N  N   . GLY A 1 52 ? 1.144   12.415  -6.631  1.00 25.36 ? 52  GLY A N   1 
ATOM   392  C  CA  . GLY A 1 52 ? 0.169   13.486  -6.602  1.00 24.84 ? 52  GLY A CA  1 
ATOM   393  C  C   . GLY A 1 52 ? -1.255  13.001  -6.445  1.00 24.29 ? 52  GLY A C   1 
ATOM   394  O  O   . GLY A 1 52 ? -1.500  11.861  -6.043  1.00 23.90 ? 52  GLY A O   1 
ATOM   395  N  N   . PHE A 1 53 ? -2.198  13.872  -6.783  1.00 23.76 ? 53  PHE A N   1 
ATOM   396  C  CA  . PHE A 1 53 ? -3.613  13.559  -6.656  1.00 23.11 ? 53  PHE A CA  1 
ATOM   397  C  C   . PHE A 1 53 ? -4.308  13.209  -7.964  1.00 22.97 ? 53  PHE A C   1 
ATOM   398  O  O   . PHE A 1 53 ? -3.900  13.646  -9.040  1.00 23.02 ? 53  PHE A O   1 
ATOM   399  C  CB  . PHE A 1 53 ? -4.360  14.744  -6.036  1.00 22.84 ? 53  PHE A CB  1 
ATOM   400  C  CG  . PHE A 1 53 ? -4.027  14.998  -4.600  1.00 23.08 ? 53  PHE A CG  1 
ATOM   401  C  CD1 . PHE A 1 53 ? -2.807  15.560  -4.241  1.00 22.97 ? 53  PHE A CD1 1 
ATOM   402  C  CD2 . PHE A 1 53 ? -4.941  14.681  -3.601  1.00 22.63 ? 53  PHE A CD2 1 
ATOM   403  C  CE1 . PHE A 1 53 ? -2.504  15.802  -2.905  1.00 23.19 ? 53  PHE A CE1 1 
ATOM   404  C  CE2 . PHE A 1 53 ? -4.649  14.917  -2.265  1.00 23.13 ? 53  PHE A CE2 1 
ATOM   405  C  CZ  . PHE A 1 53 ? -3.426  15.479  -1.914  1.00 23.21 ? 53  PHE A CZ  1 
ATOM   406  N  N   . ILE A 1 54 ? -5.370  12.416  -7.854  1.00 22.78 ? 54  ILE A N   1 
ATOM   407  C  CA  . ILE A 1 54 ? -6.187  12.049  -9.002  1.00 22.92 ? 54  ILE A CA  1 
ATOM   408  C  C   . ILE A 1 54 ? -7.633  12.243  -8.573  1.00 22.80 ? 54  ILE A C   1 
ATOM   409  O  O   . ILE A 1 54 ? -7.958  12.147  -7.386  1.00 22.18 ? 54  ILE A O   1 
ATOM   410  C  CB  . ILE A 1 54 ? -5.998  10.571  -9.451  1.00 23.50 ? 54  ILE A CB  1 
ATOM   411  C  CG1 . ILE A 1 54 ? -6.276  9.620   -8.282  1.00 24.37 ? 54  ILE A CG1 1 
ATOM   412  C  CG2 . ILE A 1 54 ? -4.607  10.379  -10.024 1.00 24.06 ? 54  ILE A CG2 1 
ATOM   413  C  CD1 . ILE A 1 54 ? -6.410  8.169   -8.698  1.00 24.68 ? 54  ILE A CD1 1 
ATOM   414  N  N   . LYS A 1 55 ? -8.499  12.546  -9.531  1.00 22.81 ? 55  LYS A N   1 
ATOM   415  C  CA  . LYS A 1 55 ? -9.902  12.739  -9.213  1.00 23.23 ? 55  LYS A CA  1 
ATOM   416  C  C   . LYS A 1 55 ? -10.600 11.411  -9.429  1.00 22.73 ? 55  LYS A C   1 
ATOM   417  O  O   . LYS A 1 55 ? -10.385 10.741  -10.439 1.00 22.62 ? 55  LYS A O   1 
ATOM   418  C  CB  . LYS A 1 55 ? -10.531 13.807  -10.111 1.00 24.91 ? 55  LYS A CB  1 
ATOM   419  C  CG  . LYS A 1 55 ? -11.952 14.163  -9.686  1.00 27.08 ? 55  LYS A CG  1 
ATOM   420  C  CD  . LYS A 1 55 ? -12.534 15.314  -10.488 1.00 29.87 ? 55  LYS A CD  1 
ATOM   421  C  CE  . LYS A 1 55 ? -12.830 14.905  -11.919 1.00 31.59 ? 55  LYS A CE  1 
ATOM   422  N  NZ  . LYS A 1 55 ? -13.582 15.973  -12.643 1.00 33.45 ? 55  LYS A NZ  1 
ATOM   423  N  N   . VAL A 1 56 ? -11.429 11.029  -8.472  1.00 22.39 ? 56  VAL A N   1 
ATOM   424  C  CA  . VAL A 1 56 ? -12.150 9.772   -8.560  1.00 22.14 ? 56  VAL A CA  1 
ATOM   425  C  C   . VAL A 1 56 ? -13.621 9.993   -8.267  1.00 22.64 ? 56  VAL A C   1 
ATOM   426  O  O   . VAL A 1 56 ? -14.018 11.060  -7.800  1.00 22.89 ? 56  VAL A O   1 
ATOM   427  C  CB  . VAL A 1 56 ? -11.606 8.742   -7.542  1.00 21.62 ? 56  VAL A CB  1 
ATOM   428  C  CG1 . VAL A 1 56 ? -10.162 8.390   -7.865  1.00 21.41 ? 56  VAL A CG1 1 
ATOM   429  C  CG2 . VAL A 1 56 ? -11.705 9.312   -6.133  1.00 21.67 ? 56  VAL A CG2 1 
ATOM   430  N  N   . ARG A 1 57 ? -14.426 8.979   -8.561  1.00 23.32 ? 57  ARG A N   1 
ATOM   431  C  CA  . ARG A 1 57 ? -15.856 9.029   -8.292  1.00 24.23 ? 57  ARG A CA  1 
ATOM   432  C  C   . ARG A 1 57 ? -16.076 8.081   -7.122  1.00 24.31 ? 57  ARG A C   1 
ATOM   433  O  O   . ARG A 1 57 ? -15.664 6.924   -7.174  1.00 24.21 ? 57  ARG A O   1 
ATOM   434  C  CB  . ARG A 1 57 ? -16.661 8.557   -9.505  1.00 25.51 ? 57  ARG A CB  1 
ATOM   435  C  CG  . ARG A 1 57 ? -16.424 9.376   -10.765 1.00 27.65 ? 57  ARG A CG  1 
ATOM   436  C  CD  . ARG A 1 57 ? -17.565 9.212   -11.763 1.00 29.42 ? 57  ARG A CD  1 
ATOM   437  N  NE  . ARG A 1 57 ? -17.805 7.823   -12.155 1.00 31.15 ? 57  ARG A NE  1 
ATOM   438  C  CZ  . ARG A 1 57 ? -17.002 7.112   -12.943 1.00 31.86 ? 57  ARG A CZ  1 
ATOM   439  N  NH1 . ARG A 1 57 ? -15.894 7.654   -13.431 1.00 32.60 ? 57  ARG A NH1 1 
ATOM   440  N  NH2 . ARG A 1 57 ? -17.313 5.859   -13.252 1.00 32.52 ? 57  ARG A NH2 1 
ATOM   441  N  N   . GLN A 1 58 ? -16.714 8.575   -6.070  1.00 24.73 ? 58  GLN A N   1 
ATOM   442  C  CA  . GLN A 1 58 ? -16.961 7.777   -4.881  1.00 25.84 ? 58  GLN A CA  1 
ATOM   443  C  C   . GLN A 1 58 ? -18.330 7.109   -4.858  1.00 26.52 ? 58  GLN A C   1 
ATOM   444  O  O   . GLN A 1 58 ? -19.355 7.790   -4.843  1.00 26.05 ? 58  GLN A O   1 
ATOM   445  C  CB  . GLN A 1 58 ? -16.827 8.651   -3.635  1.00 26.51 ? 58  GLN A CB  1 
ATOM   446  C  CG  . GLN A 1 58 ? -17.089 7.917   -2.335  1.00 28.47 ? 58  GLN A CG  1 
ATOM   447  C  CD  . GLN A 1 58 ? -17.125 8.847   -1.138  1.00 30.25 ? 58  GLN A CD  1 
ATOM   448  O  OE1 . GLN A 1 58 ? -16.347 9.797   -1.056  1.00 31.85 ? 58  GLN A OE1 1 
ATOM   449  N  NE2 . GLN A 1 58 ? -18.020 8.568   -0.193  1.00 31.22 ? 58  GLN A NE2 1 
ATOM   450  N  N   . TYR A 1 59 ? -18.339 5.779   -4.851  1.00 27.23 ? 59  TYR A N   1 
ATOM   451  C  CA  . TYR A 1 59 ? -19.581 5.016   -4.782  1.00 28.30 ? 59  TYR A CA  1 
ATOM   452  C  C   . TYR A 1 59 ? -19.644 4.369   -3.406  1.00 29.41 ? 59  TYR A C   1 
ATOM   453  O  O   . TYR A 1 59 ? -18.639 3.882   -2.899  1.00 29.17 ? 59  TYR A O   1 
ATOM   454  C  CB  . TYR A 1 59 ? -19.628 3.921   -5.851  1.00 28.39 ? 59  TYR A CB  1 
ATOM   455  C  CG  . TYR A 1 59 ? -19.757 4.435   -7.263  1.00 29.15 ? 59  TYR A CG  1 
ATOM   456  C  CD1 . TYR A 1 59 ? -18.648 4.918   -7.954  1.00 29.19 ? 59  TYR A CD1 1 
ATOM   457  C  CD2 . TYR A 1 59 ? -20.993 4.430   -7.914  1.00 29.00 ? 59  TYR A CD2 1 
ATOM   458  C  CE1 . TYR A 1 59 ? -18.762 5.382   -9.262  1.00 29.85 ? 59  TYR A CE1 1 
ATOM   459  C  CE2 . TYR A 1 59 ? -21.117 4.895   -9.219  1.00 29.83 ? 59  TYR A CE2 1 
ATOM   460  C  CZ  . TYR A 1 59 ? -19.999 5.366   -9.887  1.00 29.96 ? 59  TYR A CZ  1 
ATOM   461  O  OH  . TYR A 1 59 ? -20.111 5.808   -11.182 1.00 31.35 ? 59  TYR A OH  1 
ATOM   462  N  N   . ASP A 1 60 ? -20.825 4.362   -2.800  1.00 30.60 ? 60  ASP A N   1 
ATOM   463  C  CA  . ASP A 1 60 ? -20.974 3.771   -1.479  1.00 32.19 ? 60  ASP A CA  1 
ATOM   464  C  C   . ASP A 1 60 ? -21.781 2.479   -1.526  1.00 32.45 ? 60  ASP A C   1 
ATOM   465  O  O   . ASP A 1 60 ? -22.448 2.182   -2.519  1.00 32.39 ? 60  ASP A O   1 
ATOM   466  C  CB  . ASP A 1 60 ? -21.651 4.775   -0.536  1.00 33.61 ? 60  ASP A CB  1 
ATOM   467  C  CG  . ASP A 1 60 ? -20.757 5.956   -0.192  1.00 34.75 ? 60  ASP A CG  1 
ATOM   468  O  OD1 . ASP A 1 60 ? -21.283 6.986   0.275   1.00 36.27 ? 60  ASP A OD1 1 
ATOM   469  O  OD2 . ASP A 1 60 ? -19.526 5.856   -0.376  1.00 35.88 ? 60  ASP A OD2 1 
ATOM   470  N  N   . GLN A 1 61 ? -21.698 1.707   -0.449  1.00 33.04 ? 61  GLN A N   1 
ATOM   471  C  CA  . GLN A 1 61 ? -22.443 0.461   -0.329  1.00 33.74 ? 61  GLN A CA  1 
ATOM   472  C  C   . GLN A 1 61 ? -22.286 -0.481  -1.518  1.00 33.08 ? 61  GLN A C   1 
ATOM   473  O  O   . GLN A 1 61 ? -23.253 -1.105  -1.949  1.00 33.41 ? 61  GLN A O   1 
ATOM   474  C  CB  . GLN A 1 61 ? -23.930 0.779   -0.133  1.00 35.46 ? 61  GLN A CB  1 
ATOM   475  C  CG  . GLN A 1 61 ? -24.219 1.747   1.004   1.00 38.10 ? 61  GLN A CG  1 
ATOM   476  C  CD  . GLN A 1 61 ? -24.068 1.110   2.373   1.00 39.66 ? 61  GLN A CD  1 
ATOM   477  O  OE1 . GLN A 1 61 ? -23.013 0.571   2.714   1.00 41.16 ? 61  GLN A OE1 1 
ATOM   478  N  NE2 . GLN A 1 61 ? -25.129 1.176   3.171   1.00 40.60 ? 61  GLN A NE2 1 
ATOM   479  N  N   . ILE A 1 62 ? -21.073 -0.590  -2.046  1.00 32.25 ? 62  ILE A N   1 
ATOM   480  C  CA  . ILE A 1 62 ? -20.825 -1.476  -3.179  1.00 31.71 ? 62  ILE A CA  1 
ATOM   481  C  C   . ILE A 1 62 ? -20.417 -2.854  -2.669  1.00 31.78 ? 62  ILE A C   1 
ATOM   482  O  O   . ILE A 1 62 ? -19.613 -2.967  -1.744  1.00 30.71 ? 62  ILE A O   1 
ATOM   483  C  CB  . ILE A 1 62 ? -19.695 -0.935  -4.082  1.00 31.30 ? 62  ILE A CB  1 
ATOM   484  C  CG1 . ILE A 1 62 ? -20.065 0.451   -4.617  1.00 31.08 ? 62  ILE A CG1 1 
ATOM   485  C  CG2 . ILE A 1 62 ? -19.435 -1.909  -5.225  1.00 31.02 ? 62  ILE A CG2 1 
ATOM   486  C  CD1 . ILE A 1 62 ? -21.285 0.463   -5.516  1.00 30.59 ? 62  ILE A CD1 1 
ATOM   487  N  N   . LEU A 1 63 ? -20.975 -3.899  -3.267  1.00 32.21 ? 63  LEU A N   1 
ATOM   488  C  CA  . LEU A 1 63 ? -20.642 -5.259  -2.865  1.00 33.06 ? 63  LEU A CA  1 
ATOM   489  C  C   . LEU A 1 63 ? -19.509 -5.815  -3.722  1.00 33.61 ? 63  LEU A C   1 
ATOM   490  O  O   . LEU A 1 63 ? -19.534 -5.708  -4.948  1.00 33.45 ? 63  LEU A O   1 
ATOM   491  C  CB  . LEU A 1 63 ? -21.866 -6.171  -2.987  1.00 33.83 ? 63  LEU A CB  1 
ATOM   492  C  CG  . LEU A 1 63 ? -21.595 -7.666  -2.774  1.00 34.40 ? 63  LEU A CG  1 
ATOM   493  C  CD1 . LEU A 1 63 ? -21.130 -7.907  -1.346  1.00 34.91 ? 63  LEU A CD1 1 
ATOM   494  C  CD2 . LEU A 1 63 ? -22.860 -8.468  -3.059  1.00 35.22 ? 63  LEU A CD2 1 
ATOM   495  N  N   . ILE A 1 64 ? -18.512 -6.400  -3.072  1.00 33.91 ? 64  ILE A N   1 
ATOM   496  C  CA  . ILE A 1 64 ? -17.384 -6.984  -3.782  1.00 34.96 ? 64  ILE A CA  1 
ATOM   497  C  C   . ILE A 1 64 ? -17.027 -8.326  -3.166  1.00 35.74 ? 64  ILE A C   1 
ATOM   498  O  O   . ILE A 1 64 ? -17.071 -8.486  -1.948  1.00 35.73 ? 64  ILE A O   1 
ATOM   499  C  CB  . ILE A 1 64 ? -16.120 -6.086  -3.710  1.00 35.05 ? 64  ILE A CB  1 
ATOM   500  C  CG1 . ILE A 1 64 ? -16.390 -4.736  -4.371  1.00 35.31 ? 64  ILE A CG1 1 
ATOM   501  C  CG2 . ILE A 1 64 ? -14.945 -6.786  -4.389  1.00 35.07 ? 64  ILE A CG2 1 
ATOM   502  C  CD1 . ILE A 1 64 ? -15.180 -3.835  -4.432  1.00 35.94 ? 64  ILE A CD1 1 
ATOM   503  N  N   . GLU A 1 65 ? -16.687 -9.292  -4.010  1.00 36.59 ? 65  GLU A N   1 
ATOM   504  C  CA  . GLU A 1 65 ? -16.283 -10.604 -3.527  1.00 38.07 ? 65  GLU A CA  1 
ATOM   505  C  C   . GLU A 1 65 ? -14.775 -10.675 -3.683  1.00 38.55 ? 65  GLU A C   1 
ATOM   506  O  O   . GLU A 1 65 ? -14.255 -10.678 -4.800  1.00 38.22 ? 65  GLU A O   1 
ATOM   507  C  CB  . GLU A 1 65 ? -16.935 -11.722 -4.338  1.00 39.08 ? 65  GLU A CB  1 
ATOM   508  C  CG  . GLU A 1 65 ? -18.439 -11.771 -4.215  1.00 41.04 ? 65  GLU A CG  1 
ATOM   509  C  CD  . GLU A 1 65 ? -19.024 -13.044 -4.792  1.00 41.94 ? 65  GLU A CD  1 
ATOM   510  O  OE1 . GLU A 1 65 ? -20.266 -13.123 -4.907  1.00 42.90 ? 65  GLU A OE1 1 
ATOM   511  O  OE2 . GLU A 1 65 ? -18.244 -13.966 -5.123  1.00 42.71 ? 65  GLU A OE2 1 
ATOM   512  N  N   . ILE A 1 66 ? -14.076 -10.711 -2.557  1.00 39.12 ? 66  ILE A N   1 
ATOM   513  C  CA  . ILE A 1 66 ? -12.625 -10.765 -2.569  1.00 40.14 ? 66  ILE A CA  1 
ATOM   514  C  C   . ILE A 1 66 ? -12.146 -12.166 -2.246  1.00 40.84 ? 66  ILE A C   1 
ATOM   515  O  O   . ILE A 1 66 ? -12.349 -12.664 -1.141  1.00 40.55 ? 66  ILE A O   1 
ATOM   516  C  CB  . ILE A 1 66 ? -12.017 -9.789  -1.539  1.00 40.30 ? 66  ILE A CB  1 
ATOM   517  C  CG1 . ILE A 1 66 ? -12.521 -8.371  -1.810  1.00 40.45 ? 66  ILE A CG1 1 
ATOM   518  C  CG2 . ILE A 1 66 ? -10.494 -9.834  -1.611  1.00 40.15 ? 66  ILE A CG2 1 
ATOM   519  C  CD1 . ILE A 1 66 ? -12.070 -7.353  -0.786  1.00 40.75 ? 66  ILE A CD1 1 
ATOM   520  N  N   . CYS A 1 67 ? -11.525 -12.803 -3.229  1.00 42.04 ? 67  CYS A N   1 
ATOM   521  C  CA  . CYS A 1 67 ? -10.989 -14.138 -3.047  1.00 43.35 ? 67  CYS A CA  1 
ATOM   522  C  C   . CYS A 1 67 ? -12.001 -15.076 -2.381  1.00 43.23 ? 67  CYS A C   1 
ATOM   523  O  O   . CYS A 1 67 ? -11.628 -15.937 -1.583  1.00 43.66 ? 67  CYS A O   1 
ATOM   524  C  CB  . CYS A 1 67 ? -9.713  -14.045 -2.206  1.00 44.37 ? 67  CYS A CB  1 
ATOM   525  S  SG  . CYS A 1 67 ? -8.656  -15.492 -2.277  1.00 48.21 ? 67  CYS A SG  1 
ATOM   526  N  N   . GLY A 1 68 ? -13.281 -14.900 -2.702  1.00 42.96 ? 68  GLY A N   1 
ATOM   527  C  CA  . GLY A 1 68 ? -14.311 -15.755 -2.135  1.00 42.34 ? 68  GLY A CA  1 
ATOM   528  C  C   . GLY A 1 68 ? -15.103 -15.192 -0.965  1.00 42.00 ? 68  GLY A C   1 
ATOM   529  O  O   . GLY A 1 68 ? -16.135 -15.750 -0.591  1.00 42.17 ? 68  GLY A O   1 
ATOM   530  N  N   . HIS A 1 69 ? -14.635 -14.092 -0.385  1.00 41.23 ? 69  HIS A N   1 
ATOM   531  C  CA  . HIS A 1 69 ? -15.322 -13.484 0.750   1.00 40.36 ? 69  HIS A CA  1 
ATOM   532  C  C   . HIS A 1 69 ? -16.122 -12.253 0.335   1.00 39.50 ? 69  HIS A C   1 
ATOM   533  O  O   . HIS A 1 69 ? -15.624 -11.389 -0.384  1.00 39.08 ? 69  HIS A O   1 
ATOM   534  C  CB  . HIS A 1 69 ? -14.313 -13.081 1.827   1.00 40.97 ? 69  HIS A CB  1 
ATOM   535  C  CG  . HIS A 1 69 ? -13.445 -14.206 2.298   1.00 41.80 ? 69  HIS A CG  1 
ATOM   536  N  ND1 . HIS A 1 69 ? -12.623 -14.918 1.449   1.00 42.10 ? 69  HIS A ND1 1 
ATOM   537  C  CD2 . HIS A 1 69 ? -13.258 -14.732 3.531   1.00 42.11 ? 69  HIS A CD2 1 
ATOM   538  C  CE1 . HIS A 1 69 ? -11.966 -15.831 2.141   1.00 42.30 ? 69  HIS A CE1 1 
ATOM   539  N  NE2 . HIS A 1 69 ? -12.333 -15.740 3.407   1.00 42.49 ? 69  HIS A NE2 1 
ATOM   540  N  N   . LYS A 1 70 ? -17.363 -12.178 0.801   1.00 38.43 ? 70  LYS A N   1 
ATOM   541  C  CA  . LYS A 1 70 ? -18.229 -11.047 0.489   1.00 37.50 ? 70  LYS A CA  1 
ATOM   542  C  C   . LYS A 1 70 ? -17.830 -9.862  1.364   1.00 36.30 ? 70  LYS A C   1 
ATOM   543  O  O   . LYS A 1 70 ? -17.483 -10.034 2.533   1.00 36.16 ? 70  LYS A O   1 
ATOM   544  C  CB  . LYS A 1 70 ? -19.687 -11.414 0.767   1.00 38.44 ? 70  LYS A CB  1 
ATOM   545  C  CG  . LYS A 1 70 ? -20.122 -12.723 0.136   1.00 39.90 ? 70  LYS A CG  1 
ATOM   546  C  CD  . LYS A 1 70 ? -20.387 -12.568 -1.347  1.00 40.86 ? 70  LYS A CD  1 
ATOM   547  C  CE  . LYS A 1 70 ? -21.723 -11.887 -1.582  1.00 41.61 ? 70  LYS A CE  1 
ATOM   548  N  NZ  . LYS A 1 70 ? -22.847 -12.686 -1.004  1.00 42.50 ? 70  LYS A NZ  1 
ATOM   549  N  N   . ALA A 1 71 ? -17.875 -8.662  0.794   1.00 34.42 ? 71  ALA A N   1 
ATOM   550  C  CA  . ALA A 1 71 ? -17.532 -7.462  1.539   1.00 32.78 ? 71  ALA A CA  1 
ATOM   551  C  C   . ALA A 1 71 ? -18.264 -6.270  0.940   1.00 31.92 ? 71  ALA A C   1 
ATOM   552  O  O   . ALA A 1 71 ? -18.390 -6.156  -0.279  1.00 32.13 ? 71  ALA A O   1 
ATOM   553  C  CB  . ALA A 1 71 ? -16.028 -7.231  1.505   1.00 32.72 ? 71  ALA A CB  1 
ATOM   554  N  N   . ILE A 1 72 ? -18.758 -5.391  1.805   1.00 30.28 ? 72  ILE A N   1 
ATOM   555  C  CA  . ILE A 1 72 ? -19.478 -4.207  1.364   1.00 28.81 ? 72  ILE A CA  1 
ATOM   556  C  C   . ILE A 1 72 ? -18.743 -2.962  1.832   1.00 27.52 ? 72  ILE A C   1 
ATOM   557  O  O   . ILE A 1 72 ? -18.246 -2.911  2.953   1.00 26.84 ? 72  ILE A O   1 
ATOM   558  C  CB  . ILE A 1 72 ? -20.914 -4.183  1.938   1.00 29.96 ? 72  ILE A CB  1 
ATOM   559  C  CG1 . ILE A 1 72 ? -21.711 -5.364  1.380   1.00 30.34 ? 72  ILE A CG1 1 
ATOM   560  C  CG2 . ILE A 1 72 ? -21.598 -2.867  1.585   1.00 30.12 ? 72  ILE A CG2 1 
ATOM   561  C  CD1 . ILE A 1 72 ? -23.121 -5.466  1.922   1.00 31.41 ? 72  ILE A CD1 1 
ATOM   562  N  N   . GLY A 1 73 ? -18.667 -1.957  0.967   1.00 26.28 ? 73  GLY A N   1 
ATOM   563  C  CA  . GLY A 1 73 ? -17.986 -0.737  1.350   1.00 25.17 ? 73  GLY A CA  1 
ATOM   564  C  C   . GLY A 1 73 ? -17.871 0.263   0.221   1.00 24.81 ? 73  GLY A C   1 
ATOM   565  O  O   . GLY A 1 73 ? -18.390 0.050   -0.875  1.00 24.23 ? 73  GLY A O   1 
ATOM   566  N  N   . THR A 1 74 ? -17.185 1.363   0.502   1.00 24.41 ? 74  THR A N   1 
ATOM   567  C  CA  . THR A 1 74 ? -16.991 2.409   -0.483  1.00 24.46 ? 74  THR A CA  1 
ATOM   568  C  C   . THR A 1 74 ? -15.972 1.975   -1.519  1.00 23.38 ? 74  THR A C   1 
ATOM   569  O  O   . THR A 1 74 ? -14.992 1.297   -1.210  1.00 23.28 ? 74  THR A O   1 
ATOM   570  C  CB  . THR A 1 74 ? -16.505 3.704   0.188   1.00 25.42 ? 74  THR A CB  1 
ATOM   571  O  OG1 . THR A 1 74 ? -17.543 4.207   1.036   1.00 27.19 ? 74  THR A OG1 1 
ATOM   572  C  CG2 . THR A 1 74 ? -16.148 4.754   -0.852  1.00 25.92 ? 74  THR A CG2 1 
ATOM   573  N  N   . VAL A 1 75 ? -16.216 2.364   -2.761  1.00 22.61 ? 75  VAL A N   1 
ATOM   574  C  CA  . VAL A 1 75 ? -15.305 2.044   -3.839  1.00 21.53 ? 75  VAL A CA  1 
ATOM   575  C  C   . VAL A 1 75 ? -15.103 3.316   -4.639  1.00 21.02 ? 75  VAL A C   1 
ATOM   576  O  O   . VAL A 1 75 ? -16.071 3.984   -5.011  1.00 21.22 ? 75  VAL A O   1 
ATOM   577  C  CB  . VAL A 1 75 ? -15.873 0.948   -4.759  1.00 22.12 ? 75  VAL A CB  1 
ATOM   578  C  CG1 . VAL A 1 75 ? -14.985 0.784   -5.974  1.00 22.10 ? 75  VAL A CG1 1 
ATOM   579  C  CG2 . VAL A 1 75 ? -15.972 -0.367  -3.992  1.00 22.04 ? 75  VAL A CG2 1 
ATOM   580  N  N   . LEU A 1 76 ? -13.844 3.661   -4.875  1.00 19.79 ? 76  LEU A N   1 
ATOM   581  C  CA  . LEU A 1 76 ? -13.519 4.850   -5.642  1.00 19.60 ? 76  LEU A CA  1 
ATOM   582  C  C   . LEU A 1 76 ? -13.164 4.381   -7.044  1.00 19.67 ? 76  LEU A C   1 
ATOM   583  O  O   . LEU A 1 76 ? -12.478 3.375   -7.209  1.00 19.99 ? 76  LEU A O   1 
ATOM   584  C  CB  . LEU A 1 76 ? -12.325 5.578   -5.016  1.00 19.11 ? 76  LEU A CB  1 
ATOM   585  C  CG  . LEU A 1 76 ? -12.489 5.886   -3.524  1.00 18.66 ? 76  LEU A CG  1 
ATOM   586  C  CD1 . LEU A 1 76 ? -11.234 6.564   -3.000  1.00 18.98 ? 76  LEU A CD1 1 
ATOM   587  C  CD2 . LEU A 1 76 ? -13.708 6.764   -3.312  1.00 18.69 ? 76  LEU A CD2 1 
ATOM   588  N  N   . VAL A 1 77 ? -13.640 5.103   -8.049  1.00 19.46 ? 77  VAL A N   1 
ATOM   589  C  CA  . VAL A 1 77 ? -13.355 4.742   -9.430  1.00 20.05 ? 77  VAL A CA  1 
ATOM   590  C  C   . VAL A 1 77 ? -12.658 5.903   -10.105 1.00 19.97 ? 77  VAL A C   1 
ATOM   591  O  O   . VAL A 1 77 ? -13.123 7.042   -10.042 1.00 19.53 ? 77  VAL A O   1 
ATOM   592  C  CB  . VAL A 1 77 ? -14.650 4.402   -10.193 1.00 20.43 ? 77  VAL A CB  1 
ATOM   593  C  CG1 . VAL A 1 77 ? -14.350 4.184   -11.662 1.00 20.90 ? 77  VAL A CG1 1 
ATOM   594  C  CG2 . VAL A 1 77 ? -15.286 3.168   -9.579  1.00 21.25 ? 77  VAL A CG2 1 
ATOM   595  N  N   . GLY A 1 78 ? -11.536 5.611   -10.750 1.00 20.58 ? 78  GLY A N   1 
ATOM   596  C  CA  . GLY A 1 78 ? -10.788 6.661   -11.407 1.00 21.49 ? 78  GLY A CA  1 
ATOM   597  C  C   . GLY A 1 78 ? -9.565  6.143   -12.132 1.00 22.31 ? 78  GLY A C   1 
ATOM   598  O  O   . GLY A 1 78 ? -9.341  4.933   -12.200 1.00 22.39 ? 78  GLY A O   1 
ATOM   599  N  N   . PRO A 1 79 ? -8.736  7.051   -12.665 1.00 22.99 ? 79  PRO A N   1 
ATOM   600  C  CA  . PRO A 1 79 ? -7.521  6.703   -13.403 1.00 23.66 ? 79  PRO A CA  1 
ATOM   601  C  C   . PRO A 1 79 ? -6.364  6.104   -12.606 1.00 24.38 ? 79  PRO A C   1 
ATOM   602  O  O   . PRO A 1 79 ? -5.243  6.604   -12.677 1.00 25.26 ? 79  PRO A O   1 
ATOM   603  C  CB  . PRO A 1 79 ? -7.145  8.023   -14.069 1.00 23.21 ? 79  PRO A CB  1 
ATOM   604  C  CG  . PRO A 1 79 ? -7.562  9.033   -13.048 1.00 23.75 ? 79  PRO A CG  1 
ATOM   605  C  CD  . PRO A 1 79 ? -8.918  8.515   -12.607 1.00 22.94 ? 79  PRO A CD  1 
ATOM   606  N  N   . THR A 1 80 ? -6.622  5.038   -11.855 1.00 24.59 ? 80  THR A N   1 
ATOM   607  C  CA  . THR A 1 80 ? -5.556  4.387   -11.098 1.00 24.75 ? 80  THR A CA  1 
ATOM   608  C  C   . THR A 1 80 ? -4.842  3.405   -12.029 1.00 25.30 ? 80  THR A C   1 
ATOM   609  O  O   . THR A 1 80 ? -5.474  2.763   -12.868 1.00 25.22 ? 80  THR A O   1 
ATOM   610  C  CB  . THR A 1 80 ? -6.098  3.612   -9.877  1.00 24.30 ? 80  THR A CB  1 
ATOM   611  O  OG1 . THR A 1 80 ? -5.019  2.925   -9.228  1.00 24.02 ? 80  THR A OG1 1 
ATOM   612  C  CG2 . THR A 1 80 ? -7.151  2.598   -10.308 1.00 24.23 ? 80  THR A CG2 1 
ATOM   613  N  N   . PRO A 1 81 ? -3.511  3.284   -11.899 1.00 25.60 ? 81  PRO A N   1 
ATOM   614  C  CA  . PRO A 1 81 ? -2.717  2.376   -12.735 1.00 25.77 ? 81  PRO A CA  1 
ATOM   615  C  C   . PRO A 1 81 ? -3.044  0.909   -12.479 1.00 25.54 ? 81  PRO A C   1 
ATOM   616  O  O   . PRO A 1 81 ? -2.850  0.056   -13.344 1.00 25.95 ? 81  PRO A O   1 
ATOM   617  C  CB  . PRO A 1 81 ? -1.273  2.702   -12.334 1.00 25.85 ? 81  PRO A CB  1 
ATOM   618  C  CG  . PRO A 1 81 ? -1.349  4.100   -11.833 1.00 26.61 ? 81  PRO A CG  1 
ATOM   619  C  CD  . PRO A 1 81 ? -2.634  4.101   -11.044 1.00 26.23 ? 81  PRO A CD  1 
ATOM   620  N  N   . VAL A 1 82 ? -3.542  0.618   -11.282 1.00 25.00 ? 82  VAL A N   1 
ATOM   621  C  CA  . VAL A 1 82 ? -3.868  -0.752  -10.908 1.00 24.51 ? 82  VAL A CA  1 
ATOM   622  C  C   . VAL A 1 82 ? -5.044  -0.785  -9.934  1.00 23.61 ? 82  VAL A C   1 
ATOM   623  O  O   . VAL A 1 82 ? -5.261  0.172   -9.192  1.00 23.35 ? 82  VAL A O   1 
ATOM   624  C  CB  . VAL A 1 82 ? -2.644  -1.421  -10.252 1.00 25.67 ? 82  VAL A CB  1 
ATOM   625  C  CG1 . VAL A 1 82 ? -2.211  -0.618  -9.049  1.00 26.82 ? 82  VAL A CG1 1 
ATOM   626  C  CG2 . VAL A 1 82 ? -2.965  -2.843  -9.854  1.00 26.68 ? 82  VAL A CG2 1 
ATOM   627  N  N   . ASN A 1 83 ? -5.807  -1.877  -9.940  1.00 21.97 ? 83  ASN A N   1 
ATOM   628  C  CA  . ASN A 1 83 ? -6.944  -1.996  -9.031  1.00 21.42 ? 83  ASN A CA  1 
ATOM   629  C  C   . ASN A 1 83 ? -6.391  -2.226  -7.636  1.00 20.83 ? 83  ASN A C   1 
ATOM   630  O  O   . ASN A 1 83 ? -5.534  -3.084  -7.434  1.00 20.68 ? 83  ASN A O   1 
ATOM   631  C  CB  . ASN A 1 83 ? -7.863  -3.150  -9.441  1.00 21.68 ? 83  ASN A CB  1 
ATOM   632  C  CG  . ASN A 1 83 ? -8.573  -2.883  -10.760 1.00 23.03 ? 83  ASN A CG  1 
ATOM   633  O  OD1 . ASN A 1 83 ? -9.131  -1.804  -10.965 1.00 23.30 ? 83  ASN A OD1 1 
ATOM   634  N  ND2 . ASN A 1 83 ? -8.557  -3.864  -11.657 1.00 22.94 ? 83  ASN A ND2 1 
ATOM   635  N  N   . ILE A 1 84 ? -6.899  -1.458  -6.683  1.00 20.11 ? 84  ILE A N   1 
ATOM   636  C  CA  . ILE A 1 84 ? -6.430  -1.520  -5.309  1.00 20.26 ? 84  ILE A CA  1 
ATOM   637  C  C   . ILE A 1 84 ? -7.520  -1.838  -4.296  1.00 19.14 ? 84  ILE A C   1 
ATOM   638  O  O   . ILE A 1 84 ? -8.551  -1.171  -4.260  1.00 18.57 ? 84  ILE A O   1 
ATOM   639  C  CB  . ILE A 1 84 ? -5.824  -0.159  -4.902  1.00 21.35 ? 84  ILE A CB  1 
ATOM   640  C  CG1 . ILE A 1 84 ? -4.623  0.164   -5.788  1.00 22.33 ? 84  ILE A CG1 1 
ATOM   641  C  CG2 . ILE A 1 84 ? -5.442  -0.163  -3.424  1.00 21.75 ? 84  ILE A CG2 1 
ATOM   642  C  CD1 . ILE A 1 84 ? -4.295  1.632   -5.795  1.00 23.99 ? 84  ILE A CD1 1 
ATOM   643  N  N   . ILE A 1 85 ? -7.289  -2.858  -3.477  1.00 18.18 ? 85  ILE A N   1 
ATOM   644  C  CA  . ILE A 1 85 ? -8.224  -3.193  -2.417  1.00 17.85 ? 85  ILE A CA  1 
ATOM   645  C  C   . ILE A 1 85 ? -7.589  -2.564  -1.179  1.00 17.37 ? 85  ILE A C   1 
ATOM   646  O  O   . ILE A 1 85 ? -6.506  -2.975  -0.753  1.00 16.57 ? 85  ILE A O   1 
ATOM   647  C  CB  . ILE A 1 85 ? -8.355  -4.715  -2.197  1.00 18.61 ? 85  ILE A CB  1 
ATOM   648  C  CG1 . ILE A 1 85 ? -8.938  -5.378  -3.450  1.00 19.22 ? 85  ILE A CG1 1 
ATOM   649  C  CG2 . ILE A 1 85 ? -9.259  -4.982  -0.993  1.00 18.52 ? 85  ILE A CG2 1 
ATOM   650  C  CD1 . ILE A 1 85 ? -10.309 -4.861  -3.835  1.00 21.45 ? 85  ILE A CD1 1 
ATOM   651  N  N   . GLY A 1 86 ? -8.260  -1.559  -0.626  1.00 16.57 ? 86  GLY A N   1 
ATOM   652  C  CA  . GLY A 1 86 ? -7.739  -0.858  0.534   1.00 16.31 ? 86  GLY A CA  1 
ATOM   653  C  C   . GLY A 1 86 ? -8.270  -1.341  1.866   1.00 15.69 ? 86  GLY A C   1 
ATOM   654  O  O   . GLY A 1 86 ? -9.078  -2.269  1.932   1.00 16.03 ? 86  GLY A O   1 
ATOM   655  N  N   . ARG A 1 87 ? -7.822  -0.693  2.932   1.00 15.63 ? 87  ARG A N   1 
ATOM   656  C  CA  . ARG A 1 87 ? -8.216  -1.077  4.280   1.00 15.79 ? 87  ARG A CA  1 
ATOM   657  C  C   . ARG A 1 87 ? -9.711  -1.153  4.531   1.00 16.83 ? 87  ARG A C   1 
ATOM   658  O  O   . ARG A 1 87 ? -10.163 -2.020  5.284   1.00 16.81 ? 87  ARG A O   1 
ATOM   659  C  CB  . ARG A 1 87 ? -7.578  -0.134  5.309   1.00 15.38 ? 87  ARG A CB  1 
ATOM   660  C  CG  . ARG A 1 87 ? -6.052  -0.236  5.356   1.00 15.36 ? 87  ARG A CG  1 
ATOM   661  C  CD  . ARG A 1 87 ? -5.456  0.538   6.533   1.00 16.63 ? 87  ARG A CD  1 
ATOM   662  N  NE  . ARG A 1 87 ? -5.778  1.960   6.478   1.00 17.58 ? 87  ARG A NE  1 
ATOM   663  C  CZ  . ARG A 1 87 ? -6.752  2.538   7.175   1.00 18.32 ? 87  ARG A CZ  1 
ATOM   664  N  NH1 . ARG A 1 87 ? -7.511  1.820   7.994   1.00 18.04 ? 87  ARG A NH1 1 
ATOM   665  N  NH2 . ARG A 1 87 ? -6.976  3.839   7.044   1.00 19.22 ? 87  ARG A NH2 1 
ATOM   666  N  N   . ASN A 1 88 ? -10.478 -0.260  3.911   1.00 17.35 ? 88  ASN A N   1 
ATOM   667  C  CA  . ASN A 1 88 ? -11.928 -0.249  4.132   1.00 18.12 ? 88  ASN A CA  1 
ATOM   668  C  C   . ASN A 1 88 ? -12.582 -1.593  3.835   1.00 18.15 ? 88  ASN A C   1 
ATOM   669  O  O   . ASN A 1 88 ? -13.588 -1.946  4.454   1.00 18.71 ? 88  ASN A O   1 
ATOM   670  C  CB  . ASN A 1 88 ? -12.601 0.876   3.320   1.00 18.58 ? 88  ASN A CB  1 
ATOM   671  C  CG  . ASN A 1 88 ? -12.696 0.567   1.834   1.00 19.96 ? 88  ASN A CG  1 
ATOM   672  O  OD1 . ASN A 1 88 ? -11.698 0.257   1.184   1.00 19.98 ? 88  ASN A OD1 1 
ATOM   673  N  ND2 . ASN A 1 88 ? -13.912 0.662   1.286   1.00 20.93 ? 88  ASN A ND2 1 
ATOM   674  N  N   . LEU A 1 89 ? -12.013 -2.350  2.901   1.00 17.96 ? 89  LEU A N   1 
ATOM   675  C  CA  . LEU A 1 89 ? -12.556 -3.659  2.567   1.00 18.75 ? 89  LEU A CA  1 
ATOM   676  C  C   . LEU A 1 89 ? -11.731 -4.795  3.157   1.00 18.51 ? 89  LEU A C   1 
ATOM   677  O  O   . LEU A 1 89 ? -12.271 -5.851  3.471   1.00 18.89 ? 89  LEU A O   1 
ATOM   678  C  CB  . LEU A 1 89 ? -12.655 -3.834  1.049   1.00 19.63 ? 89  LEU A CB  1 
ATOM   679  C  CG  . LEU A 1 89 ? -13.632 -2.897  0.339   1.00 20.72 ? 89  LEU A CG  1 
ATOM   680  C  CD1 . LEU A 1 89 ? -13.719 -3.296  -1.134  1.00 22.08 ? 89  LEU A CD1 1 
ATOM   681  C  CD2 . LEU A 1 89 ? -15.000 -2.984  0.989   1.00 21.66 ? 89  LEU A CD2 1 
ATOM   682  N  N   . LEU A 1 90 ? -10.424 -4.584  3.306   1.00 18.27 ? 90  LEU A N   1 
ATOM   683  C  CA  . LEU A 1 90 ? -9.558  -5.611  3.877   1.00 17.36 ? 90  LEU A CA  1 
ATOM   684  C  C   . LEU A 1 90 ? -10.016 -5.970  5.286   1.00 17.50 ? 90  LEU A C   1 
ATOM   685  O  O   . LEU A 1 90 ? -9.962  -7.137  5.689   1.00 17.14 ? 90  LEU A O   1 
ATOM   686  C  CB  . LEU A 1 90 ? -8.099  -5.131  3.911   1.00 17.81 ? 90  LEU A CB  1 
ATOM   687  C  CG  . LEU A 1 90 ? -7.411  -4.942  2.552   1.00 18.01 ? 90  LEU A CG  1 
ATOM   688  C  CD1 . LEU A 1 90 ? -6.005  -4.381  2.753   1.00 18.91 ? 90  LEU A CD1 1 
ATOM   689  C  CD2 . LEU A 1 90 ? -7.358  -6.272  1.825   1.00 19.14 ? 90  LEU A CD2 1 
ATOM   690  N  N   . THR A 1 91 ? -10.479 -4.972  6.036   1.00 17.29 ? 91  THR A N   1 
ATOM   691  C  CA  . THR A 1 91 ? -10.949 -5.222  7.398   1.00 18.02 ? 91  THR A CA  1 
ATOM   692  C  C   . THR A 1 91 ? -12.161 -6.148  7.381   1.00 18.51 ? 91  THR A C   1 
ATOM   693  O  O   . THR A 1 91 ? -12.312 -7.001  8.255   1.00 18.29 ? 91  THR A O   1 
ATOM   694  C  CB  . THR A 1 91 ? -11.384 -3.916  8.120   1.00 18.26 ? 91  THR A CB  1 
ATOM   695  O  OG1 . THR A 1 91 ? -12.375 -3.243  7.334   1.00 17.73 ? 91  THR A OG1 1 
ATOM   696  C  CG2 . THR A 1 91 ? -10.193 -2.993  8.346   1.00 17.62 ? 91  THR A CG2 1 
ATOM   697  N  N   . GLN A 1 92 ? -13.018 -5.977  6.380   1.00 18.94 ? 92  GLN A N   1 
ATOM   698  C  CA  . GLN A 1 92 ? -14.235 -6.772  6.277   1.00 19.66 ? 92  GLN A CA  1 
ATOM   699  C  C   . GLN A 1 92 ? -14.019 -8.259  6.027   1.00 20.54 ? 92  GLN A C   1 
ATOM   700  O  O   . GLN A 1 92 ? -14.862 -9.071  6.397   1.00 20.87 ? 92  GLN A O   1 
ATOM   701  C  CB  . GLN A 1 92 ? -15.151 -6.182  5.199   1.00 19.63 ? 92  GLN A CB  1 
ATOM   702  C  CG  . GLN A 1 92 ? -15.515 -4.728  5.466   1.00 19.37 ? 92  GLN A CG  1 
ATOM   703  C  CD  . GLN A 1 92 ? -16.265 -4.549  6.778   1.00 20.36 ? 92  GLN A CD  1 
ATOM   704  O  OE1 . GLN A 1 92 ? -17.457 -4.848  6.874   1.00 20.49 ? 92  GLN A OE1 1 
ATOM   705  N  NE2 . GLN A 1 92 ? -15.564 -4.069  7.801   1.00 19.82 ? 92  GLN A NE2 1 
ATOM   706  N  N   . ILE A 1 93 ? -12.902 -8.629  5.407   1.00 21.42 ? 93  ILE A N   1 
ATOM   707  C  CA  . ILE A 1 93 ? -12.644 -10.044 5.164   1.00 22.51 ? 93  ILE A CA  1 
ATOM   708  C  C   . ILE A 1 93 ? -11.720 -10.610 6.233   1.00 22.53 ? 93  ILE A C   1 
ATOM   709  O  O   . ILE A 1 93 ? -11.302 -11.768 6.162   1.00 22.94 ? 93  ILE A O   1 
ATOM   710  C  CB  . ILE A 1 93 ? -12.048 -10.289 3.759   1.00 23.05 ? 93  ILE A CB  1 
ATOM   711  C  CG1 . ILE A 1 93 ? -10.697 -9.589  3.612   1.00 23.38 ? 93  ILE A CG1 1 
ATOM   712  C  CG2 . ILE A 1 93 ? -13.029 -9.792  2.707   1.00 23.94 ? 93  ILE A CG2 1 
ATOM   713  C  CD1 . ILE A 1 93 ? -10.023 -9.858  2.272   1.00 24.00 ? 93  ILE A CD1 1 
ATOM   714  N  N   . GLY A 1 94 ? -11.412 -9.777  7.221   1.00 22.75 ? 94  GLY A N   1 
ATOM   715  C  CA  . GLY A 1 94 ? -10.574 -10.191 8.332   1.00 22.97 ? 94  GLY A CA  1 
ATOM   716  C  C   . GLY A 1 94 ? -9.100  -10.291 8.020   1.00 23.25 ? 94  GLY A C   1 
ATOM   717  O  O   . GLY A 1 94 ? -8.384  -11.091 8.620   1.00 23.61 ? 94  GLY A O   1 
ATOM   718  N  N   . CYS A 1 95 ? -8.639  -9.463  7.093   1.00 23.02 ? 95  CYS A N   1 
ATOM   719  C  CA  . CYS A 1 95 ? -7.239  -9.482  6.705   1.00 23.29 ? 95  CYS A CA  1 
ATOM   720  C  C   . CYS A 1 95 ? -6.354  -8.772  7.724   1.00 22.61 ? 95  CYS A C   1 
ATOM   721  O  O   . CYS A 1 95 ? -6.645  -7.651  8.142   1.00 22.52 ? 95  CYS A O   1 
ATOM   722  C  CB  . CYS A 1 95 ? -7.076  -8.817  5.335   1.00 24.22 ? 95  CYS A CB  1 
ATOM   723  S  SG  . CYS A 1 95 ? -5.418  -8.968  4.655   1.00 25.87 ? 95  CYS A SG  1 
ATOM   724  N  N   . THR A 1 96 ? -5.263  -9.424  8.115   1.00 22.20 ? 96  THR A N   1 
ATOM   725  C  CA  . THR A 1 96 ? -4.330  -8.828  9.063   1.00 21.81 ? 96  THR A CA  1 
ATOM   726  C  C   . THR A 1 96 ? -2.898  -8.992  8.560   1.00 21.80 ? 96  THR A C   1 
ATOM   727  O  O   . THR A 1 96 ? -2.630  -9.824  7.694   1.00 21.76 ? 96  THR A O   1 
ATOM   728  C  CB  . THR A 1 96 ? -4.410  -9.499  10.453  1.00 22.08 ? 96  THR A CB  1 
ATOM   729  O  OG1 . THR A 1 96 ? -4.109  -10.893 10.324  1.00 22.36 ? 96  THR A OG1 1 
ATOM   730  C  CG2 . THR A 1 96 ? -5.796  -9.326  11.061  1.00 22.71 ? 96  THR A CG2 1 
ATOM   731  N  N   . LEU A 1 97 ? -1.996  -8.178  9.101   1.00 21.84 ? 97  LEU A N   1 
ATOM   732  C  CA  . LEU A 1 97 ? -0.575  -8.247  8.779   1.00 22.65 ? 97  LEU A CA  1 
ATOM   733  C  C   . LEU A 1 97 ? 0.028   -9.014  9.943   1.00 23.19 ? 97  LEU A C   1 
ATOM   734  O  O   . LEU A 1 97 ? -0.298  -8.734  11.096  1.00 23.55 ? 97  LEU A O   1 
ATOM   735  C  CB  . LEU A 1 97 ? 0.040   -6.849  8.727   1.00 23.04 ? 97  LEU A CB  1 
ATOM   736  C  CG  . LEU A 1 97 ? -0.239  -6.015  7.479   1.00 23.15 ? 97  LEU A CG  1 
ATOM   737  C  CD1 . LEU A 1 97 ? 0.149   -4.559  7.732   1.00 24.22 ? 97  LEU A CD1 1 
ATOM   738  C  CD2 . LEU A 1 97 ? 0.537   -6.600  6.305   1.00 23.79 ? 97  LEU A CD2 1 
ATOM   739  N  N   . ASN A 1 98 ? 0.898   -9.977  9.655   1.00 24.40 ? 98  ASN A N   1 
ATOM   740  C  CA  . ASN A 1 98 ? 1.514   -10.770 10.714  1.00 25.41 ? 98  ASN A CA  1 
ATOM   741  C  C   . ASN A 1 98 ? 3.011   -10.978 10.513  1.00 25.92 ? 98  ASN A C   1 
ATOM   742  O  O   . ASN A 1 98 ? 3.462   -11.213 9.395   1.00 25.35 ? 98  ASN A O   1 
ATOM   743  C  CB  . ASN A 1 98 ? 0.856   -12.149 10.806  1.00 26.52 ? 98  ASN A CB  1 
ATOM   744  C  CG  . ASN A 1 98 ? -0.635  -12.075 11.070  1.00 27.31 ? 98  ASN A CG  1 
ATOM   745  O  OD1 . ASN A 1 98 ? -1.426  -11.788 10.171  1.00 28.54 ? 98  ASN A OD1 1 
ATOM   746  N  ND2 . ASN A 1 98 ? -1.025  -12.333 12.310  1.00 28.27 ? 98  ASN A ND2 1 
ATOM   747  N  N   . PHE A 1 99 ? 3.759   -10.899 11.611  1.00 26.78 ? 99  PHE A N   1 
ATOM   748  C  CA  . PHE A 1 99 ? 5.203   -11.113 11.614  1.00 28.39 ? 99  PHE A CA  1 
ATOM   749  C  C   . PHE A 1 99 ? 5.692   -11.251 13.053  1.00 29.15 ? 99  PHE A C   1 
ATOM   750  O  O   . PHE A 1 99 ? 6.922   -11.265 13.268  1.00 29.62 ? 99  PHE A O   1 
ATOM   751  C  CB  . PHE A 1 99 ? 5.948   -9.966  10.915  1.00 29.12 ? 99  PHE A CB  1 
ATOM   752  C  CG  . PHE A 1 99 ? 5.803   -8.626  11.589  1.00 30.54 ? 99  PHE A CG  1 
ATOM   753  C  CD1 . PHE A 1 99 ? 4.647   -7.870  11.428  1.00 31.05 ? 99  PHE A CD1 1 
ATOM   754  C  CD2 . PHE A 1 99 ? 6.834   -8.113  12.369  1.00 31.01 ? 99  PHE A CD2 1 
ATOM   755  C  CE1 . PHE A 1 99 ? 4.519   -6.620  12.033  1.00 31.53 ? 99  PHE A CE1 1 
ATOM   756  C  CE2 . PHE A 1 99 ? 6.720   -6.865  12.980  1.00 31.87 ? 99  PHE A CE2 1 
ATOM   757  C  CZ  . PHE A 1 99 ? 5.557   -6.115  12.811  1.00 31.82 ? 99  PHE A CZ  1 
ATOM   758  O  OXT . PHE A 1 99 ? 4.830   -11.362 13.948  1.00 29.75 ? 99  PHE A OXT 1 
ATOM   759  N  N   . PRO B 1 1  ? 3.923   -9.894  15.825  1.00 33.84 ? 101 PRO B N   1 
ATOM   760  C  CA  . PRO B 1 1  ? 2.610   -9.338  16.216  1.00 33.32 ? 101 PRO B CA  1 
ATOM   761  C  C   . PRO B 1 1  ? 1.605   -9.427  15.072  1.00 32.88 ? 101 PRO B C   1 
ATOM   762  O  O   . PRO B 1 1  ? 1.983   -9.624  13.918  1.00 32.92 ? 101 PRO B O   1 
ATOM   763  C  CB  . PRO B 1 1  ? 2.851   -7.888  16.593  1.00 33.62 ? 101 PRO B CB  1 
ATOM   764  C  CG  . PRO B 1 1  ? 4.027   -7.546  15.685  1.00 33.75 ? 101 PRO B CG  1 
ATOM   765  C  CD  . PRO B 1 1  ? 4.914   -8.806  15.728  1.00 33.96 ? 101 PRO B CD  1 
ATOM   766  N  N   . GLN B 1 2  ? 0.327   -9.296  15.409  1.00 32.20 ? 102 GLN B N   1 
ATOM   767  C  CA  . GLN B 1 2  ? -0.747  -9.325  14.424  1.00 31.37 ? 102 GLN B CA  1 
ATOM   768  C  C   . GLN B 1 2  ? -1.340  -7.927  14.400  1.00 30.13 ? 102 GLN B C   1 
ATOM   769  O  O   . GLN B 1 2  ? -1.761  -7.401  15.431  1.00 30.41 ? 102 GLN B O   1 
ATOM   770  C  CB  . GLN B 1 2  ? -1.819  -10.341 14.812  1.00 32.57 ? 102 GLN B CB  1 
ATOM   771  C  CG  . GLN B 1 2  ? -3.095  -10.226 13.990  1.00 34.52 ? 102 GLN B CG  1 
ATOM   772  C  CD  . GLN B 1 2  ? -3.998  -11.430 14.148  1.00 35.64 ? 102 GLN B CD  1 
ATOM   773  O  OE1 . GLN B 1 2  ? -3.698  -12.514 13.645  1.00 36.68 ? 102 GLN B OE1 1 
ATOM   774  N  NE2 . GLN B 1 2  ? -5.106  -11.250 14.856  1.00 36.72 ? 102 GLN B NE2 1 
ATOM   775  N  N   . ILE B 1 3  ? -1.363  -7.321  13.222  1.00 28.05 ? 103 ILE B N   1 
ATOM   776  C  CA  . ILE B 1 3  ? -1.872  -5.971  13.083  1.00 26.45 ? 103 ILE B CA  1 
ATOM   777  C  C   . ILE B 1 3  ? -3.146  -5.933  12.251  1.00 24.81 ? 103 ILE B C   1 
ATOM   778  O  O   . ILE B 1 3  ? -3.174  -6.402  11.113  1.00 23.65 ? 103 ILE B O   1 
ATOM   779  C  CB  . ILE B 1 3  ? -0.799  -5.060  12.438  1.00 26.88 ? 103 ILE B CB  1 
ATOM   780  C  CG1 . ILE B 1 3  ? 0.465   -5.075  13.308  1.00 27.35 ? 103 ILE B CG1 1 
ATOM   781  C  CG2 . ILE B 1 3  ? -1.334  -3.642  12.265  1.00 27.56 ? 103 ILE B CG2 1 
ATOM   782  C  CD1 . ILE B 1 3  ? 1.634   -4.319  12.723  1.00 28.10 ? 103 ILE B CD1 1 
ATOM   783  N  N   . THR B 1 4  ? -4.208  -5.393  12.839  1.00 23.16 ? 104 THR B N   1 
ATOM   784  C  CA  . THR B 1 4  ? -5.474  -5.276  12.133  1.00 22.23 ? 104 THR B CA  1 
ATOM   785  C  C   . THR B 1 4  ? -5.394  -4.013  11.287  1.00 21.03 ? 104 THR B C   1 
ATOM   786  O  O   . THR B 1 4  ? -4.466  -3.212  11.438  1.00 20.91 ? 104 THR B O   1 
ATOM   787  C  CB  . THR B 1 4  ? -6.670  -5.199  13.106  1.00 22.35 ? 104 THR B CB  1 
ATOM   788  O  OG1 . THR B 1 4  ? -6.457  -4.150  14.051  1.00 23.08 ? 104 THR B OG1 1 
ATOM   789  C  CG2 . THR B 1 4  ? -6.830  -6.522  13.853  1.00 23.06 ? 104 THR B CG2 1 
ATOM   790  N  N   . LEU B 1 5  ? -6.366  -3.823  10.407  1.00 19.70 ? 105 LEU B N   1 
ATOM   791  C  CA  . LEU B 1 5  ? -6.327  -2.682  9.512   1.00 18.99 ? 105 LEU B CA  1 
ATOM   792  C  C   . LEU B 1 5  ? -7.439  -1.648  9.676   1.00 18.89 ? 105 LEU B C   1 
ATOM   793  O  O   . LEU B 1 5  ? -7.732  -0.887  8.750   1.00 18.09 ? 105 LEU B O   1 
ATOM   794  C  CB  . LEU B 1 5  ? -6.285  -3.210  8.077   1.00 18.75 ? 105 LEU B CB  1 
ATOM   795  C  CG  . LEU B 1 5  ? -5.113  -4.178  7.847   1.00 19.09 ? 105 LEU B CG  1 
ATOM   796  C  CD1 . LEU B 1 5  ? -5.278  -4.891  6.512   1.00 19.29 ? 105 LEU B CD1 1 
ATOM   797  C  CD2 . LEU B 1 5  ? -3.793  -3.405  7.908   1.00 19.90 ? 105 LEU B CD2 1 
ATOM   798  N  N   . TRP B 1 6  ? -8.047  -1.604  10.857  1.00 19.17 ? 106 TRP B N   1 
ATOM   799  C  CA  . TRP B 1 6  ? -9.106  -0.638  11.109  1.00 19.54 ? 106 TRP B CA  1 
ATOM   800  C  C   . TRP B 1 6  ? -8.509  0.763   11.096  1.00 20.36 ? 106 TRP B C   1 
ATOM   801  O  O   . TRP B 1 6  ? -9.205  1.745   10.854  1.00 20.52 ? 106 TRP B O   1 
ATOM   802  C  CB  . TRP B 1 6  ? -9.796  -0.940  12.438  1.00 19.26 ? 106 TRP B CB  1 
ATOM   803  C  CG  . TRP B 1 6  ? -10.354 -2.317  12.452  1.00 18.91 ? 106 TRP B CG  1 
ATOM   804  C  CD1 . TRP B 1 6  ? -9.779  -3.429  12.992  1.00 18.79 ? 106 TRP B CD1 1 
ATOM   805  C  CD2 . TRP B 1 6  ? -11.568 -2.756  11.827  1.00 19.34 ? 106 TRP B CD2 1 
ATOM   806  N  NE1 . TRP B 1 6  ? -10.557 -4.536  12.742  1.00 19.78 ? 106 TRP B NE1 1 
ATOM   807  C  CE2 . TRP B 1 6  ? -11.661 -4.152  12.027  1.00 18.95 ? 106 TRP B CE2 1 
ATOM   808  C  CE3 . TRP B 1 6  ? -12.587 -2.105  11.116  1.00 18.60 ? 106 TRP B CE3 1 
ATOM   809  C  CZ2 . TRP B 1 6  ? -12.732 -4.911  11.543  1.00 19.31 ? 106 TRP B CZ2 1 
ATOM   810  C  CZ3 . TRP B 1 6  ? -13.653 -2.861  10.635  1.00 18.79 ? 106 TRP B CZ3 1 
ATOM   811  C  CH2 . TRP B 1 6  ? -13.716 -4.249  10.850  1.00 19.10 ? 106 TRP B CH2 1 
ATOM   812  N  N   . GLN B 1 7  ? -7.209  0.848   11.361  1.00 20.52 ? 107 GLN B N   1 
ATOM   813  C  CA  . GLN B 1 7  ? -6.508  2.125   11.311  1.00 21.31 ? 107 GLN B CA  1 
ATOM   814  C  C   . GLN B 1 7  ? -5.238  1.885   10.494  1.00 20.37 ? 107 GLN B C   1 
ATOM   815  O  O   . GLN B 1 7  ? -4.877  0.737   10.239  1.00 19.67 ? 107 GLN B O   1 
ATOM   816  C  CB  . GLN B 1 7  ? -6.170  2.627   12.719  1.00 24.39 ? 107 GLN B CB  1 
ATOM   817  C  CG  . GLN B 1 7  ? -5.180  1.794   13.498  1.00 28.36 ? 107 GLN B CG  1 
ATOM   818  C  CD  . GLN B 1 7  ? -4.986  2.316   14.918  1.00 30.91 ? 107 GLN B CD  1 
ATOM   819  O  OE1 . GLN B 1 7  ? -4.006  1.985   15.590  1.00 33.02 ? 107 GLN B OE1 1 
ATOM   820  N  NE2 . GLN B 1 7  ? -5.929  3.135   15.381  1.00 32.27 ? 107 GLN B NE2 1 
ATOM   821  N  N   . ARG B 1 8  ? -4.576  2.949   10.059  1.00 19.52 ? 108 ARG B N   1 
ATOM   822  C  CA  . ARG B 1 8  ? -3.356  2.781   9.273   1.00 19.38 ? 108 ARG B CA  1 
ATOM   823  C  C   . ARG B 1 8  ? -2.337  1.961   10.053  1.00 18.80 ? 108 ARG B C   1 
ATOM   824  O  O   . ARG B 1 8  ? -2.157  2.162   11.250  1.00 18.35 ? 108 ARG B O   1 
ATOM   825  C  CB  . ARG B 1 8  ? -2.756  4.138   8.913   1.00 19.82 ? 108 ARG B CB  1 
ATOM   826  C  CG  . ARG B 1 8  ? -3.544  4.876   7.858   1.00 21.20 ? 108 ARG B CG  1 
ATOM   827  C  CD  . ARG B 1 8  ? -2.794  6.100   7.365   1.00 23.86 ? 108 ARG B CD  1 
ATOM   828  N  NE  . ARG B 1 8  ? -3.479  6.728   6.241   1.00 25.64 ? 108 ARG B NE  1 
ATOM   829  C  CZ  . ARG B 1 8  ? -3.099  7.874   5.685   1.00 27.13 ? 108 ARG B CZ  1 
ATOM   830  N  NH1 . ARG B 1 8  ? -2.037  8.519   6.154   1.00 27.86 ? 108 ARG B NH1 1 
ATOM   831  N  NH2 . ARG B 1 8  ? -3.781  8.375   4.664   1.00 27.16 ? 108 ARG B NH2 1 
ATOM   832  N  N   . PRO B 1 9  ? -1.671  1.006   9.382   1.00 18.66 ? 109 PRO B N   1 
ATOM   833  C  CA  . PRO B 1 9  ? -0.670  0.168   10.048  1.00 18.60 ? 109 PRO B CA  1 
ATOM   834  C  C   . PRO B 1 9  ? 0.646   0.918   10.195  1.00 19.18 ? 109 PRO B C   1 
ATOM   835  O  O   . PRO B 1 9  ? 1.616   0.635   9.490   1.00 18.26 ? 109 PRO B O   1 
ATOM   836  C  CB  . PRO B 1 9  ? -0.561  -1.035  9.118   1.00 18.94 ? 109 PRO B CB  1 
ATOM   837  C  CG  . PRO B 1 9  ? -0.765  -0.411  7.766   1.00 18.33 ? 109 PRO B CG  1 
ATOM   838  C  CD  . PRO B 1 9  ? -1.941  0.515   8.017   1.00 18.53 ? 109 PRO B CD  1 
ATOM   839  N  N   . LEU B 1 10 ? 0.657   1.886   11.107  1.00 19.34 ? 110 LEU B N   1 
ATOM   840  C  CA  . LEU B 1 10 ? 1.837   2.693   11.369  1.00 20.49 ? 110 LEU B CA  1 
ATOM   841  C  C   . LEU B 1 10 ? 2.677   2.046   12.456  1.00 20.94 ? 110 LEU B C   1 
ATOM   842  O  O   . LEU B 1 10 ? 2.150   1.559   13.458  1.00 21.26 ? 110 LEU B O   1 
ATOM   843  C  CB  . LEU B 1 10 ? 1.428   4.096   11.825  1.00 21.78 ? 110 LEU B CB  1 
ATOM   844  C  CG  . LEU B 1 10 ? 0.702   4.999   10.831  1.00 23.36 ? 110 LEU B CG  1 
ATOM   845  C  CD1 . LEU B 1 10 ? 0.210   6.245   11.551  1.00 24.86 ? 110 LEU B CD1 1 
ATOM   846  C  CD2 . LEU B 1 10 ? 1.641   5.368   9.688   1.00 24.63 ? 110 LEU B CD2 1 
ATOM   847  N  N   . VAL B 1 11 ? 3.985   2.027   12.255  1.00 20.57 ? 111 VAL B N   1 
ATOM   848  C  CA  . VAL B 1 11 ? 4.883   1.456   13.245  1.00 21.04 ? 111 VAL B CA  1 
ATOM   849  C  C   . VAL B 1 11 ? 6.054   2.400   13.407  1.00 20.80 ? 111 VAL B C   1 
ATOM   850  O  O   . VAL B 1 11 ? 6.226   3.336   12.626  1.00 20.57 ? 111 VAL B O   1 
ATOM   851  C  CB  . VAL B 1 11 ? 5.421   0.062   12.826  1.00 21.34 ? 111 VAL B CB  1 
ATOM   852  C  CG1 . VAL B 1 11 ? 4.263   -0.921  12.668  1.00 22.50 ? 111 VAL B CG1 1 
ATOM   853  C  CG2 . VAL B 1 11 ? 6.215   0.168   11.538  1.00 22.49 ? 111 VAL B CG2 1 
ATOM   854  N  N   . THR B 1 12 ? 6.852   2.171   14.435  1.00 21.25 ? 112 THR B N   1 
ATOM   855  C  CA  . THR B 1 12 ? 8.014   3.010   14.652  1.00 21.44 ? 112 THR B CA  1 
ATOM   856  C  C   . THR B 1 12 ? 9.214   2.309   14.042  1.00 21.15 ? 112 THR B C   1 
ATOM   857  O  O   . THR B 1 12 ? 9.391   1.096   14.212  1.00 21.12 ? 112 THR B O   1 
ATOM   858  C  CB  . THR B 1 12 ? 8.270   3.233   16.150  1.00 22.29 ? 112 THR B CB  1 
ATOM   859  O  OG1 . THR B 1 12 ? 7.171   3.955   16.719  1.00 24.33 ? 112 THR B OG1 1 
ATOM   860  C  CG2 . THR B 1 12 ? 9.549   4.025   16.357  1.00 23.35 ? 112 THR B CG2 1 
ATOM   861  N  N   . ILE B 1 13 ? 10.021  3.057   13.301  1.00 20.36 ? 113 ILE B N   1 
ATOM   862  C  CA  . ILE B 1 13 ? 11.221  2.487   12.716  1.00 20.71 ? 113 ILE B CA  1 
ATOM   863  C  C   . ILE B 1 13 ? 12.388  3.296   13.255  1.00 20.65 ? 113 ILE B C   1 
ATOM   864  O  O   . ILE B 1 13 ? 12.216  4.424   13.713  1.00 20.43 ? 113 ILE B O   1 
ATOM   865  C  CB  . ILE B 1 13 ? 11.230  2.561   11.160  1.00 20.38 ? 113 ILE B CB  1 
ATOM   866  C  CG1 . ILE B 1 13 ? 11.167  4.021   10.698  1.00 20.01 ? 113 ILE B CG1 1 
ATOM   867  C  CG2 . ILE B 1 13 ? 10.066  1.744   10.595  1.00 20.67 ? 113 ILE B CG2 1 
ATOM   868  C  CD1 . ILE B 1 13 ? 11.462  4.223   9.208   1.00 20.71 ? 113 ILE B CD1 1 
ATOM   869  N  N   . LYS B 1 14 ? 13.572  2.707   13.226  1.00 20.97 ? 114 LYS B N   1 
ATOM   870  C  CA  . LYS B 1 14 ? 14.758  3.401   13.687  1.00 21.75 ? 114 LYS B CA  1 
ATOM   871  C  C   . LYS B 1 14 ? 15.757  3.352   12.543  1.00 21.57 ? 114 LYS B C   1 
ATOM   872  O  O   . LYS B 1 14 ? 16.102  2.278   12.046  1.00 20.81 ? 114 LYS B O   1 
ATOM   873  C  CB  . LYS B 1 14 ? 15.330  2.721   14.932  1.00 22.00 ? 114 LYS B CB  1 
ATOM   874  C  CG  . LYS B 1 14 ? 16.551  3.408   15.513  1.00 24.22 ? 114 LYS B CG  1 
ATOM   875  C  CD  . LYS B 1 14 ? 17.000  2.689   16.776  1.00 24.98 ? 114 LYS B CD  1 
ATOM   876  C  CE  . LYS B 1 14 ? 18.277  3.280   17.330  1.00 26.82 ? 114 LYS B CE  1 
ATOM   877  N  NZ  . LYS B 1 14 ? 18.646  2.614   18.616  1.00 27.90 ? 114 LYS B NZ  1 
ATOM   878  N  N   . ILE B 1 15 ? 16.199  4.524   12.112  1.00 22.26 ? 115 ILE B N   1 
ATOM   879  C  CA  . ILE B 1 15 ? 17.152  4.618   11.021  1.00 23.67 ? 115 ILE B CA  1 
ATOM   880  C  C   . ILE B 1 15 ? 18.064  5.804   11.298  1.00 24.45 ? 115 ILE B C   1 
ATOM   881  O  O   . ILE B 1 15 ? 17.599  6.891   11.655  1.00 24.90 ? 115 ILE B O   1 
ATOM   882  C  CB  . ILE B 1 15 ? 16.418  4.781   9.661   1.00 23.86 ? 115 ILE B CB  1 
ATOM   883  C  CG1 . ILE B 1 15 ? 17.434  4.842   8.517   1.00 24.80 ? 115 ILE B CG1 1 
ATOM   884  C  CG2 . ILE B 1 15 ? 15.526  6.009   9.688   1.00 24.03 ? 115 ILE B CG2 1 
ATOM   885  C  CD1 . ILE B 1 15 ? 16.802  4.713   7.142   1.00 25.22 ? 115 ILE B CD1 1 
ATOM   886  N  N   . GLY B 1 16 ? 19.365  5.583   11.157  1.00 25.28 ? 116 GLY B N   1 
ATOM   887  C  CA  . GLY B 1 16 ? 20.319  6.641   11.421  1.00 26.58 ? 116 GLY B CA  1 
ATOM   888  C  C   . GLY B 1 16 ? 20.208  7.140   12.851  1.00 27.16 ? 116 GLY B C   1 
ATOM   889  O  O   . GLY B 1 16 ? 20.380  8.328   13.113  1.00 28.24 ? 116 GLY B O   1 
ATOM   890  N  N   . GLY B 1 17 ? 19.909  6.232   13.776  1.00 27.59 ? 117 GLY B N   1 
ATOM   891  C  CA  . GLY B 1 17 ? 19.784  6.603   15.176  1.00 27.76 ? 117 GLY B CA  1 
ATOM   892  C  C   . GLY B 1 17 ? 18.542  7.409   15.534  1.00 28.26 ? 117 GLY B C   1 
ATOM   893  O  O   . GLY B 1 17 ? 18.383  7.830   16.683  1.00 28.10 ? 117 GLY B O   1 
ATOM   894  N  N   . GLN B 1 18 ? 17.654  7.621   14.565  1.00 27.91 ? 118 GLN B N   1 
ATOM   895  C  CA  . GLN B 1 18 ? 16.438  8.389   14.813  1.00 28.09 ? 118 GLN B CA  1 
ATOM   896  C  C   . GLN B 1 18 ? 15.180  7.540   14.705  1.00 27.06 ? 118 GLN B C   1 
ATOM   897  O  O   . GLN B 1 18 ? 15.124  6.594   13.921  1.00 26.55 ? 118 GLN B O   1 
ATOM   898  C  CB  . GLN B 1 18 ? 16.313  9.542   13.816  1.00 29.85 ? 118 GLN B CB  1 
ATOM   899  C  CG  . GLN B 1 18 ? 17.490  10.488  13.773  1.00 33.15 ? 118 GLN B CG  1 
ATOM   900  C  CD  . GLN B 1 18 ? 17.279  11.603  12.767  1.00 35.19 ? 118 GLN B CD  1 
ATOM   901  O  OE1 . GLN B 1 18 ? 17.048  11.352  11.580  1.00 36.60 ? 118 GLN B OE1 1 
ATOM   902  N  NE2 . GLN B 1 18 ? 17.351  12.848  13.235  1.00 36.70 ? 118 GLN B NE2 1 
ATOM   903  N  N   . LEU B 1 19 ? 14.173  7.893   15.499  1.00 25.75 ? 119 LEU B N   1 
ATOM   904  C  CA  . LEU B 1 19 ? 12.899  7.192   15.470  1.00 24.92 ? 119 LEU B CA  1 
ATOM   905  C  C   . LEU B 1 19 ? 11.969  7.961   14.542  1.00 24.67 ? 119 LEU B C   1 
ATOM   906  O  O   . LEU B 1 19 ? 11.896  9.191   14.596  1.00 24.02 ? 119 LEU B O   1 
ATOM   907  C  CB  . LEU B 1 19 ? 12.277  7.135   16.866  1.00 25.24 ? 119 LEU B CB  1 
ATOM   908  C  CG  . LEU B 1 19 ? 13.028  6.350   17.941  1.00 25.63 ? 119 LEU B CG  1 
ATOM   909  C  CD1 . LEU B 1 19 ? 12.223  6.378   19.237  1.00 26.66 ? 119 LEU B CD1 1 
ATOM   910  C  CD2 . LEU B 1 19 ? 13.248  4.920   17.474  1.00 25.50 ? 119 LEU B CD2 1 
ATOM   911  N  N   . LYS B 1 20 ? 11.263  7.231   13.689  1.00 24.10 ? 120 LYS B N   1 
ATOM   912  C  CA  . LYS B 1 20 ? 10.326  7.830   12.750  1.00 23.97 ? 120 LYS B CA  1 
ATOM   913  C  C   . LYS B 1 20 ? 9.125   6.897   12.666  1.00 23.46 ? 120 LYS B C   1 
ATOM   914  O  O   . LYS B 1 20 ? 9.212   5.732   13.056  1.00 23.74 ? 120 LYS B O   1 
ATOM   915  C  CB  . LYS B 1 20 ? 10.970  7.961   11.366  1.00 24.80 ? 120 LYS B CB  1 
ATOM   916  C  CG  . LYS B 1 20 ? 12.136  8.927   11.289  1.00 27.03 ? 120 LYS B CG  1 
ATOM   917  C  CD  . LYS B 1 20 ? 12.840  8.813   9.941   1.00 28.83 ? 120 LYS B CD  1 
ATOM   918  C  CE  . LYS B 1 20 ? 13.870  9.917   9.746   1.00 30.08 ? 120 LYS B CE  1 
ATOM   919  N  NZ  . LYS B 1 20 ? 13.212  11.241  9.541   1.00 31.80 ? 120 LYS B NZ  1 
ATOM   920  N  N   . GLU B 1 21 ? 8.004   7.406   12.172  1.00 22.86 ? 121 GLU B N   1 
ATOM   921  C  CA  . GLU B 1 21 ? 6.815   6.575   12.025  1.00 22.52 ? 121 GLU B CA  1 
ATOM   922  C  C   . GLU B 1 21 ? 6.717   6.229   10.551  1.00 20.71 ? 121 GLU B C   1 
ATOM   923  O  O   . GLU B 1 21 ? 6.981   7.072   9.695   1.00 20.13 ? 121 GLU B O   1 
ATOM   924  C  CB  . GLU B 1 21 ? 5.547   7.322   12.458  1.00 25.40 ? 121 GLU B CB  1 
ATOM   925  C  CG  . GLU B 1 21 ? 5.517   7.737   13.928  1.00 30.03 ? 121 GLU B CG  1 
ATOM   926  C  CD  . GLU B 1 21 ? 4.102   7.949   14.451  1.00 32.21 ? 121 GLU B CD  1 
ATOM   927  O  OE1 . GLU B 1 21 ? 3.258   8.501   13.706  1.00 34.24 ? 121 GLU B OE1 1 
ATOM   928  O  OE2 . GLU B 1 21 ? 3.835   7.568   15.614  1.00 34.60 ? 121 GLU B OE2 1 
ATOM   929  N  N   . ALA B 1 22 ? 6.346   4.991   10.249  1.00 18.95 ? 122 ALA B N   1 
ATOM   930  C  CA  . ALA B 1 22 ? 6.230   4.584   8.856   1.00 18.03 ? 122 ALA B CA  1 
ATOM   931  C  C   . ALA B 1 22 ? 5.038   3.659   8.687   1.00 18.18 ? 122 ALA B C   1 
ATOM   932  O  O   . ALA B 1 22 ? 4.552   3.065   9.650   1.00 18.56 ? 122 ALA B O   1 
ATOM   933  C  CB  . ALA B 1 22 ? 7.519   3.893   8.396   1.00 17.56 ? 122 ALA B CB  1 
ATOM   934  N  N   . LEU B 1 23 ? 4.571   3.546   7.453   1.00 17.80 ? 123 LEU B N   1 
ATOM   935  C  CA  . LEU B 1 23 ? 3.414   2.727   7.132   1.00 18.38 ? 123 LEU B CA  1 
ATOM   936  C  C   . LEU B 1 23 ? 3.836   1.383   6.541   1.00 18.13 ? 123 LEU B C   1 
ATOM   937  O  O   . LEU B 1 23 ? 4.663   1.337   5.629   1.00 18.18 ? 123 LEU B O   1 
ATOM   938  C  CB  . LEU B 1 23 ? 2.563   3.496   6.118   1.00 19.11 ? 123 LEU B CB  1 
ATOM   939  C  CG  . LEU B 1 23 ? 1.202   3.008   5.635   1.00 20.56 ? 123 LEU B CG  1 
ATOM   940  C  CD1 . LEU B 1 23 ? 0.197   3.064   6.764   1.00 21.01 ? 123 LEU B CD1 1 
ATOM   941  C  CD2 . LEU B 1 23 ? 0.748   3.907   4.483   1.00 21.17 ? 123 LEU B CD2 1 
ATOM   942  N  N   . LEU B 1 24 ? 3.284   0.292   7.068   1.00 17.89 ? 124 LEU B N   1 
ATOM   943  C  CA  . LEU B 1 24 ? 3.581   -1.037  6.532   1.00 17.52 ? 124 LEU B CA  1 
ATOM   944  C  C   . LEU B 1 24 ? 2.665   -1.099  5.314   1.00 17.74 ? 124 LEU B C   1 
ATOM   945  O  O   . LEU B 1 24 ? 1.445   -1.213  5.439   1.00 18.31 ? 124 LEU B O   1 
ATOM   946  C  CB  . LEU B 1 24 ? 3.227   -2.121  7.547   1.00 17.90 ? 124 LEU B CB  1 
ATOM   947  C  CG  . LEU B 1 24 ? 4.038   -2.065  8.841   1.00 19.24 ? 124 LEU B CG  1 
ATOM   948  C  CD1 . LEU B 1 24 ? 3.640   -3.243  9.716   1.00 20.42 ? 124 LEU B CD1 1 
ATOM   949  C  CD2 . LEU B 1 24 ? 5.534   -2.111  8.533   1.00 19.55 ? 124 LEU B CD2 1 
ATOM   950  N  N   . ASP B 1 25 ? 3.276   -1.029  4.137   1.00 17.01 ? 125 ASP B N   1 
ATOM   951  C  CA  . ASP B 1 25 ? 2.542   -0.945  2.885   1.00 16.99 ? 125 ASP B CA  1 
ATOM   952  C  C   . ASP B 1 25 ? 2.764   -2.091  1.897   1.00 16.52 ? 125 ASP B C   1 
ATOM   953  O  O   . ASP B 1 25 ? 3.757   -2.104  1.172   1.00 15.94 ? 125 ASP B O   1 
ATOM   954  C  CB  . ASP B 1 25 ? 2.932   0.381   2.229   1.00 17.72 ? 125 ASP B CB  1 
ATOM   955  C  CG  . ASP B 1 25 ? 1.975   0.804   1.147   1.00 18.80 ? 125 ASP B CG  1 
ATOM   956  O  OD1 . ASP B 1 25 ? 1.178   -0.038  0.688   1.00 19.32 ? 125 ASP B OD1 1 
ATOM   957  O  OD2 . ASP B 1 25 ? 2.038   1.986   0.762   1.00 20.77 ? 125 ASP B OD2 1 
ATOM   958  N  N   . THR B 1 26 ? 1.830   -3.038  1.859   1.00 16.19 ? 126 THR B N   1 
ATOM   959  C  CA  . THR B 1 26 ? 1.941   -4.172  0.953   1.00 15.93 ? 126 THR B CA  1 
ATOM   960  C  C   . THR B 1 26 ? 1.767   -3.761  -0.514  1.00 16.13 ? 126 THR B C   1 
ATOM   961  O  O   . THR B 1 26 ? 2.112   -4.522  -1.422  1.00 17.00 ? 126 THR B O   1 
ATOM   962  C  CB  . THR B 1 26 ? 0.906   -5.269  1.295   1.00 16.30 ? 126 THR B CB  1 
ATOM   963  O  OG1 . THR B 1 26 ? -0.416  -4.739  1.171   1.00 16.39 ? 126 THR B OG1 1 
ATOM   964  C  CG2 . THR B 1 26 ? 1.103   -5.762  2.725   1.00 16.52 ? 126 THR B CG2 1 
ATOM   965  N  N   . GLY B 1 27 ? 1.244   -2.561  -0.744  1.00 15.27 ? 127 GLY B N   1 
ATOM   966  C  CA  . GLY B 1 27 ? 1.055   -2.087  -2.107  1.00 15.34 ? 127 GLY B CA  1 
ATOM   967  C  C   . GLY B 1 27 ? 2.289   -1.395  -2.672  1.00 15.09 ? 127 GLY B C   1 
ATOM   968  O  O   . GLY B 1 27 ? 2.322   -1.005  -3.842  1.00 15.53 ? 127 GLY B O   1 
ATOM   969  N  N   . ALA B 1 28 ? 3.310   -1.242  -1.836  1.00 15.05 ? 128 ALA B N   1 
ATOM   970  C  CA  . ALA B 1 28 ? 4.553   -0.599  -2.245  1.00 15.31 ? 128 ALA B CA  1 
ATOM   971  C  C   . ALA B 1 28 ? 5.621   -1.651  -2.498  1.00 15.64 ? 128 ALA B C   1 
ATOM   972  O  O   . ALA B 1 28 ? 5.948   -2.429  -1.605  1.00 15.08 ? 128 ALA B O   1 
ATOM   973  C  CB  . ALA B 1 28 ? 5.027   0.355   -1.160  1.00 15.58 ? 128 ALA B CB  1 
ATOM   974  N  N   . ASP B 1 29 ? 6.167   -1.672  -3.711  1.00 16.18 ? 129 ASP B N   1 
ATOM   975  C  CA  . ASP B 1 29 ? 7.203   -2.644  -4.045  1.00 17.22 ? 129 ASP B CA  1 
ATOM   976  C  C   . ASP B 1 29 ? 8.461   -2.370  -3.242  1.00 17.24 ? 129 ASP B C   1 
ATOM   977  O  O   . ASP B 1 29 ? 9.143   -3.293  -2.802  1.00 16.94 ? 129 ASP B O   1 
ATOM   978  C  CB  . ASP B 1 29 ? 7.591   -2.568  -5.523  1.00 18.19 ? 129 ASP B CB  1 
ATOM   979  C  CG  . ASP B 1 29 ? 6.470   -2.959  -6.455  1.00 19.39 ? 129 ASP B CG  1 
ATOM   980  O  OD1 . ASP B 1 29 ? 5.578   -3.734  -6.055  1.00 19.81 ? 129 ASP B OD1 1 
ATOM   981  O  OD2 . ASP B 1 29 ? 6.500   -2.495  -7.610  1.00 21.45 ? 129 ASP B OD2 1 
ATOM   982  N  N   . ASP B 1 30 ? 8.766   -1.086  -3.078  1.00 17.30 ? 130 ASP B N   1 
ATOM   983  C  CA  . ASP B 1 30 ? 9.961   -0.662  -2.371  1.00 18.35 ? 130 ASP B CA  1 
ATOM   984  C  C   . ASP B 1 30 ? 9.648   0.186   -1.151  1.00 17.98 ? 130 ASP B C   1 
ATOM   985  O  O   . ASP B 1 30 ? 8.494   0.523   -0.881  1.00 18.35 ? 130 ASP B O   1 
ATOM   986  C  CB  . ASP B 1 30 ? 10.862  0.140   -3.313  1.00 20.38 ? 130 ASP B CB  1 
ATOM   987  C  CG  . ASP B 1 30 ? 11.146  -0.591  -4.614  1.00 23.15 ? 130 ASP B CG  1 
ATOM   988  O  OD1 . ASP B 1 30 ? 11.636  -1.733  -4.547  1.00 24.05 ? 130 ASP B OD1 1 
ATOM   989  O  OD2 . ASP B 1 30 ? 10.884  -0.018  -5.700  1.00 25.71 ? 130 ASP B OD2 1 
ATOM   990  N  N   . THR B 1 31 ? 10.708  0.538   -0.435  1.00 17.24 ? 131 THR B N   1 
ATOM   991  C  CA  . THR B 1 31 ? 10.620  1.345   0.768   1.00 16.80 ? 131 THR B CA  1 
ATOM   992  C  C   . THR B 1 31 ? 11.081  2.751   0.424   1.00 16.83 ? 131 THR B C   1 
ATOM   993  O  O   . THR B 1 31 ? 12.155  2.938   -0.137  1.00 17.10 ? 131 THR B O   1 
ATOM   994  C  CB  . THR B 1 31 ? 11.515  0.754   1.866   1.00 16.28 ? 131 THR B CB  1 
ATOM   995  O  OG1 . THR B 1 31 ? 10.985  -0.514  2.261   1.00 16.83 ? 131 THR B OG1 1 
ATOM   996  C  CG2 . THR B 1 31 ? 11.591  1.679   3.076   1.00 16.73 ? 131 THR B CG2 1 
ATOM   997  N  N   . VAL B 1 32 ? 10.255  3.740   0.738   1.00 16.72 ? 132 VAL B N   1 
ATOM   998  C  CA  . VAL B 1 32 ? 10.615  5.118   0.446   1.00 16.99 ? 132 VAL B CA  1 
ATOM   999  C  C   . VAL B 1 32 ? 10.346  5.988   1.665   1.00 16.87 ? 132 VAL B C   1 
ATOM   1000 O  O   . VAL B 1 32 ? 9.274   5.931   2.272   1.00 16.68 ? 132 VAL B O   1 
ATOM   1001 C  CB  . VAL B 1 32 ? 9.850   5.646   -0.800  1.00 17.83 ? 132 VAL B CB  1 
ATOM   1002 C  CG1 . VAL B 1 32 ? 8.359   5.565   -0.581  1.00 19.11 ? 132 VAL B CG1 1 
ATOM   1003 C  CG2 . VAL B 1 32 ? 10.283  7.080   -1.114  1.00 18.19 ? 132 VAL B CG2 1 
ATOM   1004 N  N   . LEU B 1 33 ? 11.344  6.778   2.031   1.00 16.73 ? 133 LEU B N   1 
ATOM   1005 C  CA  . LEU B 1 33 ? 11.242  7.640   3.194   1.00 17.41 ? 133 LEU B CA  1 
ATOM   1006 C  C   . LEU B 1 33 ? 11.336  9.103   2.816   1.00 18.67 ? 133 LEU B C   1 
ATOM   1007 O  O   . LEU B 1 33 ? 11.879  9.459   1.770   1.00 17.84 ? 133 LEU B O   1 
ATOM   1008 C  CB  . LEU B 1 33 ? 12.361  7.315   4.181   1.00 18.07 ? 133 LEU B CB  1 
ATOM   1009 C  CG  . LEU B 1 33 ? 12.461  5.863   4.641   1.00 18.19 ? 133 LEU B CG  1 
ATOM   1010 C  CD1 . LEU B 1 33 ? 13.739  5.674   5.462   1.00 18.60 ? 133 LEU B CD1 1 
ATOM   1011 C  CD2 . LEU B 1 33 ? 11.239  5.512   5.456   1.00 18.03 ? 133 LEU B CD2 1 
ATOM   1012 N  N   . GLU B 1 34 ? 10.807  9.947   3.689   1.00 20.32 ? 134 GLU B N   1 
ATOM   1013 C  CA  . GLU B 1 34 ? 10.835  11.384  3.486   1.00 22.75 ? 134 GLU B CA  1 
ATOM   1014 C  C   . GLU B 1 34 ? 12.272  11.876  3.481   1.00 23.87 ? 134 GLU B C   1 
ATOM   1015 O  O   . GLU B 1 34 ? 13.164  11.253  4.065   1.00 23.83 ? 134 GLU B O   1 
ATOM   1016 C  CB  . GLU B 1 34 ? 10.043  12.075  4.602   1.00 23.74 ? 134 GLU B CB  1 
ATOM   1017 C  CG  . GLU B 1 34 ? 8.551   11.801  4.538   1.00 26.34 ? 134 GLU B CG  1 
ATOM   1018 C  CD  . GLU B 1 34 ? 7.831   12.131  5.832   1.00 28.17 ? 134 GLU B CD  1 
ATOM   1019 O  OE1 . GLU B 1 34 ? 8.267   13.063  6.535   1.00 30.07 ? 134 GLU B OE1 1 
ATOM   1020 O  OE2 . GLU B 1 34 ? 6.817   11.467  6.140   1.00 29.87 ? 134 GLU B OE2 1 
ATOM   1021 N  N   . GLU B 1 35 ? 12.490  13.002  2.813   1.00 25.70 ? 135 GLU B N   1 
ATOM   1022 C  CA  . GLU B 1 35 ? 13.808  13.601  2.707   1.00 27.38 ? 135 GLU B CA  1 
ATOM   1023 C  C   . GLU B 1 35 ? 14.610  13.488  4.000   1.00 28.35 ? 135 GLU B C   1 
ATOM   1024 O  O   . GLU B 1 35 ? 14.135  13.847  5.081   1.00 28.46 ? 135 GLU B O   1 
ATOM   1025 C  CB  . GLU B 1 35 ? 13.667  15.070  2.303   1.00 28.75 ? 135 GLU B CB  1 
ATOM   1026 C  CG  . GLU B 1 35 ? 14.978  15.761  2.033   1.00 31.27 ? 135 GLU B CG  1 
ATOM   1027 C  CD  . GLU B 1 35 ? 15.828  14.998  1.042   1.00 32.12 ? 135 GLU B CD  1 
ATOM   1028 O  OE1 . GLU B 1 35 ? 15.307  14.638  -0.034  1.00 32.96 ? 135 GLU B OE1 1 
ATOM   1029 O  OE2 . GLU B 1 35 ? 17.017  14.765  1.338   1.00 34.26 ? 135 GLU B OE2 1 
ATOM   1030 N  N   . MET B 1 36 ? 15.824  12.968  3.883   1.00 29.10 ? 136 MET B N   1 
ATOM   1031 C  CA  . MET B 1 36 ? 16.705  12.816  5.030   1.00 30.31 ? 136 MET B CA  1 
ATOM   1032 C  C   . MET B 1 36 ? 18.102  12.522  4.515   1.00 30.89 ? 136 MET B C   1 
ATOM   1033 O  O   . MET B 1 36 ? 18.296  12.266  3.328   1.00 30.93 ? 136 MET B O   1 
ATOM   1034 C  CB  . MET B 1 36 ? 16.242  11.672  5.931   1.00 30.88 ? 136 MET B CB  1 
ATOM   1035 C  CG  . MET B 1 36 ? 16.509  10.289  5.368   1.00 31.44 ? 136 MET B CG  1 
ATOM   1036 S  SD  . MET B 1 36 ? 15.995  8.989   6.501   1.00 33.14 ? 136 MET B SD  1 
ATOM   1037 C  CE  . MET B 1 36 ? 17.343  9.003   7.672   1.00 32.71 ? 136 MET B CE  1 
ATOM   1038 N  N   . SER B 1 37 ? 19.074  12.550  5.416   1.00 31.51 ? 137 SER B N   1 
ATOM   1039 C  CA  . SER B 1 37 ? 20.450  12.288  5.033   1.00 32.24 ? 137 SER B CA  1 
ATOM   1040 C  C   . SER B 1 37 ? 20.869  10.863  5.361   1.00 31.93 ? 137 SER B C   1 
ATOM   1041 O  O   . SER B 1 37 ? 20.700  10.400  6.486   1.00 31.89 ? 137 SER B O   1 
ATOM   1042 C  CB  . SER B 1 37 ? 21.386  13.268  5.739   1.00 32.97 ? 137 SER B CB  1 
ATOM   1043 O  OG  . SER B 1 37 ? 22.727  13.031  5.353   1.00 35.35 ? 137 SER B OG  1 
ATOM   1044 N  N   . LEU B 1 38 ? 21.406  10.169  4.362   1.00 31.56 ? 138 LEU B N   1 
ATOM   1045 C  CA  . LEU B 1 38 ? 21.877  8.801   4.536   1.00 31.17 ? 138 LEU B CA  1 
ATOM   1046 C  C   . LEU B 1 38 ? 23.311  8.715   4.018   1.00 31.28 ? 138 LEU B C   1 
ATOM   1047 O  O   . LEU B 1 38 ? 23.720  9.507   3.172   1.00 30.81 ? 138 LEU B O   1 
ATOM   1048 C  CB  . LEU B 1 38 ? 20.985  7.820   3.777   1.00 30.86 ? 138 LEU B CB  1 
ATOM   1049 C  CG  . LEU B 1 38 ? 19.561  7.632   4.301   1.00 30.81 ? 138 LEU B CG  1 
ATOM   1050 C  CD1 . LEU B 1 38 ? 18.814  6.670   3.393   1.00 30.93 ? 138 LEU B CD1 1 
ATOM   1051 C  CD2 . LEU B 1 38 ? 19.595  7.095   5.726   1.00 30.67 ? 138 LEU B CD2 1 
ATOM   1052 N  N   . PRO B 1 39 ? 24.093  7.752   4.530   1.00 31.49 ? 139 PRO B N   1 
ATOM   1053 C  CA  . PRO B 1 39 ? 25.492  7.552   4.130   1.00 31.13 ? 139 PRO B CA  1 
ATOM   1054 C  C   . PRO B 1 39 ? 25.701  6.890   2.769   1.00 30.26 ? 139 PRO B C   1 
ATOM   1055 O  O   . PRO B 1 39 ? 24.833  6.167   2.271   1.00 30.40 ? 139 PRO B O   1 
ATOM   1056 C  CB  . PRO B 1 39 ? 26.055  6.681   5.259   1.00 31.43 ? 139 PRO B CB  1 
ATOM   1057 C  CG  . PRO B 1 39 ? 25.141  6.964   6.418   1.00 32.71 ? 139 PRO B CG  1 
ATOM   1058 C  CD  . PRO B 1 39 ? 23.798  6.986   5.751   1.00 32.02 ? 139 PRO B CD  1 
ATOM   1059 N  N   . GLY B 1 40 ? 26.868  7.147   2.182   1.00 29.11 ? 140 GLY B N   1 
ATOM   1060 C  CA  . GLY B 1 40 ? 27.229  6.550   0.909   1.00 27.57 ? 140 GLY B CA  1 
ATOM   1061 C  C   . GLY B 1 40 ? 26.750  7.251   -0.344  1.00 26.58 ? 140 GLY B C   1 
ATOM   1062 O  O   . GLY B 1 40 ? 26.214  8.357   -0.300  1.00 26.46 ? 140 GLY B O   1 
ATOM   1063 N  N   . ARG B 1 41 ? 26.969  6.601   -1.479  1.00 25.55 ? 141 ARG B N   1 
ATOM   1064 C  CA  . ARG B 1 41 ? 26.540  7.154   -2.751  1.00 24.84 ? 141 ARG B CA  1 
ATOM   1065 C  C   . ARG B 1 41 ? 25.123  6.673   -3.010  1.00 24.38 ? 141 ARG B C   1 
ATOM   1066 O  O   . ARG B 1 41 ? 24.674  5.685   -2.427  1.00 24.47 ? 141 ARG B O   1 
ATOM   1067 C  CB  . ARG B 1 41 ? 27.449  6.670   -3.885  1.00 24.95 ? 141 ARG B CB  1 
ATOM   1068 C  CG  . ARG B 1 41 ? 28.860  7.253   -3.859  1.00 25.45 ? 141 ARG B CG  1 
ATOM   1069 C  CD  . ARG B 1 41 ? 29.708  6.639   -4.961  1.00 25.61 ? 141 ARG B CD  1 
ATOM   1070 N  NE  . ARG B 1 41 ? 29.168  6.893   -6.297  1.00 25.10 ? 141 ARG B NE  1 
ATOM   1071 C  CZ  . ARG B 1 41 ? 29.276  8.049   -6.948  1.00 24.79 ? 141 ARG B CZ  1 
ATOM   1072 N  NH1 . ARG B 1 41 ? 29.904  9.075   -6.391  1.00 23.75 ? 141 ARG B NH1 1 
ATOM   1073 N  NH2 . ARG B 1 41 ? 28.766  8.173   -8.168  1.00 24.41 ? 141 ARG B NH2 1 
ATOM   1074 N  N   . TRP B 1 42 ? 24.412  7.380   -3.873  1.00 23.58 ? 142 TRP B N   1 
ATOM   1075 C  CA  . TRP B 1 42 ? 23.064  6.982   -4.215  1.00 22.91 ? 142 TRP B CA  1 
ATOM   1076 C  C   . TRP B 1 42 ? 22.949  6.875   -5.727  1.00 23.13 ? 142 TRP B C   1 
ATOM   1077 O  O   . TRP B 1 42 ? 23.794  7.399   -6.464  1.00 22.32 ? 142 TRP B O   1 
ATOM   1078 C  CB  . TRP B 1 42 ? 22.037  7.982   -3.662  1.00 22.09 ? 142 TRP B CB  1 
ATOM   1079 C  CG  . TRP B 1 42 ? 22.223  9.405   -4.107  1.00 21.76 ? 142 TRP B CG  1 
ATOM   1080 C  CD1 . TRP B 1 42 ? 23.032  10.352  -3.536  1.00 21.56 ? 142 TRP B CD1 1 
ATOM   1081 C  CD2 . TRP B 1 42 ? 21.575  10.043  -5.209  1.00 21.70 ? 142 TRP B CD2 1 
ATOM   1082 N  NE1 . TRP B 1 42 ? 22.921  11.542  -4.218  1.00 21.39 ? 142 TRP B NE1 1 
ATOM   1083 C  CE2 . TRP B 1 42 ? 22.035  11.379  -5.250  1.00 21.73 ? 142 TRP B CE2 1 
ATOM   1084 C  CE3 . TRP B 1 42 ? 20.647  9.614   -6.170  1.00 21.86 ? 142 TRP B CE3 1 
ATOM   1085 C  CZ2 . TRP B 1 42 ? 21.597  12.291  -6.215  1.00 21.65 ? 142 TRP B CZ2 1 
ATOM   1086 C  CZ3 . TRP B 1 42 ? 20.212  10.520  -7.129  1.00 21.78 ? 142 TRP B CZ3 1 
ATOM   1087 C  CH2 . TRP B 1 42 ? 20.689  11.846  -7.142  1.00 21.54 ? 142 TRP B CH2 1 
ATOM   1088 N  N   . LYS B 1 43 ? 21.922  6.164   -6.176  1.00 23.44 ? 143 LYS B N   1 
ATOM   1089 C  CA  . LYS B 1 43 ? 21.654  5.981   -7.593  1.00 24.58 ? 143 LYS B CA  1 
ATOM   1090 C  C   . LYS B 1 43 ? 20.259  6.522   -7.846  1.00 24.11 ? 143 LYS B C   1 
ATOM   1091 O  O   . LYS B 1 43 ? 19.427  6.562   -6.940  1.00 23.79 ? 143 LYS B O   1 
ATOM   1092 C  CB  . LYS B 1 43 ? 21.697  4.500   -7.973  1.00 25.84 ? 143 LYS B CB  1 
ATOM   1093 C  CG  . LYS B 1 43 ? 23.058  3.844   -7.799  1.00 28.94 ? 143 LYS B CG  1 
ATOM   1094 C  CD  . LYS B 1 43 ? 22.960  2.355   -8.083  1.00 30.96 ? 143 LYS B CD  1 
ATOM   1095 C  CE  . LYS B 1 43 ? 24.306  1.667   -7.944  1.00 33.03 ? 143 LYS B CE  1 
ATOM   1096 N  NZ  . LYS B 1 43 ? 24.200  0.208   -8.236  1.00 34.28 ? 143 LYS B NZ  1 
ATOM   1097 N  N   . PRO B 1 44 ? 19.976  6.930   -9.089  1.00 24.03 ? 144 PRO B N   1 
ATOM   1098 C  CA  . PRO B 1 44 ? 18.653  7.464   -9.396  1.00 23.91 ? 144 PRO B CA  1 
ATOM   1099 C  C   . PRO B 1 44 ? 17.610  6.378   -9.636  1.00 24.24 ? 144 PRO B C   1 
ATOM   1100 O  O   . PRO B 1 44 ? 17.923  5.280   -10.105 1.00 23.82 ? 144 PRO B O   1 
ATOM   1101 C  CB  . PRO B 1 44 ? 18.913  8.288   -10.647 1.00 24.14 ? 144 PRO B CB  1 
ATOM   1102 C  CG  . PRO B 1 44 ? 19.907  7.431   -11.371 1.00 23.89 ? 144 PRO B CG  1 
ATOM   1103 C  CD  . PRO B 1 44 ? 20.864  7.017   -10.265 1.00 23.94 ? 144 PRO B CD  1 
ATOM   1104 N  N   . LYS B 1 45 ? 16.366  6.692   -9.304  1.00 24.72 ? 145 LYS B N   1 
ATOM   1105 C  CA  . LYS B 1 45 ? 15.280  5.755   -9.521  1.00 25.63 ? 145 LYS B CA  1 
ATOM   1106 C  C   . LYS B 1 45 ? 13.976  6.521   -9.646  1.00 25.92 ? 145 LYS B C   1 
ATOM   1107 O  O   . LYS B 1 45 ? 13.805  7.587   -9.059  1.00 25.49 ? 145 LYS B O   1 
ATOM   1108 C  CB  . LYS B 1 45 ? 15.197  4.735   -8.379  1.00 26.64 ? 145 LYS B CB  1 
ATOM   1109 C  CG  . LYS B 1 45 ? 14.233  3.584   -8.661  1.00 28.45 ? 145 LYS B CG  1 
ATOM   1110 C  CD  . LYS B 1 45 ? 14.247  2.559   -7.540  1.00 30.05 ? 145 LYS B CD  1 
ATOM   1111 C  CE  . LYS B 1 45 ? 13.209  1.463   -7.751  1.00 31.19 ? 145 LYS B CE  1 
ATOM   1112 N  NZ  . LYS B 1 45 ? 13.474  0.656   -8.969  1.00 32.94 ? 145 LYS B NZ  1 
ATOM   1113 N  N   . MET B 1 46 ? 13.071  5.973   -10.444 1.00 26.29 ? 146 MET B N   1 
ATOM   1114 C  CA  . MET B 1 46 ? 11.768  6.570   -10.670 1.00 27.24 ? 146 MET B CA  1 
ATOM   1115 C  C   . MET B 1 46 ? 10.748  5.557   -10.194 1.00 26.39 ? 146 MET B C   1 
ATOM   1116 O  O   . MET B 1 46 ? 10.812  4.395   -10.578 1.00 26.10 ? 146 MET B O   1 
ATOM   1117 C  CB  . MET B 1 46 ? 11.542  6.808   -12.165 1.00 30.15 ? 146 MET B CB  1 
ATOM   1118 C  CG  . MET B 1 46 ? 12.482  7.796   -12.802 1.00 33.69 ? 146 MET B CG  1 
ATOM   1119 S  SD  . MET B 1 46 ? 12.034  9.466   -12.366 1.00 39.00 ? 146 MET B SD  1 
ATOM   1120 C  CE  . MET B 1 46 ? 10.622  9.715   -13.478 1.00 37.01 ? 146 MET B CE  1 
ATOM   1121 N  N   . ILE B 1 47 ? 9.822   5.984   -9.347  1.00 25.41 ? 147 ILE B N   1 
ATOM   1122 C  CA  . ILE B 1 47 ? 8.789   5.073   -8.886  1.00 24.82 ? 147 ILE B CA  1 
ATOM   1123 C  C   . ILE B 1 47 ? 7.443   5.666   -9.261  1.00 24.39 ? 147 ILE B C   1 
ATOM   1124 O  O   . ILE B 1 47 ? 7.254   6.880   -9.202  1.00 24.30 ? 147 ILE B O   1 
ATOM   1125 C  CB  . ILE B 1 47 ? 8.866   4.833   -7.360  1.00 24.85 ? 147 ILE B CB  1 
ATOM   1126 C  CG1 . ILE B 1 47 ? 8.722   6.151   -6.598  1.00 25.42 ? 147 ILE B CG1 1 
ATOM   1127 C  CG2 . ILE B 1 47 ? 10.182  4.150   -7.021  1.00 25.10 ? 147 ILE B CG2 1 
ATOM   1128 C  CD1 . ILE B 1 47 ? 8.808   5.993   -5.084  1.00 25.56 ? 147 ILE B CD1 1 
ATOM   1129 N  N   . GLY B 1 48 ? 6.519   4.806   -9.672  1.00 24.04 ? 148 GLY B N   1 
ATOM   1130 C  CA  . GLY B 1 48 ? 5.206   5.279   -10.061 1.00 24.29 ? 148 GLY B CA  1 
ATOM   1131 C  C   . GLY B 1 48 ? 4.133   4.907   -9.061  1.00 24.23 ? 148 GLY B C   1 
ATOM   1132 O  O   . GLY B 1 48 ? 4.056   3.764   -8.620  1.00 24.15 ? 148 GLY B O   1 
ATOM   1133 N  N   . GLY B 1 49 ? 3.311   5.885   -8.697  1.00 24.72 ? 149 GLY B N   1 
ATOM   1134 C  CA  . GLY B 1 49 ? 2.231   5.652   -7.756  1.00 25.51 ? 149 GLY B CA  1 
ATOM   1135 C  C   . GLY B 1 49 ? 0.914   5.996   -8.426  1.00 26.27 ? 149 GLY B C   1 
ATOM   1136 O  O   . GLY B 1 49 ? 0.848   6.070   -9.654  1.00 26.24 ? 149 GLY B O   1 
ATOM   1137 N  N   . ILE B 1 50 ? -0.133  6.224   -7.639  1.00 27.03 ? 150 ILE B N   1 
ATOM   1138 C  CA  . ILE B 1 50 ? -1.437  6.541   -8.216  1.00 28.07 ? 150 ILE B CA  1 
ATOM   1139 C  C   . ILE B 1 50 ? -1.500  7.902   -8.902  1.00 28.81 ? 150 ILE B C   1 
ATOM   1140 O  O   . ILE B 1 50 ? -2.277  8.086   -9.839  1.00 29.95 ? 150 ILE B O   1 
ATOM   1141 C  CB  . ILE B 1 50 ? -2.567  6.507   -7.160  1.00 28.31 ? 150 ILE B CB  1 
ATOM   1142 C  CG1 . ILE B 1 50 ? -2.320  7.576   -6.097  1.00 28.33 ? 150 ILE B CG1 1 
ATOM   1143 C  CG2 . ILE B 1 50 ? -2.666  5.124   -6.541  1.00 28.65 ? 150 ILE B CG2 1 
ATOM   1144 C  CD1 . ILE B 1 50 ? -3.488  7.769   -5.152  1.00 29.62 ? 150 ILE B CD1 1 
ATOM   1145 N  N   . GLY B 1 51 ? -0.695  8.853   -8.437  1.00 28.60 ? 151 GLY B N   1 
ATOM   1146 C  CA  . GLY B 1 51 ? -0.723  10.184  -9.025  1.00 28.75 ? 151 GLY B CA  1 
ATOM   1147 C  C   . GLY B 1 51 ? 0.297   10.463  -10.113 1.00 28.75 ? 151 GLY B C   1 
ATOM   1148 O  O   . GLY B 1 51 ? 0.261   11.519  -10.742 1.00 28.92 ? 151 GLY B O   1 
ATOM   1149 N  N   . GLY B 1 52 ? 1.200   9.517   -10.348 1.00 28.42 ? 152 GLY B N   1 
ATOM   1150 C  CA  . GLY B 1 52 ? 2.222   9.704   -11.361 1.00 28.78 ? 152 GLY B CA  1 
ATOM   1151 C  C   . GLY B 1 52 ? 3.563   9.214   -10.853 1.00 28.62 ? 152 GLY B C   1 
ATOM   1152 O  O   . GLY B 1 52 ? 3.615   8.326   -10.010 1.00 27.74 ? 152 GLY B O   1 
ATOM   1153 N  N   . PHE B 1 53 ? 4.651   9.794   -11.351 1.00 29.06 ? 153 PHE B N   1 
ATOM   1154 C  CA  . PHE B 1 53 ? 5.984   9.377   -10.926 1.00 29.12 ? 153 PHE B CA  1 
ATOM   1155 C  C   . PHE B 1 53 ? 6.753   10.443  -10.167 1.00 28.66 ? 153 PHE B C   1 
ATOM   1156 O  O   . PHE B 1 53 ? 6.499   11.639  -10.306 1.00 28.45 ? 153 PHE B O   1 
ATOM   1157 C  CB  . PHE B 1 53 ? 6.835   8.957   -12.134 1.00 31.01 ? 153 PHE B CB  1 
ATOM   1158 C  CG  . PHE B 1 53 ? 6.383   7.688   -12.795 1.00 32.34 ? 153 PHE B CG  1 
ATOM   1159 C  CD1 . PHE B 1 53 ? 5.178   7.635   -13.488 1.00 33.46 ? 153 PHE B CD1 1 
ATOM   1160 C  CD2 . PHE B 1 53 ? 7.170   6.546   -12.735 1.00 33.39 ? 153 PHE B CD2 1 
ATOM   1161 C  CE1 . PHE B 1 53 ? 4.763   6.460   -14.111 1.00 34.01 ? 153 PHE B CE1 1 
ATOM   1162 C  CE2 . PHE B 1 53 ? 6.766   5.365   -13.356 1.00 34.22 ? 153 PHE B CE2 1 
ATOM   1163 C  CZ  . PHE B 1 53 ? 5.560   5.321   -14.046 1.00 34.23 ? 153 PHE B CZ  1 
ATOM   1164 N  N   . ILE B 1 54 ? 7.695   9.995   -9.348  1.00 27.44 ? 154 ILE B N   1 
ATOM   1165 C  CA  . ILE B 1 54 ? 8.550   10.904  -8.613  1.00 26.99 ? 154 ILE B CA  1 
ATOM   1166 C  C   . ILE B 1 54 ? 9.956   10.327  -8.699  1.00 26.30 ? 154 ILE B C   1 
ATOM   1167 O  O   . ILE B 1 54 ? 10.132  9.119   -8.864  1.00 26.15 ? 154 ILE B O   1 
ATOM   1168 C  CB  . ILE B 1 54 ? 8.143   11.058  -7.124  1.00 27.30 ? 154 ILE B CB  1 
ATOM   1169 C  CG1 . ILE B 1 54 ? 8.205   9.711   -6.405  1.00 27.22 ? 154 ILE B CG1 1 
ATOM   1170 C  CG2 . ILE B 1 54 ? 6.746   11.666  -7.026  1.00 27.52 ? 154 ILE B CG2 1 
ATOM   1171 C  CD1 . ILE B 1 54 ? 8.051   9.829   -4.905  1.00 26.93 ? 154 ILE B CD1 1 
ATOM   1172 N  N   . LYS B 1 55 ? 10.952  11.195  -8.626  1.00 25.76 ? 155 LYS B N   1 
ATOM   1173 C  CA  . LYS B 1 55 ? 12.330  10.746  -8.681  1.00 25.47 ? 155 LYS B CA  1 
ATOM   1174 C  C   . LYS B 1 55 ? 12.818  10.640  -7.249  1.00 24.42 ? 155 LYS B C   1 
ATOM   1175 O  O   . LYS B 1 55 ? 12.551  11.506  -6.413  1.00 23.84 ? 155 LYS B O   1 
ATOM   1176 C  CB  . LYS B 1 55 ? 13.183  11.732  -9.482  1.00 27.55 ? 155 LYS B CB  1 
ATOM   1177 C  CG  . LYS B 1 55 ? 13.122  13.156  -8.983  1.00 30.69 ? 155 LYS B CG  1 
ATOM   1178 C  CD  . LYS B 1 55 ? 13.794  14.108  -9.965  1.00 32.99 ? 155 LYS B CD  1 
ATOM   1179 C  CE  . LYS B 1 55 ? 13.721  15.547  -9.475  1.00 34.28 ? 155 LYS B CE  1 
ATOM   1180 N  NZ  . LYS B 1 55 ? 14.266  16.497  -10.490 1.00 35.68 ? 155 LYS B NZ  1 
ATOM   1181 N  N   . VAL B 1 56 ? 13.518  9.557   -6.958  1.00 22.41 ? 156 VAL B N   1 
ATOM   1182 C  CA  . VAL B 1 56 ? 14.020  9.346   -5.618  1.00 21.84 ? 156 VAL B CA  1 
ATOM   1183 C  C   . VAL B 1 56 ? 15.483  8.961   -5.677  1.00 21.07 ? 156 VAL B C   1 
ATOM   1184 O  O   . VAL B 1 56 ? 16.010  8.642   -6.748  1.00 20.91 ? 156 VAL B O   1 
ATOM   1185 C  CB  . VAL B 1 56 ? 13.234  8.224   -4.902  1.00 21.24 ? 156 VAL B CB  1 
ATOM   1186 C  CG1 . VAL B 1 56 ? 11.785  8.654   -4.701  1.00 21.72 ? 156 VAL B CG1 1 
ATOM   1187 C  CG2 . VAL B 1 56 ? 13.291  6.941   -5.725  1.00 21.37 ? 156 VAL B CG2 1 
ATOM   1188 N  N   . ARG B 1 57 ? 16.128  8.998   -4.519  1.00 20.18 ? 157 ARG B N   1 
ATOM   1189 C  CA  . ARG B 1 57 ? 17.530  8.634   -4.415  1.00 20.13 ? 157 ARG B CA  1 
ATOM   1190 C  C   . ARG B 1 57 ? 17.576  7.245   -3.792  1.00 20.15 ? 157 ARG B C   1 
ATOM   1191 O  O   . ARG B 1 57 ? 16.967  7.010   -2.751  1.00 19.72 ? 157 ARG B O   1 
ATOM   1192 C  CB  . ARG B 1 57 ? 18.268  9.637   -3.530  1.00 20.62 ? 157 ARG B CB  1 
ATOM   1193 C  CG  . ARG B 1 57 ? 18.078  11.083  -3.957  1.00 22.22 ? 157 ARG B CG  1 
ATOM   1194 C  CD  . ARG B 1 57 ? 19.171  11.981  -3.401  1.00 22.90 ? 157 ARG B CD  1 
ATOM   1195 N  NE  . ARG B 1 57 ? 19.306  11.904  -1.949  1.00 24.99 ? 157 ARG B NE  1 
ATOM   1196 C  CZ  . ARG B 1 57 ? 18.483  12.496  -1.084  1.00 25.71 ? 157 ARG B CZ  1 
ATOM   1197 N  NH1 . ARG B 1 57 ? 17.454  13.214  -1.518  1.00 26.42 ? 157 ARG B NH1 1 
ATOM   1198 N  NH2 . ARG B 1 57 ? 18.695  12.373  0.217   1.00 26.31 ? 157 ARG B NH2 1 
ATOM   1199 N  N   . GLN B 1 58 ? 18.286  6.327   -4.434  1.00 19.97 ? 158 GLN B N   1 
ATOM   1200 C  CA  . GLN B 1 58 ? 18.388  4.968   -3.925  1.00 20.39 ? 158 GLN B CA  1 
ATOM   1201 C  C   . GLN B 1 58 ? 19.679  4.725   -3.164  1.00 20.67 ? 158 GLN B C   1 
ATOM   1202 O  O   . GLN B 1 58 ? 20.769  4.941   -3.699  1.00 20.21 ? 158 GLN B O   1 
ATOM   1203 C  CB  . GLN B 1 58 ? 18.309  3.964   -5.073  1.00 20.57 ? 158 GLN B CB  1 
ATOM   1204 C  CG  . GLN B 1 58 ? 18.395  2.515   -4.618  1.00 22.24 ? 158 GLN B CG  1 
ATOM   1205 C  CD  . GLN B 1 58 ? 18.374  1.551   -5.781  1.00 23.52 ? 158 GLN B CD  1 
ATOM   1206 O  OE1 . GLN B 1 58 ? 17.585  1.705   -6.707  1.00 25.12 ? 158 GLN B OE1 1 
ATOM   1207 N  NE2 . GLN B 1 58 ? 19.240  0.547   -5.739  1.00 24.78 ? 158 GLN B NE2 1 
ATOM   1208 N  N   . TYR B 1 59 ? 19.548  4.278   -1.918  1.00 20.69 ? 159 TYR B N   1 
ATOM   1209 C  CA  . TYR B 1 59 ? 20.702  3.953   -1.084  1.00 21.42 ? 159 TYR B CA  1 
ATOM   1210 C  C   . TYR B 1 59 ? 20.618  2.463   -0.799  1.00 22.13 ? 159 TYR B C   1 
ATOM   1211 O  O   . TYR B 1 59 ? 19.550  1.958   -0.457  1.00 21.92 ? 159 TYR B O   1 
ATOM   1212 C  CB  . TYR B 1 59 ? 20.667  4.708   0.246   1.00 21.13 ? 159 TYR B CB  1 
ATOM   1213 C  CG  . TYR B 1 59 ? 20.821  6.201   0.114   1.00 20.85 ? 159 TYR B CG  1 
ATOM   1214 C  CD1 . TYR B 1 59 ? 19.723  7.012   -0.172  1.00 21.08 ? 159 TYR B CD1 1 
ATOM   1215 C  CD2 . TYR B 1 59 ? 22.069  6.809   0.279   1.00 21.42 ? 159 TYR B CD2 1 
ATOM   1216 C  CE1 . TYR B 1 59 ? 19.859  8.395   -0.287  1.00 21.35 ? 159 TYR B CE1 1 
ATOM   1217 C  CE2 . TYR B 1 59 ? 22.213  8.193   0.169   1.00 21.43 ? 159 TYR B CE2 1 
ATOM   1218 C  CZ  . TYR B 1 59 ? 21.104  8.975   -0.113  1.00 21.77 ? 159 TYR B CZ  1 
ATOM   1219 O  OH  . TYR B 1 59 ? 21.234  10.342  -0.211  1.00 23.02 ? 159 TYR B OH  1 
ATOM   1220 N  N   . ASP B 1 60 ? 21.736  1.759   -0.936  1.00 22.79 ? 160 ASP B N   1 
ATOM   1221 C  CA  . ASP B 1 60 ? 21.736  0.325   -0.689  1.00 24.24 ? 160 ASP B CA  1 
ATOM   1222 C  C   . ASP B 1 60 ? 22.396  -0.076  0.627   1.00 24.40 ? 160 ASP B C   1 
ATOM   1223 O  O   . ASP B 1 60 ? 23.183  0.677   1.205   1.00 23.85 ? 160 ASP B O   1 
ATOM   1224 C  CB  . ASP B 1 60 ? 22.418  -0.408  -1.844  1.00 25.99 ? 160 ASP B CB  1 
ATOM   1225 C  CG  . ASP B 1 60 ? 21.723  -0.169  -3.173  1.00 27.88 ? 160 ASP B CG  1 
ATOM   1226 O  OD1 . ASP B 1 60 ? 20.484  -0.321  -3.240  1.00 29.20 ? 160 ASP B OD1 1 
ATOM   1227 O  OD2 . ASP B 1 60 ? 22.416  0.164   -4.154  1.00 29.39 ? 160 ASP B OD2 1 
ATOM   1228 N  N   . GLN B 1 61 ? 22.056  -1.278  1.085   1.00 24.62 ? 161 GLN B N   1 
ATOM   1229 C  CA  . GLN B 1 61 ? 22.586  -1.831  2.322   1.00 25.12 ? 161 GLN B CA  1 
ATOM   1230 C  C   . GLN B 1 61 ? 22.479  -0.883  3.504   1.00 24.61 ? 161 GLN B C   1 
ATOM   1231 O  O   . GLN B 1 61 ? 23.457  -0.638  4.212   1.00 24.40 ? 161 GLN B O   1 
ATOM   1232 C  CB  . GLN B 1 61 ? 24.040  -2.265  2.125   1.00 27.32 ? 161 GLN B CB  1 
ATOM   1233 C  CG  . GLN B 1 61 ? 24.171  -3.702  1.662   1.00 30.53 ? 161 GLN B CG  1 
ATOM   1234 C  CD  . GLN B 1 61 ? 25.616  -4.112  1.441   1.00 31.81 ? 161 GLN B CD  1 
ATOM   1235 O  OE1 . GLN B 1 61 ? 26.264  -3.652  0.502   1.00 33.86 ? 161 GLN B OE1 1 
ATOM   1236 N  NE2 . GLN B 1 61 ? 26.130  -4.973  2.313   1.00 32.82 ? 161 GLN B NE2 1 
ATOM   1237 N  N   . ILE B 1 62 ? 21.274  -0.365  3.715   1.00 23.22 ? 162 ILE B N   1 
ATOM   1238 C  CA  . ILE B 1 62 ? 21.000  0.554   4.812   1.00 22.99 ? 162 ILE B CA  1 
ATOM   1239 C  C   . ILE B 1 62 ? 20.402  -0.212  5.980   1.00 22.62 ? 162 ILE B C   1 
ATOM   1240 O  O   . ILE B 1 62 ? 19.498  -1.026  5.797   1.00 21.94 ? 162 ILE B O   1 
ATOM   1241 C  CB  . ILE B 1 62 ? 19.984  1.644   4.387   1.00 23.04 ? 162 ILE B CB  1 
ATOM   1242 C  CG1 . ILE B 1 62 ? 20.570  2.511   3.265   1.00 23.63 ? 162 ILE B CG1 1 
ATOM   1243 C  CG2 . ILE B 1 62 ? 19.571  2.472   5.602   1.00 23.23 ? 162 ILE B CG2 1 
ATOM   1244 C  CD1 . ILE B 1 62 ? 21.846  3.240   3.628   1.00 23.90 ? 162 ILE B CD1 1 
ATOM   1245 N  N   . LEU B 1 63 ? 20.905  0.044   7.181   1.00 23.09 ? 163 LEU B N   1 
ATOM   1246 C  CA  . LEU B 1 63 ? 20.378  -0.621  8.365   1.00 23.82 ? 163 LEU B CA  1 
ATOM   1247 C  C   . LEU B 1 63 ? 19.113  0.095   8.822   1.00 23.91 ? 163 LEU B C   1 
ATOM   1248 O  O   . LEU B 1 63 ? 19.091  1.318   8.975   1.00 23.28 ? 163 LEU B O   1 
ATOM   1249 C  CB  . LEU B 1 63 ? 21.402  -0.610  9.507   1.00 24.88 ? 163 LEU B CB  1 
ATOM   1250 C  CG  . LEU B 1 63 ? 20.906  -1.200  10.836  1.00 26.24 ? 163 LEU B CG  1 
ATOM   1251 C  CD1 . LEU B 1 63 ? 20.537  -2.664  10.656  1.00 26.83 ? 163 LEU B CD1 1 
ATOM   1252 C  CD2 . LEU B 1 63 ? 21.990  -1.061  11.900  1.00 27.43 ? 163 LEU B CD2 1 
ATOM   1253 N  N   . ILE B 1 64 ? 18.055  -0.672  9.030   1.00 24.18 ? 164 ILE B N   1 
ATOM   1254 C  CA  . ILE B 1 64 ? 16.802  -0.099  9.479   1.00 25.18 ? 164 ILE B CA  1 
ATOM   1255 C  C   . ILE B 1 64 ? 16.107  -1.086  10.404  1.00 25.64 ? 164 ILE B C   1 
ATOM   1256 O  O   . ILE B 1 64 ? 16.026  -2.282  10.119  1.00 25.52 ? 164 ILE B O   1 
ATOM   1257 C  CB  . ILE B 1 64 ? 15.892  0.263   8.273   1.00 25.61 ? 164 ILE B CB  1 
ATOM   1258 C  CG1 . ILE B 1 64 ? 14.555  0.816   8.771   1.00 26.21 ? 164 ILE B CG1 1 
ATOM   1259 C  CG2 . ILE B 1 64 ? 15.699  -0.948  7.380   1.00 26.40 ? 164 ILE B CG2 1 
ATOM   1260 C  CD1 . ILE B 1 64 ? 13.731  1.462   7.668   1.00 27.56 ? 164 ILE B CD1 1 
ATOM   1261 N  N   . GLU B 1 65 ? 15.635  -0.580  11.535  1.00 26.28 ? 165 GLU B N   1 
ATOM   1262 C  CA  . GLU B 1 65 ? 14.956  -1.409  12.510  1.00 27.52 ? 165 GLU B CA  1 
ATOM   1263 C  C   . GLU B 1 65 ? 13.465  -1.131  12.401  1.00 27.51 ? 165 GLU B C   1 
ATOM   1264 O  O   . GLU B 1 65 ? 13.030  0.012   12.507  1.00 27.30 ? 165 GLU B O   1 
ATOM   1265 C  CB  . GLU B 1 65 ? 15.459  -1.063  13.907  1.00 28.96 ? 165 GLU B CB  1 
ATOM   1266 C  CG  . GLU B 1 65 ? 15.235  -2.140  14.926  1.00 31.79 ? 165 GLU B CG  1 
ATOM   1267 C  CD  . GLU B 1 65 ? 15.733  -1.720  16.288  1.00 33.43 ? 165 GLU B CD  1 
ATOM   1268 O  OE1 . GLU B 1 65 ? 14.998  -0.991  16.990  1.00 34.74 ? 165 GLU B OE1 1 
ATOM   1269 O  OE2 . GLU B 1 65 ? 16.867  -2.102  16.641  1.00 34.45 ? 165 GLU B OE2 1 
ATOM   1270 N  N   . ILE B 1 66 ? 12.688  -2.182  12.180  1.00 28.05 ? 166 ILE B N   1 
ATOM   1271 C  CA  . ILE B 1 66 ? 11.242  -2.058  12.036  1.00 29.04 ? 166 ILE B CA  1 
ATOM   1272 C  C   . ILE B 1 66 ? 10.584  -2.851  13.154  1.00 30.21 ? 166 ILE B C   1 
ATOM   1273 O  O   . ILE B 1 66 ? 10.699  -4.071  13.200  1.00 29.93 ? 166 ILE B O   1 
ATOM   1274 C  CB  . ILE B 1 66 ? 10.791  -2.628  10.683  1.00 28.53 ? 166 ILE B CB  1 
ATOM   1275 C  CG1 . ILE B 1 66 ? 11.599  -1.971  9.562   1.00 28.21 ? 166 ILE B CG1 1 
ATOM   1276 C  CG2 . ILE B 1 66 ? 9.296   -2.392  10.481  1.00 28.58 ? 166 ILE B CG2 1 
ATOM   1277 C  CD1 . ILE B 1 66 ? 11.478  -2.669  8.231   1.00 28.76 ? 166 ILE B CD1 1 
ATOM   1278 N  N   . CYS B 1 67 ? 9.895   -2.158  14.054  1.00 32.04 ? 167 CYS B N   1 
ATOM   1279 C  CA  . CYS B 1 67 ? 9.250   -2.827  15.177  1.00 34.07 ? 167 CYS B CA  1 
ATOM   1280 C  C   . CYS B 1 67 ? 10.243  -3.708  15.911  1.00 34.10 ? 167 CYS B C   1 
ATOM   1281 O  O   . CYS B 1 67 ? 9.914   -4.823  16.311  1.00 34.87 ? 167 CYS B O   1 
ATOM   1282 C  CB  . CYS B 1 67 ? 8.087   -3.690  14.697  1.00 35.26 ? 167 CYS B CB  1 
ATOM   1283 S  SG  . CYS B 1 67 ? 6.548   -2.798  14.558  1.00 39.90 ? 167 CYS B SG  1 
ATOM   1284 N  N   . GLY B 1 68 ? 11.464  -3.213  16.075  1.00 34.03 ? 168 GLY B N   1 
ATOM   1285 C  CA  . GLY B 1 68 ? 12.471  -3.990  16.772  1.00 33.89 ? 168 GLY B CA  1 
ATOM   1286 C  C   . GLY B 1 68 ? 13.192  -5.013  15.908  1.00 33.50 ? 168 GLY B C   1 
ATOM   1287 O  O   . GLY B 1 68 ? 14.228  -5.535  16.315  1.00 33.92 ? 168 GLY B O   1 
ATOM   1288 N  N   . HIS B 1 69 ? 12.651  -5.309  14.728  1.00 32.82 ? 169 HIS B N   1 
ATOM   1289 C  CA  . HIS B 1 69 ? 13.285  -6.269  13.825  1.00 32.27 ? 169 HIS B CA  1 
ATOM   1290 C  C   . HIS B 1 69 ? 14.312  -5.562  12.949  1.00 31.41 ? 169 HIS B C   1 
ATOM   1291 O  O   . HIS B 1 69 ? 13.985  -4.609  12.243  1.00 30.74 ? 169 HIS B O   1 
ATOM   1292 C  CB  . HIS B 1 69 ? 12.246  -6.945  12.926  1.00 33.14 ? 169 HIS B CB  1 
ATOM   1293 C  CG  . HIS B 1 69 ? 11.264  -7.794  13.672  1.00 34.10 ? 169 HIS B CG  1 
ATOM   1294 N  ND1 . HIS B 1 69 ? 10.403  -7.278  14.615  1.00 34.53 ? 169 HIS B ND1 1 
ATOM   1295 C  CD2 . HIS B 1 69 ? 11.009  -9.121  13.611  1.00 34.39 ? 169 HIS B CD2 1 
ATOM   1296 C  CE1 . HIS B 1 69 ? 9.657   -8.253  15.107  1.00 34.91 ? 169 HIS B CE1 1 
ATOM   1297 N  NE2 . HIS B 1 69 ? 10.005  -9.381  14.513  1.00 35.00 ? 169 HIS B NE2 1 
ATOM   1298 N  N   . LYS B 1 70 ? 15.553  -6.034  12.995  1.00 30.57 ? 170 LYS B N   1 
ATOM   1299 C  CA  . LYS B 1 70 ? 16.610  -5.429  12.197  1.00 29.90 ? 170 LYS B CA  1 
ATOM   1300 C  C   . LYS B 1 70 ? 16.595  -5.922  10.761  1.00 28.32 ? 170 LYS B C   1 
ATOM   1301 O  O   . LYS B 1 70 ? 16.490  -7.122  10.493  1.00 28.21 ? 170 LYS B O   1 
ATOM   1302 C  CB  . LYS B 1 70 ? 17.984  -5.707  12.810  1.00 31.35 ? 170 LYS B CB  1 
ATOM   1303 C  CG  . LYS B 1 70 ? 18.188  -5.080  14.175  1.00 33.59 ? 170 LYS B CG  1 
ATOM   1304 C  CD  . LYS B 1 70 ? 19.606  -5.291  14.675  1.00 35.33 ? 170 LYS B CD  1 
ATOM   1305 C  CE  . LYS B 1 70 ? 19.755  -4.795  16.107  1.00 36.15 ? 170 LYS B CE  1 
ATOM   1306 N  NZ  . LYS B 1 70 ? 19.338  -3.371  16.242  1.00 37.59 ? 170 LYS B NZ  1 
ATOM   1307 N  N   . ALA B 1 71 ? 16.696  -4.976  9.838   1.00 25.93 ? 171 ALA B N   1 
ATOM   1308 C  CA  . ALA B 1 71 ? 16.716  -5.290  8.421   1.00 24.41 ? 171 ALA B CA  1 
ATOM   1309 C  C   . ALA B 1 71 ? 17.842  -4.487  7.795   1.00 23.36 ? 171 ALA B C   1 
ATOM   1310 O  O   . ALA B 1 71 ? 18.254  -3.458  8.332   1.00 23.19 ? 171 ALA B O   1 
ATOM   1311 C  CB  . ALA B 1 71 ? 15.387  -4.913  7.778   1.00 23.85 ? 171 ALA B CB  1 
ATOM   1312 N  N   . ILE B 1 72 ? 18.358  -4.975  6.677   1.00 21.92 ? 172 ILE B N   1 
ATOM   1313 C  CA  . ILE B 1 72 ? 19.414  -4.274  5.966   1.00 20.66 ? 172 ILE B CA  1 
ATOM   1314 C  C   . ILE B 1 72 ? 19.057  -4.384  4.501   1.00 20.00 ? 172 ILE B C   1 
ATOM   1315 O  O   . ILE B 1 72 ? 19.084  -5.470  3.929   1.00 19.52 ? 172 ILE B O   1 
ATOM   1316 C  CB  . ILE B 1 72 ? 20.796  -4.913  6.188   1.00 20.24 ? 172 ILE B CB  1 
ATOM   1317 C  CG1 . ILE B 1 72 ? 21.095  -5.000  7.688   1.00 20.06 ? 172 ILE B CG1 1 
ATOM   1318 C  CG2 . ILE B 1 72 ? 21.858  -4.076  5.476   1.00 19.72 ? 172 ILE B CG2 1 
ATOM   1319 C  CD1 . ILE B 1 72 ? 22.452  -5.594  8.011   1.00 20.12 ? 172 ILE B CD1 1 
ATOM   1320 N  N   . GLY B 1 73 ? 18.699  -3.261  3.894   1.00 19.46 ? 173 GLY B N   1 
ATOM   1321 C  CA  . GLY B 1 73 ? 18.329  -3.306  2.498   1.00 18.95 ? 173 GLY B CA  1 
ATOM   1322 C  C   . GLY B 1 73 ? 18.311  -1.962  1.817   1.00 18.95 ? 173 GLY B C   1 
ATOM   1323 O  O   . GLY B 1 73 ? 18.856  -0.977  2.323   1.00 19.08 ? 173 GLY B O   1 
ATOM   1324 N  N   . THR B 1 74 ? 17.672  -1.930  0.657   1.00 18.80 ? 174 THR B N   1 
ATOM   1325 C  CA  . THR B 1 74 ? 17.581  -0.717  -0.134  1.00 19.15 ? 174 THR B CA  1 
ATOM   1326 C  C   . THR B 1 74 ? 16.500  0.211   0.388   1.00 18.43 ? 174 THR B C   1 
ATOM   1327 O  O   . THR B 1 74 ? 15.384  -0.209  0.681   1.00 18.27 ? 174 THR B O   1 
ATOM   1328 C  CB  . THR B 1 74 ? 17.293  -1.053  -1.605  1.00 19.77 ? 174 THR B CB  1 
ATOM   1329 O  OG1 . THR B 1 74 ? 18.377  -1.829  -2.123  1.00 21.76 ? 174 THR B OG1 1 
ATOM   1330 C  CG2 . THR B 1 74 ? 17.149  0.224   -2.432  1.00 19.89 ? 174 THR B CG2 1 
ATOM   1331 N  N   . VAL B 1 75 ? 16.851  1.482   0.505   1.00 18.21 ? 175 VAL B N   1 
ATOM   1332 C  CA  . VAL B 1 75 ? 15.924  2.488   0.981   1.00 18.81 ? 175 VAL B CA  1 
ATOM   1333 C  C   . VAL B 1 75 ? 15.952  3.624   -0.023  1.00 18.79 ? 175 VAL B C   1 
ATOM   1334 O  O   . VAL B 1 75 ? 17.027  4.066   -0.443  1.00 18.87 ? 175 VAL B O   1 
ATOM   1335 C  CB  . VAL B 1 75 ? 16.348  3.032   2.363   1.00 19.57 ? 175 VAL B CB  1 
ATOM   1336 C  CG1 . VAL B 1 75 ? 15.416  4.161   2.788   1.00 21.30 ? 175 VAL B CG1 1 
ATOM   1337 C  CG2 . VAL B 1 75 ? 16.324  1.911   3.389   1.00 20.74 ? 175 VAL B CG2 1 
ATOM   1338 N  N   . LEU B 1 76 ? 14.768  4.074   -0.421  1.00 18.19 ? 176 LEU B N   1 
ATOM   1339 C  CA  . LEU B 1 76 ? 14.641  5.169   -1.368  1.00 18.27 ? 176 LEU B CA  1 
ATOM   1340 C  C   . LEU B 1 76 ? 14.281  6.413   -0.571  1.00 18.78 ? 176 LEU B C   1 
ATOM   1341 O  O   . LEU B 1 76 ? 13.546  6.334   0.414   1.00 18.10 ? 176 LEU B O   1 
ATOM   1342 C  CB  . LEU B 1 76 ? 13.536  4.866   -2.377  1.00 18.31 ? 176 LEU B CB  1 
ATOM   1343 C  CG  . LEU B 1 76 ? 13.684  3.529   -3.098  1.00 18.37 ? 176 LEU B CG  1 
ATOM   1344 C  CD1 . LEU B 1 76 ? 12.476  3.296   -4.007  1.00 17.86 ? 176 LEU B CD1 1 
ATOM   1345 C  CD2 . LEU B 1 76 ? 14.989  3.520   -3.885  1.00 18.76 ? 176 LEU B CD2 1 
ATOM   1346 N  N   . VAL B 1 77 ? 14.808  7.558   -0.991  1.00 18.70 ? 177 VAL B N   1 
ATOM   1347 C  CA  . VAL B 1 77 ? 14.526  8.806   -0.305  1.00 19.25 ? 177 VAL B CA  1 
ATOM   1348 C  C   . VAL B 1 77 ? 13.998  9.800   -1.323  1.00 19.69 ? 177 VAL B C   1 
ATOM   1349 O  O   . VAL B 1 77 ? 14.592  9.996   -2.380  1.00 19.05 ? 177 VAL B O   1 
ATOM   1350 C  CB  . VAL B 1 77 ? 15.789  9.393   0.364   1.00 19.56 ? 177 VAL B CB  1 
ATOM   1351 C  CG1 . VAL B 1 77 ? 15.449  10.714  1.038   1.00 20.13 ? 177 VAL B CG1 1 
ATOM   1352 C  CG2 . VAL B 1 77 ? 16.339  8.408   1.391   1.00 19.57 ? 177 VAL B CG2 1 
ATOM   1353 N  N   . GLY B 1 78 ? 12.877  10.427  -1.000  1.00 20.19 ? 178 GLY B N   1 
ATOM   1354 C  CA  . GLY B 1 78 ? 12.309  11.385  -1.926  1.00 20.99 ? 178 GLY B CA  1 
ATOM   1355 C  C   . GLY B 1 78 ? 11.060  12.058  -1.409  1.00 21.31 ? 178 GLY B C   1 
ATOM   1356 O  O   . GLY B 1 78 ? 10.668  11.872  -0.250  1.00 20.96 ? 178 GLY B O   1 
ATOM   1357 N  N   . PRO B 1 79 ? 10.396  12.842  -2.269  1.00 21.57 ? 179 PRO B N   1 
ATOM   1358 C  CA  . PRO B 1 79 ? 9.176   13.568  -1.918  1.00 21.99 ? 179 PRO B CA  1 
ATOM   1359 C  C   . PRO B 1 79 ? 7.938   12.704  -1.723  1.00 21.63 ? 179 PRO B C   1 
ATOM   1360 O  O   . PRO B 1 79 ? 6.916   12.912  -2.373  1.00 22.76 ? 179 PRO B O   1 
ATOM   1361 C  CB  . PRO B 1 79 ? 9.028   14.556  -3.071  1.00 21.82 ? 179 PRO B CB  1 
ATOM   1362 C  CG  . PRO B 1 79 ? 9.554   13.776  -4.232  1.00 22.26 ? 179 PRO B CG  1 
ATOM   1363 C  CD  . PRO B 1 79 ? 10.800  13.134  -3.657  1.00 22.19 ? 179 PRO B CD  1 
ATOM   1364 N  N   . THR B 1 80 ? 8.028   11.731  -0.829  1.00 21.10 ? 180 THR B N   1 
ATOM   1365 C  CA  . THR B 1 80 ? 6.885   10.879  -0.555  1.00 20.66 ? 180 THR B CA  1 
ATOM   1366 C  C   . THR B 1 80 ? 6.047   11.558  0.520   1.00 20.63 ? 180 THR B C   1 
ATOM   1367 O  O   . THR B 1 80 ? 6.579   12.223  1.403   1.00 21.18 ? 180 THR B O   1 
ATOM   1368 C  CB  . THR B 1 80 ? 7.317   9.492   -0.052  1.00 19.81 ? 180 THR B CB  1 
ATOM   1369 O  OG1 . THR B 1 80 ? 6.153   8.734   0.288   1.00 19.48 ? 180 THR B OG1 1 
ATOM   1370 C  CG2 . THR B 1 80 ? 8.212   9.621   1.171   1.00 19.77 ? 180 THR B CG2 1 
ATOM   1371 N  N   . PRO B 1 81 ? 4.719   11.410  0.450   1.00 21.22 ? 181 PRO B N   1 
ATOM   1372 C  CA  . PRO B 1 81 ? 3.810   12.018  1.427   1.00 20.99 ? 181 PRO B CA  1 
ATOM   1373 C  C   . PRO B 1 81 ? 3.964   11.453  2.833   1.00 21.27 ? 181 PRO B C   1 
ATOM   1374 O  O   . PRO B 1 81 ? 3.684   12.134  3.819   1.00 21.16 ? 181 PRO B O   1 
ATOM   1375 C  CB  . PRO B 1 81 ? 2.432   11.714  0.848   1.00 21.18 ? 181 PRO B CB  1 
ATOM   1376 C  CG  . PRO B 1 81 ? 2.683   11.631  -0.607  1.00 21.86 ? 181 PRO B CG  1 
ATOM   1377 C  CD  . PRO B 1 81 ? 3.956   10.836  -0.669  1.00 20.99 ? 181 PRO B CD  1 
ATOM   1378 N  N   . VAL B 1 82 ? 4.410   10.204  2.917   1.00 20.69 ? 182 VAL B N   1 
ATOM   1379 C  CA  . VAL B 1 82 ? 4.591   9.533   4.198   1.00 20.27 ? 182 VAL B CA  1 
ATOM   1380 C  C   . VAL B 1 82 ? 5.694   8.493   4.077   1.00 19.40 ? 182 VAL B C   1 
ATOM   1381 O  O   . VAL B 1 82 ? 6.030   8.065   2.968   1.00 18.91 ? 182 VAL B O   1 
ATOM   1382 C  CB  . VAL B 1 82 ? 3.300   8.800   4.637   1.00 21.67 ? 182 VAL B CB  1 
ATOM   1383 C  CG1 . VAL B 1 82 ? 2.195   9.800   4.949   1.00 23.17 ? 182 VAL B CG1 1 
ATOM   1384 C  CG2 . VAL B 1 82 ? 2.856   7.849   3.538   1.00 22.32 ? 182 VAL B CG2 1 
ATOM   1385 N  N   . ASN B 1 83 ? 6.263   8.092   5.212   1.00 18.29 ? 183 ASN B N   1 
ATOM   1386 C  CA  . ASN B 1 83 ? 7.303   7.068   5.207   1.00 17.08 ? 183 ASN B CA  1 
ATOM   1387 C  C   . ASN B 1 83 ? 6.618   5.741   4.918   1.00 16.81 ? 183 ASN B C   1 
ATOM   1388 O  O   . ASN B 1 83 ? 5.654   5.372   5.587   1.00 16.51 ? 183 ASN B O   1 
ATOM   1389 C  CB  . ASN B 1 83 ? 8.024   7.008   6.557   1.00 17.81 ? 183 ASN B CB  1 
ATOM   1390 C  CG  . ASN B 1 83 ? 8.859   8.245   6.824   1.00 18.52 ? 183 ASN B CG  1 
ATOM   1391 O  OD1 . ASN B 1 83 ? 9.511   8.763   5.922   1.00 19.09 ? 183 ASN B OD1 1 
ATOM   1392 N  ND2 . ASN B 1 83 ? 8.852   8.716   8.068   1.00 18.15 ? 183 ASN B ND2 1 
ATOM   1393 N  N   . ILE B 1 84 ? 7.129   5.034   3.917   1.00 15.72 ? 184 ILE B N   1 
ATOM   1394 C  CA  . ILE B 1 84 ? 6.552   3.773   3.478   1.00 16.39 ? 184 ILE B CA  1 
ATOM   1395 C  C   . ILE B 1 84 ? 7.520   2.598   3.545   1.00 16.16 ? 184 ILE B C   1 
ATOM   1396 O  O   . ILE B 1 84 ? 8.601   2.641   2.959   1.00 15.51 ? 184 ILE B O   1 
ATOM   1397 C  CB  . ILE B 1 84 ? 6.069   3.896   2.008   1.00 16.69 ? 184 ILE B CB  1 
ATOM   1398 C  CG1 . ILE B 1 84 ? 4.894   4.871   1.924   1.00 17.77 ? 184 ILE B CG1 1 
ATOM   1399 C  CG2 . ILE B 1 84 ? 5.683   2.531   1.451   1.00 17.51 ? 184 ILE B CG2 1 
ATOM   1400 C  CD1 . ILE B 1 84 ? 4.548   5.261   0.497   1.00 18.86 ? 184 ILE B CD1 1 
ATOM   1401 N  N   . ILE B 1 85 ? 7.118   1.548   4.255   1.00 15.81 ? 185 ILE B N   1 
ATOM   1402 C  CA  . ILE B 1 85 ? 7.923   0.338   4.341   1.00 15.65 ? 185 ILE B CA  1 
ATOM   1403 C  C   . ILE B 1 85 ? 7.296   -0.596  3.313   1.00 16.01 ? 185 ILE B C   1 
ATOM   1404 O  O   . ILE B 1 85 ? 6.161   -1.046  3.492   1.00 15.88 ? 185 ILE B O   1 
ATOM   1405 C  CB  . ILE B 1 85 ? 7.839   -0.317  5.728   1.00 15.93 ? 185 ILE B CB  1 
ATOM   1406 C  CG1 . ILE B 1 85 ? 8.313   0.670   6.803   1.00 16.27 ? 185 ILE B CG1 1 
ATOM   1407 C  CG2 . ILE B 1 85 ? 8.677   -1.588  5.743   1.00 15.41 ? 185 ILE B CG2 1 
ATOM   1408 C  CD1 . ILE B 1 85 ? 9.716   1.206   6.589   1.00 17.11 ? 185 ILE B CD1 1 
ATOM   1409 N  N   . GLY B 1 86 ? 8.038   -0.870  2.241   1.00 15.69 ? 186 GLY B N   1 
ATOM   1410 C  CA  . GLY B 1 86 ? 7.532   -1.712  1.170   1.00 15.59 ? 186 GLY B CA  1 
ATOM   1411 C  C   . GLY B 1 86 ? 7.884   -3.182  1.255   1.00 15.03 ? 186 GLY B C   1 
ATOM   1412 O  O   . GLY B 1 86 ? 8.534   -3.632  2.204   1.00 14.42 ? 186 GLY B O   1 
ATOM   1413 N  N   . ARG B 1 87 ? 7.459   -3.935  0.248   1.00 15.08 ? 187 ARG B N   1 
ATOM   1414 C  CA  . ARG B 1 87 ? 7.685   -5.373  0.228   1.00 15.95 ? 187 ARG B CA  1 
ATOM   1415 C  C   . ARG B 1 87 ? 9.134   -5.815  0.361   1.00 16.31 ? 187 ARG B C   1 
ATOM   1416 O  O   . ARG B 1 87 ? 9.407   -6.882  0.917   1.00 16.53 ? 187 ARG B O   1 
ATOM   1417 C  CB  . ARG B 1 87 ? 7.067   -5.987  -1.036  1.00 16.20 ? 187 ARG B CB  1 
ATOM   1418 C  CG  . ARG B 1 87 ? 5.538   -5.922  -1.049  1.00 16.99 ? 187 ARG B CG  1 
ATOM   1419 C  CD  . ARG B 1 87 ? 4.912   -6.765  -2.180  1.00 17.08 ? 187 ARG B CD  1 
ATOM   1420 N  NE  . ARG B 1 87 ? 5.329   -6.302  -3.503  1.00 18.73 ? 187 ARG B NE  1 
ATOM   1421 C  CZ  . ARG B 1 87 ? 6.296   -6.867  -4.221  1.00 19.90 ? 187 ARG B CZ  1 
ATOM   1422 N  NH1 . ARG B 1 87 ? 6.948   -7.928  -3.754  1.00 20.13 ? 187 ARG B NH1 1 
ATOM   1423 N  NH2 . ARG B 1 87 ? 6.623   -6.361  -5.400  1.00 21.07 ? 187 ARG B NH2 1 
ATOM   1424 N  N   . ASN B 1 88 ? 10.068  -5.012  -0.133  1.00 16.80 ? 188 ASN B N   1 
ATOM   1425 C  CA  . ASN B 1 88 ? 11.467  -5.411  -0.040  1.00 17.94 ? 188 ASN B CA  1 
ATOM   1426 C  C   . ASN B 1 88 ? 11.898  -5.618  1.415   1.00 18.30 ? 188 ASN B C   1 
ATOM   1427 O  O   . ASN B 1 88 ? 12.686  -6.515  1.702   1.00 19.08 ? 188 ASN B O   1 
ATOM   1428 C  CB  . ASN B 1 88 ? 12.378  -4.399  -0.754  1.00 18.34 ? 188 ASN B CB  1 
ATOM   1429 C  CG  . ASN B 1 88 ? 12.547  -3.105  0.016   1.00 18.44 ? 188 ASN B CG  1 
ATOM   1430 O  OD1 . ASN B 1 88 ? 11.573  -2.416  0.332   1.00 18.37 ? 188 ASN B OD1 1 
ATOM   1431 N  ND2 . ASN B 1 88 ? 13.798  -2.764  0.317   1.00 18.71 ? 188 ASN B ND2 1 
ATOM   1432 N  N   . LEU B 1 89 ? 11.373  -4.814  2.337   1.00 17.75 ? 189 LEU B N   1 
ATOM   1433 C  CA  . LEU B 1 89 ? 11.728  -4.975  3.747   1.00 18.43 ? 189 LEU B CA  1 
ATOM   1434 C  C   . LEU B 1 89 ? 10.691  -5.800  4.505   1.00 18.53 ? 189 LEU B C   1 
ATOM   1435 O  O   . LEU B 1 89 ? 11.017  -6.459  5.490   1.00 18.52 ? 189 LEU B O   1 
ATOM   1436 C  CB  . LEU B 1 89 ? 11.902  -3.615  4.428   1.00 18.75 ? 189 LEU B CB  1 
ATOM   1437 C  CG  . LEU B 1 89 ? 13.005  -2.723  3.850   1.00 19.40 ? 189 LEU B CG  1 
ATOM   1438 C  CD1 . LEU B 1 89 ? 13.162  -1.483  4.726   1.00 20.63 ? 189 LEU B CD1 1 
ATOM   1439 C  CD2 . LEU B 1 89 ? 14.319  -3.494  3.784   1.00 20.28 ? 189 LEU B CD2 1 
ATOM   1440 N  N   . LEU B 1 90 ? 9.438   -5.761  4.061   1.00 18.31 ? 190 LEU B N   1 
ATOM   1441 C  CA  . LEU B 1 90 ? 8.413   -6.551  4.735   1.00 18.79 ? 190 LEU B CA  1 
ATOM   1442 C  C   . LEU B 1 90 ? 8.798   -8.034  4.677   1.00 19.31 ? 190 LEU B C   1 
ATOM   1443 O  O   . LEU B 1 90 ? 8.583   -8.777  5.637   1.00 19.81 ? 190 LEU B O   1 
ATOM   1444 C  CB  . LEU B 1 90 ? 7.047   -6.334  4.079   1.00 18.63 ? 190 LEU B CB  1 
ATOM   1445 C  CG  . LEU B 1 90 ? 6.467   -4.921  4.195   1.00 17.85 ? 190 LEU B CG  1 
ATOM   1446 C  CD1 . LEU B 1 90 ? 5.146   -4.860  3.455   1.00 18.17 ? 190 LEU B CD1 1 
ATOM   1447 C  CD2 . LEU B 1 90 ? 6.280   -4.551  5.667   1.00 18.91 ? 190 LEU B CD2 1 
ATOM   1448 N  N   . THR B 1 91 ? 9.372   -8.462  3.555   1.00 19.97 ? 191 THR B N   1 
ATOM   1449 C  CA  . THR B 1 91 ? 9.791   -9.856  3.414   1.00 20.68 ? 191 THR B CA  1 
ATOM   1450 C  C   . THR B 1 91 ? 10.952  -10.182 4.356   1.00 21.17 ? 191 THR B C   1 
ATOM   1451 O  O   . THR B 1 91 ? 11.075  -11.311 4.836   1.00 21.26 ? 191 THR B O   1 
ATOM   1452 C  CB  . THR B 1 91 ? 10.225  -10.185 1.961   1.00 20.64 ? 191 THR B CB  1 
ATOM   1453 O  OG1 . THR B 1 91 ? 11.225  -9.256  1.535   1.00 20.86 ? 191 THR B OG1 1 
ATOM   1454 C  CG2 . THR B 1 91 ? 9.036   -10.125 1.014   1.00 20.23 ? 191 THR B CG2 1 
ATOM   1455 N  N   . GLN B 1 92 ? 11.809  -9.203  4.624   1.00 21.40 ? 192 GLN B N   1 
ATOM   1456 C  CA  . GLN B 1 92 ? 12.943  -9.433  5.513   1.00 22.17 ? 192 GLN B CA  1 
ATOM   1457 C  C   . GLN B 1 92 ? 12.509  -9.686  6.948   1.00 22.98 ? 192 GLN B C   1 
ATOM   1458 O  O   . GLN B 1 92 ? 13.167  -10.428 7.680   1.00 23.77 ? 192 GLN B O   1 
ATOM   1459 C  CB  . GLN B 1 92 ? 13.915  -8.250  5.481   1.00 21.93 ? 192 GLN B CB  1 
ATOM   1460 C  CG  . GLN B 1 92 ? 14.802  -8.236  4.262   1.00 22.37 ? 192 GLN B CG  1 
ATOM   1461 C  CD  . GLN B 1 92 ? 16.031  -7.378  4.452   1.00 21.26 ? 192 GLN B CD  1 
ATOM   1462 O  OE1 . GLN B 1 92 ? 16.534  -7.230  5.569   1.00 22.16 ? 192 GLN B OE1 1 
ATOM   1463 N  NE2 . GLN B 1 92 ? 16.535  -6.824  3.361   1.00 22.08 ? 192 GLN B NE2 1 
ATOM   1464 N  N   . ILE B 1 93 ? 11.410  -9.069  7.364   1.00 23.06 ? 193 ILE B N   1 
ATOM   1465 C  CA  . ILE B 1 93 ? 10.941  -9.280  8.720   1.00 23.63 ? 193 ILE B CA  1 
ATOM   1466 C  C   . ILE B 1 93 ? 9.916   -10.413 8.790   1.00 23.49 ? 193 ILE B C   1 
ATOM   1467 O  O   . ILE B 1 93 ? 9.345   -10.679 9.845   1.00 24.15 ? 193 ILE B O   1 
ATOM   1468 C  CB  . ILE B 1 93 ? 10.359  -7.987  9.330   1.00 23.86 ? 193 ILE B CB  1 
ATOM   1469 C  CG1 . ILE B 1 93 ? 9.175   -7.493  8.504   1.00 24.34 ? 193 ILE B CG1 1 
ATOM   1470 C  CG2 . ILE B 1 93 ? 11.449  -6.919  9.403   1.00 24.04 ? 193 ILE B CG2 1 
ATOM   1471 C  CD1 . ILE B 1 93 ? 8.552   -6.234  9.067   1.00 25.43 ? 193 ILE B CD1 1 
ATOM   1472 N  N   . GLY B 1 94 ? 9.702   -11.081 7.659   1.00 23.32 ? 194 GLY B N   1 
ATOM   1473 C  CA  . GLY B 1 94 ? 8.778   -12.206 7.612   1.00 23.45 ? 194 GLY B CA  1 
ATOM   1474 C  C   . GLY B 1 94 ? 7.310   -11.839 7.722   1.00 23.31 ? 194 GLY B C   1 
ATOM   1475 O  O   . GLY B 1 94 ? 6.510   -12.577 8.297   1.00 23.42 ? 194 GLY B O   1 
ATOM   1476 N  N   . CYS B 1 95 ? 6.955   -10.694 7.159   1.00 23.01 ? 195 CYS B N   1 
ATOM   1477 C  CA  . CYS B 1 95 ? 5.584   -10.218 7.205   1.00 22.87 ? 195 CYS B CA  1 
ATOM   1478 C  C   . CYS B 1 95 ? 4.720   -10.874 6.132   1.00 22.56 ? 195 CYS B C   1 
ATOM   1479 O  O   . CYS B 1 95 ? 5.143   -11.027 4.986   1.00 22.80 ? 195 CYS B O   1 
ATOM   1480 C  CB  . CYS B 1 95 ? 5.571   -8.694  7.035   1.00 23.99 ? 195 CYS B CB  1 
ATOM   1481 S  SG  . CYS B 1 95 ? 3.955   -7.945  7.225   1.00 26.53 ? 195 CYS B SG  1 
ATOM   1482 N  N   . THR B 1 96 ? 3.513   -11.285 6.512   1.00 21.95 ? 196 THR B N   1 
ATOM   1483 C  CA  . THR B 1 96 ? 2.589   -11.900 5.565   1.00 21.82 ? 196 THR B CA  1 
ATOM   1484 C  C   . THR B 1 96 ? 1.188   -11.353 5.786   1.00 21.78 ? 196 THR B C   1 
ATOM   1485 O  O   . THR B 1 96 ? 0.895   -10.790 6.839   1.00 21.77 ? 196 THR B O   1 
ATOM   1486 C  CB  . THR B 1 96 ? 2.506   -13.444 5.732   1.00 22.26 ? 196 THR B CB  1 
ATOM   1487 O  OG1 . THR B 1 96 ? 1.981   -13.759 7.029   1.00 21.85 ? 196 THR B OG1 1 
ATOM   1488 C  CG2 . THR B 1 96 ? 3.874   -14.079 5.564   1.00 22.32 ? 196 THR B CG2 1 
ATOM   1489 N  N   . LEU B 1 97 ? 0.340   -11.507 4.776   1.00 21.56 ? 197 LEU B N   1 
ATOM   1490 C  CA  . LEU B 1 97 ? -1.052  -11.085 4.853   1.00 22.50 ? 197 LEU B CA  1 
ATOM   1491 C  C   . LEU B 1 97 ? -1.835  -12.348 5.171   1.00 22.80 ? 197 LEU B C   1 
ATOM   1492 O  O   . LEU B 1 97 ? -1.569  -13.401 4.589   1.00 23.07 ? 197 LEU B O   1 
ATOM   1493 C  CB  . LEU B 1 97 ? -1.534  -10.532 3.516   1.00 22.09 ? 197 LEU B CB  1 
ATOM   1494 C  CG  . LEU B 1 97 ? -1.158  -9.099  3.163   1.00 21.59 ? 197 LEU B CG  1 
ATOM   1495 C  CD1 . LEU B 1 97 ? -1.687  -8.780  1.778   1.00 22.36 ? 197 LEU B CD1 1 
ATOM   1496 C  CD2 . LEU B 1 97 ? -1.754  -8.145  4.196   1.00 22.05 ? 197 LEU B CD2 1 
ATOM   1497 N  N   . ASN B 1 98 ? -2.798  -12.242 6.078   1.00 23.75 ? 198 ASN B N   1 
ATOM   1498 C  CA  . ASN B 1 98 ? -3.595  -13.397 6.479   1.00 25.06 ? 198 ASN B CA  1 
ATOM   1499 C  C   . ASN B 1 98 ? -5.087  -13.115 6.613   1.00 25.61 ? 198 ASN B C   1 
ATOM   1500 O  O   . ASN B 1 98 ? -5.486  -12.058 7.089   1.00 25.05 ? 198 ASN B O   1 
ATOM   1501 C  CB  . ASN B 1 98 ? -3.088  -13.919 7.822   1.00 25.70 ? 198 ASN B CB  1 
ATOM   1502 C  CG  . ASN B 1 98 ? -1.657  -14.394 7.755   1.00 27.47 ? 198 ASN B CG  1 
ATOM   1503 O  OD1 . ASN B 1 98 ? -1.392  -15.537 7.396   1.00 29.50 ? 198 ASN B OD1 1 
ATOM   1504 N  ND2 . ASN B 1 98 ? -0.725  -13.512 8.084   1.00 27.66 ? 198 ASN B ND2 1 
ATOM   1505 N  N   . PHE B 1 99 ? -5.900  -14.080 6.192   1.00 26.82 ? 199 PHE B N   1 
ATOM   1506 C  CA  . PHE B 1 99 ? -7.356  -13.993 6.310   1.00 27.97 ? 199 PHE B CA  1 
ATOM   1507 C  C   . PHE B 1 99 ? -7.988  -15.350 6.010   1.00 28.61 ? 199 PHE B C   1 
ATOM   1508 O  O   . PHE B 1 99 ? -9.166  -15.555 6.371   1.00 28.63 ? 199 PHE B O   1 
ATOM   1509 C  CB  . PHE B 1 99 ? -7.950  -12.906 5.393   1.00 28.67 ? 199 PHE B CB  1 
ATOM   1510 C  CG  . PHE B 1 99 ? -7.723  -13.130 3.922   1.00 29.63 ? 199 PHE B CG  1 
ATOM   1511 C  CD1 . PHE B 1 99 ? -6.541  -12.724 3.317   1.00 29.98 ? 199 PHE B CD1 1 
ATOM   1512 C  CD2 . PHE B 1 99 ? -8.715  -13.706 3.134   1.00 30.03 ? 199 PHE B CD2 1 
ATOM   1513 C  CE1 . PHE B 1 99 ? -6.351  -12.884 1.945   1.00 30.18 ? 199 PHE B CE1 1 
ATOM   1514 C  CE2 . PHE B 1 99 ? -8.533  -13.870 1.762   1.00 30.51 ? 199 PHE B CE2 1 
ATOM   1515 C  CZ  . PHE B 1 99 ? -7.349  -13.456 1.168   1.00 30.29 ? 199 PHE B CZ  1 
ATOM   1516 O  OXT . PHE B 1 99 ? -7.288  -16.195 5.419   1.00 28.66 ? 199 PHE B OXT 1 
HETATM 1517 C  C01 . MSC C 2 .  ? 0.938   3.138   -2.596  1.00 22.40 ? 501 MSC B C01 1 
HETATM 1518 O  O02 . MSC C 2 .  ? 2.115   2.771   -1.830  1.00 22.36 ? 501 MSC B O02 1 
HETATM 1519 C  C03 . MSC C 2 .  ? 0.845   2.322   -3.865  1.00 22.06 ? 501 MSC B C03 1 
HETATM 1520 O  O04 . MSC C 2 .  ? -0.348  2.669   -4.615  1.00 23.36 ? 501 MSC B O04 1 
HETATM 1521 C  C05 . MSC C 2 .  ? -0.920  1.532   -5.303  1.00 24.59 ? 501 MSC B C05 1 
HETATM 1522 C  C06 . MSC C 2 .  ? -0.145  1.102   -6.544  1.00 24.90 ? 501 MSC B C06 1 
HETATM 1523 C  C07 . MSC C 2 .  ? 0.042   2.032   -7.645  1.00 25.53 ? 501 MSC B C07 1 
HETATM 1524 C  C08 . MSC C 2 .  ? 0.864   1.658   -8.770  1.00 25.58 ? 501 MSC B C08 1 
HETATM 1525 C  C09 . MSC C 2 .  ? 1.491   0.362   -8.802  1.00 25.31 ? 501 MSC B C09 1 
HETATM 1526 C  C10 . MSC C 2 .  ? 1.297   -0.568  -7.718  1.00 25.51 ? 501 MSC B C10 1 
HETATM 1527 C  C11 . MSC C 2 .  ? 0.482   -0.201  -6.593  1.00 25.15 ? 501 MSC B C11 1 
HETATM 1528 C  C12 . MSC C 2 .  ? 2.062   2.709   -4.661  1.00 21.36 ? 501 MSC B C12 1 
HETATM 1529 O  O13 . MSC C 2 .  ? 2.195   3.864   -5.075  1.00 21.37 ? 501 MSC B O13 1 
HETATM 1530 N  N14 . MSC C 2 .  ? 3.008   1.732   -4.931  1.00 20.76 ? 501 MSC B N14 1 
HETATM 1531 C  C15 . MSC C 2 .  ? 4.209   2.002   -5.702  1.00 20.21 ? 501 MSC B C15 1 
HETATM 1532 C  C16 . MSC C 2 .  ? 5.426   2.277   -4.849  1.00 20.20 ? 501 MSC B C16 1 
HETATM 1533 C  C17 . MSC C 2 .  ? 5.529   2.942   -3.575  1.00 19.67 ? 501 MSC B C17 1 
HETATM 1534 C  C18 . MSC C 2 .  ? 6.825   3.079   -2.949  1.00 21.16 ? 501 MSC B C18 1 
HETATM 1535 C  C19 . MSC C 2 .  ? 7.998   2.544   -3.595  1.00 21.15 ? 501 MSC B C19 1 
HETATM 1536 C  C20 . MSC C 2 .  ? 7.902   1.870   -4.863  1.00 20.25 ? 501 MSC B C20 1 
HETATM 1537 C  C21 . MSC C 2 .  ? 6.609   1.744   -5.476  1.00 20.93 ? 501 MSC B C21 1 
HETATM 1538 C  C22 . MSC C 2 .  ? 6.255   1.078   -6.767  1.00 20.13 ? 501 MSC B C22 1 
HETATM 1539 C  C23 . MSC C 2 .  ? 4.736   0.849   -6.582  1.00 20.53 ? 501 MSC B C23 1 
HETATM 1540 O  O24 . MSC C 2 .  ? 4.493   -0.384  -5.902  1.00 19.65 ? 501 MSC B O24 1 
HETATM 1541 C  C31 . MSC C 2 .  ? -0.285  3.010   -1.701  1.00 22.99 ? 501 MSC B C31 1 
HETATM 1542 O  O32 . MSC C 2 .  ? -0.170  1.743   -0.995  1.00 22.77 ? 501 MSC B O32 1 
HETATM 1543 C  C33 . MSC C 2 .  ? -0.448  4.156   -0.702  1.00 22.78 ? 501 MSC B C33 1 
HETATM 1544 O  O34 . MSC C 2 .  ? 0.837   4.705   -0.324  1.00 23.57 ? 501 MSC B O34 1 
HETATM 1545 C  C35 . MSC C 2 .  ? 0.881   5.158   1.045   1.00 24.61 ? 501 MSC B C35 1 
HETATM 1546 C  C36 . MSC C 2 .  ? 0.375   6.574   1.231   1.00 24.88 ? 501 MSC B C36 1 
HETATM 1547 C  C37 . MSC C 2 .  ? -0.549  6.879   2.302   1.00 25.80 ? 501 MSC B C37 1 
HETATM 1548 C  C38 . MSC C 2 .  ? -1.100  8.202   2.416   1.00 26.02 ? 501 MSC B C38 1 
HETATM 1549 C  C39 . MSC C 2 .  ? -0.726  9.220   1.473   1.00 26.21 ? 501 MSC B C39 1 
HETATM 1550 C  C40 . MSC C 2 .  ? 0.200   8.928   0.413   1.00 25.93 ? 501 MSC B C40 1 
HETATM 1551 C  C41 . MSC C 2 .  ? 0.755   7.612   0.286   1.00 25.61 ? 501 MSC B C41 1 
HETATM 1552 C  C42 . MSC C 2 .  ? -1.290  5.232   -1.372  1.00 22.67 ? 501 MSC B C42 1 
HETATM 1553 O  O43 . MSC C 2 .  ? -0.946  5.736   -2.443  1.00 22.25 ? 501 MSC B O43 1 
HETATM 1554 N  N44 . MSC C 2 .  ? -2.416  5.689   -0.716  1.00 23.06 ? 501 MSC B N44 1 
HETATM 1555 C  C45 . MSC C 2 .  ? -3.279  6.719   -1.281  1.00 25.36 ? 501 MSC B C45 1 
HETATM 1556 C  C46 . MSC C 2 .  ? -4.715  6.614   -1.092  1.00 27.39 ? 501 MSC B C46 1 
HETATM 1557 C  C47 . MSC C 2 .  ? -5.412  7.531   -0.217  1.00 27.90 ? 501 MSC B C47 1 
HETATM 1558 C  C48 . MSC C 2 .  ? -6.839  7.388   -0.013  1.00 28.82 ? 501 MSC B C48 1 
HETATM 1559 C  C49 . MSC C 2 .  ? -7.565  6.337   -0.677  1.00 28.68 ? 501 MSC B C49 1 
HETATM 1560 C  C50 . MSC C 2 .  ? -6.879  5.423   -1.547  1.00 28.66 ? 501 MSC B C50 1 
HETATM 1561 C  C51 . MSC C 2 .  ? -5.451  5.565   -1.753  1.00 28.83 ? 501 MSC B C51 1 
HETATM 1562 CL CL  . MSC C 2 .  ? -4.469  4.281   -2.987  1.00 32.08 ? 501 MSC B CL  1 
HETATM 1563 F  F   . MSC C 2 .  ? -4.744  8.490   0.418   1.00 28.57 ? 501 MSC B F   1 
HETATM 1564 O  O   . HOH D 3 .  ? -3.898  5.741   1.785   1.00 18.46 ? 301 HOH A O   1 
HETATM 1565 O  O   . HOH D 3 .  ? -3.347  2.679   5.113   1.00 22.69 ? 303 HOH A O   1 
HETATM 1566 O  O   . HOH D 3 .  ? -16.191 1.796   3.368   1.00 20.57 ? 306 HOH A O   1 
HETATM 1567 O  O   . HOH D 3 .  ? -7.999  -5.945  9.809   1.00 22.48 ? 307 HOH A O   1 
HETATM 1568 O  O   . HOH D 3 .  ? -18.811 -6.274  4.789   1.00 23.08 ? 310 HOH A O   1 
HETATM 1569 O  O   . HOH D 3 .  ? -10.442 -7.310  10.317  1.00 24.48 ? 314 HOH A O   1 
HETATM 1570 O  O   . HOH D 3 .  ? -3.402  11.203  0.635   1.00 31.52 ? 318 HOH A O   1 
HETATM 1571 O  O   . HOH D 3 .  ? -6.357  -12.702 9.864   1.00 31.29 ? 319 HOH A O   1 
HETATM 1572 O  O   . HOH D 3 .  ? -5.448  14.418  1.316   1.00 46.24 ? 320 HOH A O   1 
HETATM 1573 O  O   . HOH D 3 .  ? 4.896   -14.087 -2.681  1.00 33.69 ? 323 HOH A O   1 
HETATM 1574 O  O   . HOH D 3 .  ? -12.652 -0.510  7.684   1.00 27.51 ? 325 HOH A O   1 
HETATM 1575 O  O   . HOH D 3 .  ? 2.039   -11.970 -2.978  1.00 36.70 ? 326 HOH A O   1 
HETATM 1576 O  O   . HOH D 3 .  ? -7.252  12.805  -12.226 1.00 33.68 ? 327 HOH A O   1 
HETATM 1577 O  O   . HOH D 3 .  ? -9.042  3.956   -15.710 1.00 33.20 ? 333 HOH A O   1 
HETATM 1578 O  O   . HOH D 3 .  ? -18.010 -8.936  5.256   1.00 33.17 ? 334 HOH A O   1 
HETATM 1579 O  O   . HOH D 3 .  ? -20.058 2.496   1.753   1.00 39.96 ? 336 HOH A O   1 
HETATM 1580 O  O   . HOH D 3 .  ? -10.163 2.835   5.809   1.00 31.63 ? 337 HOH A O   1 
HETATM 1581 O  O   . HOH D 3 .  ? -10.344 0.602   7.594   1.00 36.64 ? 338 HOH A O   1 
HETATM 1582 O  O   . HOH D 3 .  ? -5.071  -4.319  -11.381 1.00 35.13 ? 342 HOH A O   1 
HETATM 1583 O  O   . HOH D 3 .  ? -23.058 -3.727  -5.298  1.00 37.95 ? 344 HOH A O   1 
HETATM 1584 O  O   . HOH D 3 .  ? 5.226   -8.958  -8.309  1.00 36.46 ? 351 HOH A O   1 
HETATM 1585 O  O   . HOH D 3 .  ? -18.356 7.457   2.532   1.00 50.90 ? 352 HOH A O   1 
HETATM 1586 O  O   . HOH D 3 .  ? -8.075  -14.805 -5.918  1.00 46.28 ? 357 HOH A O   1 
HETATM 1587 O  O   . HOH D 3 .  ? -18.514 -13.582 3.410   1.00 56.13 ? 358 HOH A O   1 
HETATM 1588 O  O   . HOH D 3 .  ? -7.922  8.815   3.108   1.00 41.88 ? 361 HOH A O   1 
HETATM 1589 O  O   . HOH D 3 .  ? -10.267 7.835   0.531   1.00 39.38 ? 363 HOH A O   1 
HETATM 1590 O  O   . HOH D 3 .  ? -5.837  11.700  -0.190  1.00 35.78 ? 364 HOH A O   1 
HETATM 1591 O  O   . HOH D 3 .  ? -1.615  16.458  -7.899  1.00 41.72 ? 367 HOH A O   1 
HETATM 1592 O  O   . HOH D 3 .  ? -20.795 -5.483  -7.177  1.00 36.69 ? 369 HOH A O   1 
HETATM 1593 O  O   . HOH D 3 .  ? -13.187 3.179   -1.006  1.00 48.15 ? 371 HOH A O   1 
HETATM 1594 O  O   . HOH D 3 .  ? -14.606 0.737   9.454   1.00 45.17 ? 376 HOH A O   1 
HETATM 1595 O  O   . HOH D 3 .  ? -17.435 16.253  -3.100  1.00 40.61 ? 377 HOH A O   1 
HETATM 1596 O  O   . HOH D 3 .  ? -14.512 4.117   3.278   1.00 40.98 ? 380 HOH A O   1 
HETATM 1597 O  O   . HOH D 3 .  ? -14.783 -11.864 8.168   1.00 36.68 ? 381 HOH A O   1 
HETATM 1598 O  O   . HOH D 3 .  ? -17.697 -0.982  -16.776 1.00 42.71 ? 382 HOH A O   1 
HETATM 1599 O  O   . HOH D 3 .  ? 8.728   -8.394  -6.413  1.00 42.57 ? 384 HOH A O   1 
HETATM 1600 O  O   . HOH D 3 .  ? -23.048 5.504   -4.113  1.00 41.77 ? 388 HOH A O   1 
HETATM 1601 O  O   . HOH D 3 .  ? -6.512  3.142   -15.215 1.00 43.91 ? 391 HOH A O   1 
HETATM 1602 O  O   . HOH D 3 .  ? 0.444   -5.650  -10.558 1.00 43.53 ? 392 HOH A O   1 
HETATM 1603 O  O   . HOH E 3 .  ? 16.213  -4.534  -0.305  1.00 19.17 ? 302 HOH B O   1 
HETATM 1604 O  O   . HOH E 3 .  ? 0.552   6.050   -4.664  1.00 18.99 ? 304 HOH B O   1 
HETATM 1605 O  O   . HOH E 3 .  ? 3.232   -4.521  -3.889  1.00 20.94 ? 305 HOH B O   1 
HETATM 1606 O  O   . HOH E 3 .  ? -10.919 -7.587  13.592  1.00 23.66 ? 308 HOH B O   1 
HETATM 1607 O  O   . HOH E 3 .  ? 20.529  -3.017  -0.429  1.00 26.90 ? 309 HOH B O   1 
HETATM 1608 O  O   . HOH E 3 .  ? -6.322  -1.429  13.432  1.00 26.19 ? 311 HOH B O   1 
HETATM 1609 O  O   . HOH E 3 .  ? 21.476  -6.386  2.791   1.00 24.60 ? 312 HOH B O   1 
HETATM 1610 O  O   . HOH E 3 .  ? 13.447  0.090   -1.409  1.00 23.89 ? 313 HOH B O   1 
HETATM 1611 O  O   . HOH E 3 .  ? 6.357   -12.371 3.020   1.00 26.86 ? 315 HOH B O   1 
HETATM 1612 O  O   . HOH E 3 .  ? 20.596  3.201   10.116  1.00 27.91 ? 316 HOH B O   1 
HETATM 1613 O  O   . HOH E 3 .  ? -5.807  5.582   10.626  1.00 27.01 ? 317 HOH B O   1 
HETATM 1614 O  O   . HOH E 3 .  ? 5.301   8.677   7.947   1.00 30.69 ? 321 HOH B O   1 
HETATM 1615 O  O   . HOH E 3 .  ? -3.281  -0.836  11.963  1.00 28.65 ? 322 HOH B O   1 
HETATM 1616 O  O   . HOH E 3 .  ? 10.529  14.712  1.933   1.00 32.25 ? 324 HOH B O   1 
HETATM 1617 O  O   . HOH E 3 .  ? 22.840  3.076   -4.444  1.00 33.87 ? 328 HOH B O   1 
HETATM 1618 O  O   . HOH E 3 .  ? -0.171  8.198   8.370   1.00 37.24 ? 329 HOH B O   1 
HETATM 1619 O  O   . HOH E 3 .  ? 6.142   0.178   16.488  1.00 34.72 ? 330 HOH B O   1 
HETATM 1620 O  O   . HOH E 3 .  ? 20.138  7.833   19.017  1.00 36.64 ? 331 HOH B O   1 
HETATM 1621 O  O   . HOH E 3 .  ? 10.042  -5.741  -3.751  1.00 30.64 ? 332 HOH B O   1 
HETATM 1622 O  O   . HOH E 3 .  ? 26.133  5.950   -7.451  1.00 33.56 ? 335 HOH B O   1 
HETATM 1623 O  O   . HOH E 3 .  ? 23.210  1.971   7.453   1.00 36.83 ? 339 HOH B O   1 
HETATM 1624 O  O   . HOH E 3 .  ? 14.617  9.853   17.749  1.00 34.99 ? 340 HOH B O   1 
HETATM 1625 O  O   . HOH E 3 .  ? 12.347  10.087  6.582   1.00 28.61 ? 341 HOH B O   1 
HETATM 1626 O  O   . HOH E 3 .  ? 8.030   14.455  1.790   1.00 35.60 ? 343 HOH B O   1 
HETATM 1627 O  O   . HOH E 3 .  ? 4.128   -14.133 9.037   1.00 33.01 ? 345 HOH B O   1 
HETATM 1628 O  O   . HOH E 3 .  ? 14.052  3.955   -12.402 1.00 33.08 ? 346 HOH B O   1 
HETATM 1629 O  O   . HOH E 3 .  ? 5.855   12.026  8.512   1.00 56.19 ? 347 HOH B O   1 
HETATM 1630 O  O   . HOH E 3 .  ? 19.987  3.426   13.715  1.00 36.56 ? 348 HOH B O   1 
HETATM 1631 O  O   . HOH E 3 .  ? 7.419   2.110   -10.098 1.00 35.86 ? 349 HOH B O   1 
HETATM 1632 O  O   . HOH E 3 .  ? -3.691  -4.099  15.335  1.00 39.69 ? 350 HOH B O   1 
HETATM 1633 O  O   . HOH E 3 .  ? 2.035   5.502   -11.955 1.00 34.46 ? 353 HOH B O   1 
HETATM 1634 O  O   . HOH E 3 .  ? -0.689  2.384   14.907  1.00 50.17 ? 354 HOH B O   1 
HETATM 1635 O  O   . HOH E 3 .  ? 24.062  3.286   -1.148  1.00 38.56 ? 355 HOH B O   1 
HETATM 1636 O  O   . HOH E 3 .  ? -9.172  4.250   9.120   1.00 42.86 ? 356 HOH B O   1 
HETATM 1637 O  O   . HOH E 3 .  ? 9.025   -12.142 11.950  1.00 40.57 ? 359 HOH B O   1 
HETATM 1638 O  O   . HOH E 3 .  ? 4.722   12.300  -4.019  1.00 37.81 ? 360 HOH B O   1 
HETATM 1639 O  O   . HOH E 3 .  ? 23.662  11.484  0.248   1.00 38.64 ? 362 HOH B O   1 
HETATM 1640 O  O   . HOH E 3 .  ? 4.625   1.504   -10.431 1.00 40.14 ? 365 HOH B O   1 
HETATM 1641 O  O   . HOH E 3 .  ? 12.018  -0.240  15.659  1.00 38.98 ? 366 HOH B O   1 
HETATM 1642 O  O   . HOH E 3 .  ? -2.554  4.121   13.099  1.00 36.99 ? 368 HOH B O   1 
HETATM 1643 O  O   . HOH E 3 .  ? 10.177  11.270  8.688   1.00 34.18 ? 370 HOH B O   1 
HETATM 1644 O  O   . HOH E 3 .  ? 12.348  -9.508  -0.946  1.00 41.07 ? 372 HOH B O   1 
HETATM 1645 O  O   . HOH E 3 .  ? 5.542   14.910  -3.905  1.00 45.93 ? 373 HOH B O   1 
HETATM 1646 O  O   . HOH E 3 .  ? 10.167  -8.383  -2.272  1.00 36.30 ? 374 HOH B O   1 
HETATM 1647 O  O   . HOH E 3 .  ? 16.756  10.449  -9.015  1.00 42.82 ? 375 HOH B O   1 
HETATM 1648 O  O   . HOH E 3 .  ? -4.718  -8.622  16.296  1.00 40.63 ? 378 HOH B O   1 
HETATM 1649 O  O   . HOH E 3 .  ? 8.738   -1.555  -8.696  1.00 44.86 ? 379 HOH B O   1 
HETATM 1650 O  O   . HOH E 3 .  ? 18.301  2.728   -9.629  1.00 45.48 ? 383 HOH B O   1 
HETATM 1651 O  O   . HOH E 3 .  ? 15.414  -7.182  0.618   1.00 37.06 ? 385 HOH B O   1 
HETATM 1652 O  O   . HOH E 3 .  ? 8.059   10.311  11.450  1.00 35.74 ? 386 HOH B O   1 
HETATM 1653 O  O   . HOH E 3 .  ? 2.475   9.116   8.973   1.00 41.42 ? 387 HOH B O   1 
HETATM 1654 O  O   . HOH E 3 .  ? 4.193   11.462  -13.483 1.00 42.32 ? 389 HOH B O   1 
HETATM 1655 O  O   . HOH E 3 .  ? 15.164  -0.303  -5.786  1.00 42.42 ? 390 HOH B O   1 
# 
